data_8BC9
#
_entry.id   8BC9
#
_cell.length_a   99.834
_cell.length_b   119.219
_cell.length_c   188.266
_cell.angle_alpha   90.000
_cell.angle_beta   90.000
_cell.angle_gamma   90.000
#
_symmetry.space_group_name_H-M   'P 21 21 21'
#
loop_
_entity.id
_entity.type
_entity.pdbx_description
1 polymer 'U5 small nuclear ribonucleoprotein 200 kDa helicase'
2 polymer 'Pre-mRNA-processing-splicing factor 8'
3 non-polymer N-hydroxybenzenesulfonamide
4 non-polymer 1,2-ETHANEDIOL
5 water water
#
loop_
_entity_poly.entity_id
_entity_poly.type
_entity_poly.pdbx_seq_one_letter_code
_entity_poly.pdbx_strand_id
1 'polypeptide(L)'
;GAEFMDLDQGGEALAPRQVLDLEDLVFTQGSHFMANKRCQLPDGSFRRQRKGYEEVHVPALKPKPFGSEEQLLPVEKLPK
YAQAGFEGFKTLNRIQSKLYRAALETDENLLLCAPTGAGKTNVALMCMLREIGKHINMDGTINVDDFKIIYIAPMRSLVQ
EMVGSFGKRLATYGITVAELTGDHQLCKEEISATQIIVCTPEKWDIITRKGGERTYTQLVRLIILDEIHLLHDDRGPVLE
ALVARAIRNIEMTQEDVRLIGLSATLPNYEDVATFLRVDPAKGLFYFDNSFRPVPLEQTYVGITEKKAIKRFQIMNEIVY
EKIMEHAGKNQVLVFVHSRKETGKTARAIRDMCLEKDTLGLFLREGSASTEVLRTEAEQCKNLELKDLLPYGFAIHHAGM
TRVDRTLVEDLFADKHIQVLVSTATLAWGVNLPAHTVIIKGTQVYSPEKGRWTELGALDILQMLGRAGRPQYDTKGEGIL
ITSHGELQYYLSLLNQQLPIESQMVSKLPDMLNAEIVLGNVQNAKDAVNWLGYAYLYIRMLRSPTLYGISHDDLKGDPLL
DQRRLDLVHTAALMLDKNNLVKYDKKTGNFQVTELGRIASHYYITNDTVQTYNQLLKPTLSEIELFRVFSLSSEFKNITV
REEEKLELQKLLERVPIPVKESIEEPSAKINVLLQAFISQLKLEGFALMADMVYVTQSAGRLMRAIFEIVLNRGWAQLTD
KTLNLCKMIDKRMWQSMCPLRQFRKLPEEVVKKIEKKNFPFERLYDLNHNEIGELIRMPKMGKTIHKYVHLFPKLELSVH
LQPITRSTLKVELTITPDFQWDEKVHGSSEAFWILVEDVDSEVILHHEYFLLKAKYAQDEHLITFFVPVFEPLPPQYFIR
VVSDRWLSCETQLPVSFRHLILPEKYPPPTELLDLQPLPVSALRNSAFESLYQDKFPFFNPIQTQVFNTVYNSDDNVFVG
APTGSGKTICAEFAILRMLLQSSEGRCVYITPMEALAEQVYMDWYEKFQDRLNKKVVLLTGETSTDLKLLGKGNIIISTP
EKWDILSRRWKQRKNVQNINLFVVDEVHLIGGENGPVLEVICSRMRYISSQIERPIRIVALSSSLSNAKDVAHWLGCSAT
STFNFHPNVRPVPLELHIQGFNISHTQTRLLSMAKPVYHAITKHSPKKPVIVFVPSRKQTRLTAIDILTTCAADIQRQRF
LHCTEKDLIPYLEKLSDSTLKETLLNGVGYLHEGLSPMERRLVEQLFSSGAIQVVVASRSLCWGMNVAAHLVIIMDTQYY
NGKIHAYVDYPIYDVLQMVGHANRPLQDDEGRCVIMCQGSKKDFFKKFLYEPLPVESHLDHCMHDHFNAEIVTKTIENKQ
DAVDYLTWTFLYRRMTQNPNYYNLQGISHRHLSDHLSELVEQTLSDLEQSKCISIEDEMDVAPLNLGMIAAYYYINYTTI
ELFSMSLNAKTKVRGLIEIISNAAEYENIPIRHHEDNLLRQLAQKVPHKLNNPKFNDPHVKTNLLLQAHLSRMQLSAELQ
SDTEEILSKAIRLIQACVDVLSSNGWLSPALAAMELAQMVTQAMWSKDSYLKQLPHFTSEHIKRCTDKGVESVFDIMEME
DEERNALLQLTDSQIADVARFCNRYPNIELSYEVVDKDSIRSGGPVVVLVQLEREEEVTGPVIAPLFPQKREEGWWVVIG
DAKSNSLISIKRLTLQQKAKVKLDFVAPATGAHNYTLYFMSDAYMGCDQEYKFSVDVKEAETDSDSD
;
B
2 'polypeptide(L)'
;GPLGSMTQTFSSKTEWRVRAISAANLHLRTNHIYVSSDDIKETGYTYILPKNVLKKFICISDLRAQIAGYLYGVSPPDNP
QVKEIRCIVMVPQWGTHQTVHLPGQLPQHEYLKEMEPLGWIHTQPNESPQLSPQDVTTHAKIMADNPSWDGEKTIIITCS
FTPGSCTLTAYKLTPSGYEWGRQNTDKGNNPKGYLPSHYERVQMLLSDRFLGFFMVPAQSSWNYNFMGVRHDPNMKYELQ
LANPKEFYHEVHRPSHFLNFALL
;
J
#
# COMPACT_ATOMS: atom_id res chain seq x y z
N ALA A 15 13.22 34.24 -22.77
CA ALA A 15 14.05 34.83 -21.71
C ALA A 15 13.44 36.12 -21.11
N PRO A 16 12.98 37.07 -21.94
CA PRO A 16 12.37 38.27 -21.28
C PRO A 16 10.93 37.98 -20.81
N ARG A 17 10.85 37.23 -19.72
CA ARG A 17 9.56 36.91 -19.13
C ARG A 17 8.93 38.14 -18.49
N GLN A 18 7.77 37.93 -17.89
CA GLN A 18 7.02 39.03 -17.31
C GLN A 18 6.10 38.41 -16.25
N VAL A 19 6.06 39.02 -15.07
CA VAL A 19 5.30 38.48 -13.95
C VAL A 19 3.94 39.16 -13.97
N LEU A 20 2.89 38.36 -14.05
CA LEU A 20 1.54 38.90 -14.14
C LEU A 20 0.90 38.95 -12.75
N ASP A 21 -0.17 39.74 -12.64
CA ASP A 21 -1.08 39.69 -11.48
C ASP A 21 -2.29 38.84 -11.89
N LEU A 22 -2.32 37.60 -11.42
CA LEU A 22 -3.42 36.71 -11.77
C LEU A 22 -4.76 37.21 -11.21
N GLU A 23 -4.75 37.82 -10.01
CA GLU A 23 -5.99 38.35 -9.45
C GLU A 23 -6.62 39.39 -10.37
N ASP A 24 -5.80 40.14 -11.10
CA ASP A 24 -6.35 41.13 -12.02
C ASP A 24 -6.98 40.48 -13.26
N LEU A 25 -6.66 39.23 -13.57
CA LEU A 25 -7.25 38.62 -14.76
C LEU A 25 -8.53 37.84 -14.45
N VAL A 26 -8.82 37.59 -13.17
CA VAL A 26 -9.94 36.75 -12.76
C VAL A 26 -11.27 37.42 -13.08
N PHE A 27 -12.25 36.62 -13.53
CA PHE A 27 -13.65 37.03 -13.55
C PHE A 27 -14.21 36.85 -12.14
N THR A 28 -14.38 37.95 -11.41
CA THR A 28 -14.70 37.83 -9.98
C THR A 28 -16.06 37.18 -9.75
N GLN A 29 -17.02 37.37 -10.66
CA GLN A 29 -18.38 36.90 -10.46
C GLN A 29 -18.60 35.44 -10.83
N GLY A 30 -17.54 34.66 -11.12
CA GLY A 30 -17.69 33.26 -11.47
C GLY A 30 -18.77 33.02 -12.51
N SER A 31 -19.70 32.12 -12.20
CA SER A 31 -20.73 31.82 -13.18
C SER A 31 -21.66 33.00 -13.42
N HIS A 32 -21.62 34.03 -12.59
CA HIS A 32 -22.47 35.19 -12.84
C HIS A 32 -21.82 36.20 -13.78
N PHE A 33 -20.63 35.90 -14.28
CA PHE A 33 -19.98 36.80 -15.22
C PHE A 33 -20.71 36.77 -16.56
N MET A 34 -21.08 37.94 -17.04
CA MET A 34 -21.83 38.09 -18.27
C MET A 34 -20.94 38.74 -19.33
N ALA A 35 -20.44 37.93 -20.25
CA ALA A 35 -19.54 38.43 -21.30
C ALA A 35 -20.27 39.16 -22.42
N ASN A 36 -21.54 38.80 -22.70
CA ASN A 36 -22.29 39.42 -23.80
C ASN A 36 -22.80 40.81 -23.39
N LYS A 37 -22.54 41.82 -24.23
CA LYS A 37 -22.99 43.18 -23.93
C LYS A 37 -24.49 43.35 -24.15
N ARG A 38 -25.05 42.63 -25.10
CA ARG A 38 -26.43 42.86 -25.49
C ARG A 38 -27.19 41.55 -25.42
N CYS A 39 -28.50 41.67 -25.52
CA CYS A 39 -29.40 40.55 -25.32
C CYS A 39 -30.58 40.76 -26.24
N GLN A 40 -30.78 39.84 -27.18
CA GLN A 40 -31.88 39.88 -28.13
C GLN A 40 -33.00 38.94 -27.66
N LEU A 41 -34.16 39.51 -27.32
CA LEU A 41 -35.27 38.67 -26.88
C LEU A 41 -36.01 38.05 -28.07
N PRO A 42 -36.51 36.83 -27.91
CA PRO A 42 -37.28 36.20 -28.99
C PRO A 42 -38.50 37.02 -29.35
N ASP A 43 -39.00 36.82 -30.57
CA ASP A 43 -40.22 37.47 -31.03
C ASP A 43 -41.35 37.26 -30.03
N GLY A 44 -42.11 38.33 -29.79
CA GLY A 44 -43.28 38.25 -28.94
C GLY A 44 -43.03 38.53 -27.48
N SER A 45 -41.77 38.68 -27.07
CA SER A 45 -41.48 39.10 -25.71
C SER A 45 -42.03 40.50 -25.47
N PHE A 46 -42.42 40.78 -24.24
CA PHE A 46 -42.87 42.13 -23.93
C PHE A 46 -42.59 42.45 -22.47
N ARG A 47 -42.33 43.73 -22.21
CA ARG A 47 -42.04 44.26 -20.89
C ARG A 47 -43.29 44.95 -20.34
N ARG A 48 -43.49 44.85 -19.03
CA ARG A 48 -44.64 45.44 -18.36
C ARG A 48 -44.21 46.04 -17.03
N GLN A 49 -44.80 47.18 -16.68
CA GLN A 49 -44.40 47.92 -15.50
C GLN A 49 -45.37 47.71 -14.36
N ARG A 50 -44.83 47.69 -13.15
CA ARG A 50 -45.61 47.61 -11.92
C ARG A 50 -44.91 48.49 -10.89
N LYS A 51 -45.51 48.59 -9.71
CA LYS A 51 -45.00 49.46 -8.65
C LYS A 51 -43.82 48.78 -7.95
N GLY A 52 -42.61 49.26 -8.21
CA GLY A 52 -41.43 48.73 -7.58
C GLY A 52 -40.85 47.51 -8.25
N TYR A 53 -41.47 46.98 -9.30
CA TYR A 53 -40.88 45.90 -10.04
C TYR A 53 -41.34 45.95 -11.50
N GLU A 54 -40.62 45.21 -12.33
CA GLU A 54 -40.91 45.09 -13.75
C GLU A 54 -41.05 43.62 -14.09
N GLU A 55 -41.79 43.32 -15.17
CA GLU A 55 -41.96 41.95 -15.62
C GLU A 55 -41.57 41.87 -17.09
N VAL A 56 -40.79 40.86 -17.43
CA VAL A 56 -40.48 40.54 -18.82
C VAL A 56 -41.12 39.20 -19.11
N HIS A 57 -41.89 39.16 -20.18
CA HIS A 57 -42.58 37.93 -20.57
C HIS A 57 -41.99 37.45 -21.90
N VAL A 58 -41.68 36.15 -21.97
CA VAL A 58 -41.10 35.54 -23.16
C VAL A 58 -41.98 34.37 -23.54
N PRO A 59 -42.61 34.37 -24.71
CA PRO A 59 -43.59 33.32 -25.00
C PRO A 59 -42.89 32.00 -25.31
N ALA A 60 -43.65 30.91 -25.20
CA ALA A 60 -43.13 29.60 -25.56
C ALA A 60 -42.75 29.54 -27.04
N LEU A 61 -41.64 28.88 -27.33
CA LEU A 61 -41.19 28.75 -28.70
C LEU A 61 -41.99 27.69 -29.42
N LYS A 62 -41.87 27.67 -30.73
CA LYS A 62 -42.55 26.60 -31.41
C LYS A 62 -41.55 25.59 -31.96
N PRO A 63 -41.85 24.29 -31.83
CA PRO A 63 -40.91 23.26 -32.29
C PRO A 63 -40.52 23.48 -33.75
N LYS A 64 -39.28 23.14 -34.06
CA LYS A 64 -38.75 23.30 -35.40
C LYS A 64 -39.56 22.44 -36.38
N PRO A 65 -39.78 22.90 -37.61
CA PRO A 65 -40.31 21.99 -38.63
C PRO A 65 -39.36 20.83 -38.83
N PHE A 66 -39.92 19.64 -39.05
CA PHE A 66 -39.10 18.45 -39.24
C PHE A 66 -38.15 18.63 -40.42
N GLY A 67 -36.90 18.22 -40.23
CA GLY A 67 -35.80 18.61 -41.09
C GLY A 67 -35.71 17.89 -42.42
N SER A 68 -34.46 17.73 -42.87
CA SER A 68 -34.19 17.23 -44.21
C SER A 68 -34.68 15.80 -44.39
N GLU A 69 -34.06 14.85 -43.69
CA GLU A 69 -34.50 13.46 -43.72
C GLU A 69 -34.50 12.95 -42.27
N GLU A 70 -35.50 13.41 -41.51
CA GLU A 70 -35.64 13.09 -40.10
C GLU A 70 -36.78 12.10 -39.91
N GLN A 71 -36.52 11.04 -39.16
CA GLN A 71 -37.53 10.07 -38.73
C GLN A 71 -37.07 9.49 -37.40
N LEU A 72 -38.02 9.24 -36.50
CA LEU A 72 -37.68 8.72 -35.17
C LEU A 72 -37.24 7.27 -35.29
N LEU A 73 -35.94 7.02 -35.11
CA LEU A 73 -35.39 5.68 -35.25
C LEU A 73 -36.08 4.70 -34.30
N PRO A 74 -36.74 3.66 -34.82
CA PRO A 74 -37.23 2.61 -33.93
C PRO A 74 -36.07 1.86 -33.30
N VAL A 75 -36.28 1.41 -32.06
CA VAL A 75 -35.25 0.65 -31.34
C VAL A 75 -34.88 -0.62 -32.11
N GLU A 76 -35.70 -1.04 -33.06
CA GLU A 76 -35.43 -2.27 -33.81
C GLU A 76 -34.28 -2.10 -34.79
N LYS A 77 -34.08 -0.88 -35.31
CA LYS A 77 -32.98 -0.64 -36.24
C LYS A 77 -31.63 -0.45 -35.52
N LEU A 78 -31.62 -0.29 -34.20
CA LEU A 78 -30.36 -0.20 -33.48
C LEU A 78 -29.55 -1.50 -33.65
N PRO A 79 -28.23 -1.41 -33.50
CA PRO A 79 -27.43 -2.64 -33.38
C PRO A 79 -28.00 -3.58 -32.31
N LYS A 80 -27.97 -4.88 -32.60
CA LYS A 80 -28.72 -5.83 -31.78
C LYS A 80 -28.21 -5.88 -30.34
N TYR A 81 -26.89 -5.75 -30.16
CA TYR A 81 -26.35 -5.77 -28.80
C TYR A 81 -26.81 -4.57 -27.98
N ALA A 82 -27.27 -3.51 -28.63
CA ALA A 82 -27.68 -2.30 -27.94
C ALA A 82 -29.17 -2.27 -27.65
N GLN A 83 -29.95 -3.18 -28.22
CA GLN A 83 -31.39 -3.13 -28.05
C GLN A 83 -31.78 -3.32 -26.60
N ALA A 84 -31.05 -4.18 -25.89
CA ALA A 84 -31.37 -4.47 -24.49
C ALA A 84 -31.31 -3.21 -23.61
N GLY A 85 -30.33 -2.34 -23.83
CA GLY A 85 -30.26 -1.10 -23.09
C GLY A 85 -31.43 -0.16 -23.33
N PHE A 86 -32.24 -0.42 -24.36
CA PHE A 86 -33.43 0.36 -24.67
C PHE A 86 -34.69 -0.49 -24.56
N GLU A 87 -34.65 -1.44 -23.63
CA GLU A 87 -35.77 -2.34 -23.39
C GLU A 87 -36.93 -1.55 -22.80
N GLY A 88 -38.09 -1.66 -23.45
CA GLY A 88 -39.25 -0.92 -23.02
C GLY A 88 -39.46 0.41 -23.68
N PHE A 89 -38.76 0.70 -24.77
CA PHE A 89 -39.04 1.91 -25.54
C PHE A 89 -39.35 1.54 -26.99
N LYS A 90 -40.21 2.34 -27.60
CA LYS A 90 -40.61 2.05 -28.97
C LYS A 90 -39.59 2.61 -29.94
N THR A 91 -39.35 3.91 -29.88
CA THR A 91 -38.35 4.57 -30.72
C THR A 91 -37.58 5.58 -29.88
N LEU A 92 -36.44 6.01 -30.40
CA LEU A 92 -35.68 7.12 -29.84
C LEU A 92 -36.36 8.44 -30.20
N ASN A 93 -36.05 9.50 -29.45
CA ASN A 93 -36.65 10.79 -29.75
C ASN A 93 -35.84 11.49 -30.83
N ARG A 94 -36.13 12.77 -31.05
CA ARG A 94 -35.51 13.48 -32.17
C ARG A 94 -34.01 13.62 -31.96
N ILE A 95 -33.60 13.99 -30.74
CA ILE A 95 -32.18 14.15 -30.43
C ILE A 95 -31.47 12.82 -30.62
N GLN A 96 -31.95 11.78 -29.95
CA GLN A 96 -31.26 10.50 -29.98
C GLN A 96 -31.22 9.94 -31.39
N SER A 97 -32.25 10.23 -32.20
CA SER A 97 -32.24 9.73 -33.57
C SER A 97 -31.21 10.46 -34.41
N LYS A 98 -31.09 11.78 -34.23
CA LYS A 98 -29.99 12.51 -34.86
C LYS A 98 -28.62 12.03 -34.38
N LEU A 99 -28.54 11.48 -33.18
CA LEU A 99 -27.25 11.24 -32.56
C LEU A 99 -26.77 9.78 -32.59
N TYR A 100 -27.66 8.83 -32.91
CA TYR A 100 -27.35 7.43 -32.61
C TYR A 100 -26.22 6.89 -33.47
N ARG A 101 -26.13 7.32 -34.73
CA ARG A 101 -25.04 6.86 -35.59
C ARG A 101 -23.69 7.31 -35.04
N ALA A 102 -23.53 8.62 -34.78
CA ALA A 102 -22.28 9.10 -34.17
C ALA A 102 -22.01 8.44 -32.82
N ALA A 103 -23.06 8.18 -32.03
CA ALA A 103 -22.83 7.68 -30.67
C ALA A 103 -22.49 6.19 -30.67
N LEU A 104 -23.24 5.39 -31.42
CA LEU A 104 -23.17 3.93 -31.39
C LEU A 104 -22.28 3.34 -32.47
N GLU A 105 -21.96 4.12 -33.51
CA GLU A 105 -21.26 3.62 -34.69
C GLU A 105 -19.88 4.21 -34.88
N THR A 106 -19.51 5.25 -34.13
CA THR A 106 -18.17 5.79 -34.17
C THR A 106 -17.63 5.93 -32.76
N ASP A 107 -16.31 6.11 -32.69
CA ASP A 107 -15.58 6.45 -31.49
C ASP A 107 -15.23 7.93 -31.45
N GLU A 108 -15.97 8.74 -32.18
CA GLU A 108 -15.69 10.16 -32.29
C GLU A 108 -16.02 10.85 -30.97
N ASN A 109 -15.08 11.66 -30.46
CA ASN A 109 -15.43 12.55 -29.37
C ASN A 109 -16.65 13.39 -29.76
N LEU A 110 -17.58 13.59 -28.81
CA LEU A 110 -18.82 14.29 -29.09
C LEU A 110 -19.03 15.51 -28.19
N LEU A 111 -19.70 16.53 -28.71
CA LEU A 111 -20.31 17.56 -27.87
C LEU A 111 -21.77 17.70 -28.25
N LEU A 112 -22.66 17.44 -27.29
CA LEU A 112 -24.09 17.63 -27.49
C LEU A 112 -24.59 18.81 -26.66
N CYS A 113 -25.07 19.85 -27.33
CA CYS A 113 -25.74 21.00 -26.70
C CYS A 113 -27.22 20.92 -26.98
N ALA A 114 -28.01 20.93 -25.92
CA ALA A 114 -29.44 20.80 -26.02
C ALA A 114 -30.03 21.40 -24.77
N PRO A 115 -31.31 21.79 -24.79
CA PRO A 115 -31.93 22.30 -23.57
C PRO A 115 -32.18 21.18 -22.59
N THR A 116 -32.26 21.55 -21.31
CA THR A 116 -32.42 20.58 -20.23
C THR A 116 -33.64 19.70 -20.44
N GLY A 117 -33.47 18.40 -20.23
CA GLY A 117 -34.54 17.45 -20.45
C GLY A 117 -34.72 16.97 -21.88
N ALA A 118 -33.87 17.40 -22.82
CA ALA A 118 -34.06 17.03 -24.22
C ALA A 118 -33.67 15.60 -24.54
N GLY A 119 -33.02 14.90 -23.62
CA GLY A 119 -32.58 13.55 -23.86
C GLY A 119 -31.09 13.31 -23.94
N LYS A 120 -30.26 14.23 -23.45
CA LYS A 120 -28.81 14.07 -23.56
C LYS A 120 -28.32 12.80 -22.89
N THR A 121 -28.93 12.43 -21.76
CA THR A 121 -28.38 11.30 -21.00
C THR A 121 -28.61 9.98 -21.73
N ASN A 122 -29.65 9.87 -22.58
CA ASN A 122 -29.79 8.65 -23.35
C ASN A 122 -28.79 8.57 -24.49
N VAL A 123 -28.36 9.73 -25.01
CA VAL A 123 -27.22 9.76 -25.92
C VAL A 123 -25.98 9.25 -25.21
N ALA A 124 -25.83 9.62 -23.94
CA ALA A 124 -24.67 9.16 -23.18
C ALA A 124 -24.74 7.64 -22.98
N LEU A 125 -25.95 7.13 -22.71
CA LEU A 125 -26.14 5.69 -22.60
C LEU A 125 -25.75 4.97 -23.90
N MET A 126 -26.10 5.55 -25.05
CA MET A 126 -25.68 4.96 -26.32
C MET A 126 -24.15 4.86 -26.43
N CYS A 127 -23.43 5.93 -26.05
CA CYS A 127 -21.96 5.87 -26.03
C CYS A 127 -21.47 4.80 -25.05
N MET A 128 -22.08 4.75 -23.87
CA MET A 128 -21.74 3.69 -22.92
C MET A 128 -21.94 2.31 -23.56
N LEU A 129 -23.05 2.10 -24.25
CA LEU A 129 -23.33 0.80 -24.86
C LEU A 129 -22.30 0.46 -25.94
N ARG A 130 -21.89 1.44 -26.76
CA ARG A 130 -20.81 1.16 -27.71
C ARG A 130 -19.55 0.66 -26.99
N GLU A 131 -19.15 1.36 -25.91
CA GLU A 131 -17.99 0.89 -25.16
C GLU A 131 -18.19 -0.54 -24.66
N ILE A 132 -19.38 -0.82 -24.11
CA ILE A 132 -19.66 -2.17 -23.60
C ILE A 132 -19.57 -3.20 -24.72
N GLY A 133 -20.09 -2.86 -25.89
CA GLY A 133 -20.06 -3.77 -27.01
C GLY A 133 -18.65 -4.16 -27.41
N LYS A 134 -17.68 -3.28 -27.14
CA LYS A 134 -16.30 -3.68 -27.38
C LYS A 134 -15.87 -4.91 -26.58
N HIS A 135 -16.63 -5.36 -25.58
CA HIS A 135 -16.11 -6.37 -24.68
C HIS A 135 -17.10 -7.52 -24.49
N ILE A 136 -17.69 -7.98 -25.59
CA ILE A 136 -18.67 -9.05 -25.57
C ILE A 136 -17.92 -10.37 -25.71
N ASN A 137 -17.92 -11.19 -24.66
CA ASN A 137 -17.31 -12.51 -24.76
C ASN A 137 -18.14 -13.40 -25.71
N MET A 138 -17.51 -14.49 -26.17
CA MET A 138 -18.23 -15.41 -27.05
C MET A 138 -19.34 -16.14 -26.32
N ASP A 139 -19.22 -16.28 -24.99
CA ASP A 139 -20.30 -16.82 -24.16
C ASP A 139 -21.41 -15.80 -23.89
N GLY A 140 -21.33 -14.61 -24.50
CA GLY A 140 -22.39 -13.62 -24.41
C GLY A 140 -22.31 -12.67 -23.24
N THR A 141 -21.46 -12.94 -22.25
CA THR A 141 -21.33 -12.03 -21.12
C THR A 141 -20.41 -10.86 -21.51
N ILE A 142 -19.98 -10.11 -20.51
CA ILE A 142 -19.13 -8.94 -20.70
C ILE A 142 -17.89 -9.11 -19.84
N ASN A 143 -16.73 -8.93 -20.45
CA ASN A 143 -15.46 -8.94 -19.73
C ASN A 143 -15.40 -7.67 -18.88
N VAL A 144 -16.15 -7.67 -17.79
CA VAL A 144 -16.33 -6.51 -16.91
C VAL A 144 -15.03 -6.16 -16.20
N ASP A 145 -13.91 -6.65 -16.72
CA ASP A 145 -12.61 -6.34 -16.17
C ASP A 145 -11.69 -5.71 -17.21
N ASP A 146 -12.16 -5.55 -18.44
CA ASP A 146 -11.35 -4.99 -19.52
C ASP A 146 -11.38 -3.47 -19.55
N PHE A 147 -12.36 -2.84 -18.91
CA PHE A 147 -12.65 -1.45 -19.19
C PHE A 147 -13.29 -0.79 -17.97
N LYS A 148 -13.21 0.54 -17.94
CA LYS A 148 -13.98 1.37 -17.02
C LYS A 148 -14.55 2.54 -17.80
N ILE A 149 -15.65 3.07 -17.29
CA ILE A 149 -16.32 4.23 -17.84
C ILE A 149 -16.53 5.23 -16.72
N ILE A 150 -16.12 6.48 -16.93
CA ILE A 150 -16.35 7.54 -15.94
C ILE A 150 -17.46 8.45 -16.44
N TYR A 151 -18.47 8.66 -15.59
CA TYR A 151 -19.54 9.61 -15.82
C TYR A 151 -19.38 10.69 -14.74
N ILE A 152 -18.99 11.88 -15.17
CA ILE A 152 -18.77 13.02 -14.28
C ILE A 152 -20.04 13.85 -14.27
N ALA A 153 -20.68 13.94 -13.11
CA ALA A 153 -21.87 14.76 -12.92
C ALA A 153 -21.58 15.82 -11.85
N PRO A 154 -22.12 17.04 -11.98
CA PRO A 154 -21.65 18.15 -11.15
C PRO A 154 -22.13 18.14 -9.70
N MET A 155 -23.31 17.58 -9.43
CA MET A 155 -23.92 17.59 -8.11
C MET A 155 -24.08 16.18 -7.57
N ARG A 156 -23.74 15.99 -6.29
CA ARG A 156 -23.85 14.68 -5.63
C ARG A 156 -25.23 14.05 -5.80
N SER A 157 -26.30 14.82 -5.57
CA SER A 157 -27.65 14.28 -5.73
C SER A 157 -27.89 13.74 -7.14
N LEU A 158 -27.38 14.45 -8.15
CA LEU A 158 -27.42 13.93 -9.52
C LEU A 158 -26.61 12.64 -9.63
N VAL A 159 -25.41 12.60 -9.04
CA VAL A 159 -24.59 11.39 -9.06
C VAL A 159 -25.41 10.19 -8.61
N GLN A 160 -26.12 10.33 -7.49
CA GLN A 160 -26.86 9.19 -6.94
C GLN A 160 -27.99 8.78 -7.87
N GLU A 161 -28.75 9.77 -8.34
CA GLU A 161 -29.81 9.45 -9.30
C GLU A 161 -29.26 8.72 -10.52
N MET A 162 -28.12 9.18 -11.07
CA MET A 162 -27.56 8.55 -12.26
C MET A 162 -27.14 7.11 -11.97
N VAL A 163 -26.53 6.87 -10.79
CA VAL A 163 -26.15 5.50 -10.43
C VAL A 163 -27.37 4.61 -10.49
N GLY A 164 -28.49 5.07 -9.93
CA GLY A 164 -29.73 4.30 -9.95
C GLY A 164 -30.26 4.01 -11.34
N SER A 165 -30.49 5.07 -12.13
CA SER A 165 -31.09 4.88 -13.44
C SER A 165 -30.17 4.12 -14.40
N PHE A 166 -28.86 4.44 -14.44
CA PHE A 166 -27.95 3.69 -15.29
C PHE A 166 -27.84 2.23 -14.84
N GLY A 167 -27.77 1.98 -13.52
CA GLY A 167 -27.79 0.62 -13.04
C GLY A 167 -28.97 -0.18 -13.59
N LYS A 168 -30.17 0.40 -13.51
CA LYS A 168 -31.35 -0.36 -13.97
C LYS A 168 -31.35 -0.51 -15.49
N ARG A 169 -30.83 0.46 -16.23
CA ARG A 169 -30.82 0.29 -17.67
C ARG A 169 -29.82 -0.78 -18.09
N LEU A 170 -28.76 -0.96 -17.32
CA LEU A 170 -27.68 -1.83 -17.74
C LEU A 170 -27.60 -3.14 -16.96
N ALA A 171 -28.53 -3.40 -16.05
CA ALA A 171 -28.49 -4.63 -15.28
C ALA A 171 -28.37 -5.84 -16.18
N THR A 172 -29.14 -5.87 -17.26
CA THR A 172 -29.20 -6.99 -18.19
C THR A 172 -27.86 -7.27 -18.87
N TYR A 173 -26.92 -6.35 -18.78
CA TYR A 173 -25.60 -6.59 -19.31
C TYR A 173 -24.66 -7.13 -18.24
N GLY A 174 -25.14 -7.30 -17.01
CA GLY A 174 -24.25 -7.66 -15.91
C GLY A 174 -23.28 -6.57 -15.52
N ILE A 175 -23.65 -5.31 -15.74
CA ILE A 175 -22.80 -4.15 -15.46
C ILE A 175 -23.06 -3.68 -14.04
N THR A 176 -22.00 -3.27 -13.35
CA THR A 176 -22.09 -2.62 -12.05
C THR A 176 -21.88 -1.11 -12.21
N VAL A 177 -22.87 -0.31 -11.81
CA VAL A 177 -22.72 1.14 -11.76
C VAL A 177 -22.61 1.57 -10.30
N ALA A 178 -21.64 2.42 -9.99
CA ALA A 178 -21.50 2.80 -8.59
C ALA A 178 -20.94 4.21 -8.44
N GLU A 179 -21.40 4.85 -7.37
CA GLU A 179 -20.82 6.08 -6.86
C GLU A 179 -19.51 5.77 -6.16
N LEU A 180 -18.63 6.75 -6.07
CA LEU A 180 -17.44 6.65 -5.24
C LEU A 180 -17.78 7.13 -3.84
N THR A 181 -17.82 6.20 -2.89
CA THR A 181 -18.36 6.43 -1.56
C THR A 181 -17.22 6.60 -0.56
N GLY A 182 -17.11 7.80 0.00
CA GLY A 182 -16.16 8.07 1.07
C GLY A 182 -14.70 8.07 0.63
N ASP A 183 -13.83 8.21 1.63
CA ASP A 183 -12.39 8.17 1.40
C ASP A 183 -11.93 6.75 1.12
N HIS A 184 -11.04 6.60 0.14
CA HIS A 184 -10.67 5.30 -0.40
C HIS A 184 -9.27 4.87 0.03
N GLN A 185 -8.80 5.33 1.19
CA GLN A 185 -7.57 4.80 1.75
C GLN A 185 -7.72 3.36 2.22
N LEU A 186 -8.96 2.85 2.23
CA LEU A 186 -9.24 1.43 2.44
C LEU A 186 -10.32 0.88 1.52
N CYS A 187 -11.04 1.74 0.76
CA CYS A 187 -12.25 1.34 0.06
C CYS A 187 -12.11 1.40 -1.47
N LYS A 188 -10.89 1.34 -2.00
CA LYS A 188 -10.72 1.32 -3.45
C LYS A 188 -11.13 0.00 -4.08
N GLU A 189 -11.33 -1.05 -3.28
CA GLU A 189 -11.55 -2.38 -3.83
C GLU A 189 -12.74 -2.41 -4.78
N GLU A 190 -13.81 -1.71 -4.44
CA GLU A 190 -15.02 -1.73 -5.27
C GLU A 190 -14.81 -1.05 -6.61
N ILE A 191 -13.82 -0.17 -6.73
CA ILE A 191 -13.45 0.33 -8.06
C ILE A 191 -13.17 -0.83 -9.01
N SER A 192 -12.60 -1.92 -8.50
CA SER A 192 -12.33 -3.08 -9.35
C SER A 192 -13.61 -3.76 -9.80
N ALA A 193 -14.69 -3.67 -9.02
CA ALA A 193 -15.93 -4.34 -9.37
C ALA A 193 -16.92 -3.44 -10.12
N THR A 194 -16.67 -2.13 -10.15
CA THR A 194 -17.52 -1.17 -10.84
C THR A 194 -17.01 -0.95 -12.25
N GLN A 195 -17.87 -1.15 -13.24
CA GLN A 195 -17.47 -0.80 -14.59
C GLN A 195 -17.80 0.64 -14.93
N ILE A 196 -18.77 1.24 -14.24
CA ILE A 196 -19.24 2.58 -14.54
C ILE A 196 -19.22 3.39 -13.25
N ILE A 197 -18.19 4.23 -13.10
CA ILE A 197 -18.01 5.08 -11.94
C ILE A 197 -18.73 6.40 -12.21
N VAL A 198 -19.66 6.76 -11.32
CA VAL A 198 -20.33 8.05 -11.41
C VAL A 198 -19.81 8.91 -10.27
N CYS A 199 -19.31 10.10 -10.61
CA CYS A 199 -18.73 10.93 -9.56
C CYS A 199 -18.66 12.39 -10.01
N THR A 200 -18.33 13.25 -9.07
CA THR A 200 -18.13 14.67 -9.34
C THR A 200 -16.79 14.90 -10.01
N PRO A 201 -16.67 16.04 -10.69
CA PRO A 201 -15.34 16.50 -11.15
C PRO A 201 -14.26 16.46 -10.08
N GLU A 202 -14.55 17.03 -8.90
CA GLU A 202 -13.52 17.09 -7.85
C GLU A 202 -13.07 15.68 -7.41
N LYS A 203 -14.01 14.73 -7.29
CA LYS A 203 -13.61 13.37 -6.89
C LYS A 203 -12.70 12.72 -7.93
N TRP A 204 -13.04 12.85 -9.22
CA TRP A 204 -12.16 12.29 -10.24
C TRP A 204 -10.81 13.03 -10.27
N ASP A 205 -10.81 14.34 -10.03
CA ASP A 205 -9.56 15.10 -9.97
C ASP A 205 -8.66 14.54 -8.87
N ILE A 206 -9.20 14.36 -7.66
CA ILE A 206 -8.35 13.97 -6.55
C ILE A 206 -7.84 12.55 -6.78
N ILE A 207 -8.72 11.67 -7.28
CA ILE A 207 -8.30 10.29 -7.52
C ILE A 207 -7.17 10.25 -8.52
N THR A 208 -7.34 10.88 -9.70
CA THR A 208 -6.28 10.83 -10.69
C THR A 208 -5.09 11.70 -10.33
N ARG A 209 -5.20 12.60 -9.35
CA ARG A 209 -4.01 13.30 -8.84
C ARG A 209 -3.09 12.34 -8.12
N LYS A 210 -3.65 11.38 -7.38
CA LYS A 210 -2.75 10.51 -6.63
C LYS A 210 -1.99 9.57 -7.56
N GLY A 211 -2.65 9.11 -8.62
CA GLY A 211 -1.95 8.30 -9.60
C GLY A 211 -1.40 7.03 -8.98
N GLY A 212 -0.08 6.87 -9.03
CA GLY A 212 0.56 5.64 -8.60
C GLY A 212 0.30 4.51 -9.58
N GLU A 213 0.78 3.33 -9.21
CA GLU A 213 0.55 2.11 -9.96
C GLU A 213 -0.37 1.21 -9.15
N ARG A 214 -0.79 0.10 -9.78
CA ARG A 214 -1.91 -0.72 -9.31
C ARG A 214 -3.21 0.07 -9.31
N THR A 215 -3.24 1.15 -10.08
CA THR A 215 -4.42 1.96 -10.25
C THR A 215 -5.30 1.40 -11.37
N TYR A 216 -6.56 1.79 -11.37
CA TYR A 216 -7.52 1.34 -12.35
C TYR A 216 -7.79 2.37 -13.43
N THR A 217 -7.23 3.56 -13.29
CA THR A 217 -7.42 4.64 -14.26
C THR A 217 -6.87 4.31 -15.64
N GLN A 218 -6.06 3.24 -15.75
CA GLN A 218 -5.54 2.85 -17.05
C GLN A 218 -6.62 2.21 -17.91
N LEU A 219 -7.65 1.64 -17.28
CA LEU A 219 -8.74 0.96 -17.97
C LEU A 219 -9.81 1.92 -18.51
N VAL A 220 -9.78 3.19 -18.11
CA VAL A 220 -10.81 4.15 -18.52
C VAL A 220 -10.75 4.38 -20.02
N ARG A 221 -11.82 4.02 -20.72
CA ARG A 221 -11.91 4.17 -22.19
C ARG A 221 -12.91 5.23 -22.63
N LEU A 222 -13.72 5.73 -21.71
CA LEU A 222 -14.78 6.66 -22.03
C LEU A 222 -14.99 7.57 -20.82
N ILE A 223 -15.03 8.87 -21.07
CA ILE A 223 -15.32 9.84 -20.03
C ILE A 223 -16.49 10.68 -20.53
N ILE A 224 -17.57 10.67 -19.76
CA ILE A 224 -18.72 11.50 -20.06
C ILE A 224 -18.67 12.69 -19.11
N LEU A 225 -18.69 13.90 -19.69
CA LEU A 225 -18.65 15.17 -18.98
C LEU A 225 -20.04 15.80 -19.10
N ASP A 226 -20.87 15.57 -18.07
CA ASP A 226 -22.25 16.04 -18.07
C ASP A 226 -22.34 17.49 -17.56
N GLU A 227 -23.24 18.27 -18.14
CA GLU A 227 -23.40 19.68 -17.74
C GLU A 227 -22.07 20.42 -17.84
N ILE A 228 -21.40 20.24 -18.98
CA ILE A 228 -20.05 20.74 -19.11
C ILE A 228 -20.02 22.26 -19.14
N HIS A 229 -21.18 22.92 -19.27
CA HIS A 229 -21.16 24.37 -19.13
C HIS A 229 -20.78 24.80 -17.71
N LEU A 230 -20.67 23.88 -16.75
CA LEU A 230 -19.97 24.18 -15.52
C LEU A 230 -18.59 24.81 -15.76
N LEU A 231 -18.02 24.65 -16.96
CA LEU A 231 -16.80 25.39 -17.30
C LEU A 231 -16.89 26.86 -16.90
N HIS A 232 -18.08 27.45 -17.02
CA HIS A 232 -18.27 28.87 -16.71
C HIS A 232 -18.31 29.16 -15.22
N ASP A 233 -18.35 28.14 -14.37
CA ASP A 233 -18.48 28.26 -12.94
C ASP A 233 -17.10 28.39 -12.31
N ASP A 234 -17.06 28.76 -11.02
CA ASP A 234 -15.79 28.71 -10.29
C ASP A 234 -15.25 27.30 -10.18
N ARG A 235 -16.12 26.28 -10.22
CA ARG A 235 -15.71 24.88 -10.27
C ARG A 235 -15.24 24.46 -11.65
N GLY A 236 -15.50 25.26 -12.69
CA GLY A 236 -15.09 24.91 -14.04
C GLY A 236 -13.65 24.50 -14.25
N PRO A 237 -12.67 25.09 -13.54
CA PRO A 237 -11.27 24.69 -13.80
C PRO A 237 -10.98 23.22 -13.51
N VAL A 238 -11.76 22.58 -12.65
CA VAL A 238 -11.60 21.15 -12.41
C VAL A 238 -11.84 20.37 -13.70
N LEU A 239 -12.89 20.74 -14.45
CA LEU A 239 -13.12 20.12 -15.75
C LEU A 239 -11.93 20.36 -16.68
N GLU A 240 -11.37 21.56 -16.69
CA GLU A 240 -10.22 21.80 -17.56
C GLU A 240 -9.05 20.93 -17.15
N ALA A 241 -8.81 20.81 -15.83
CA ALA A 241 -7.73 19.95 -15.36
C ALA A 241 -7.97 18.53 -15.82
N LEU A 242 -9.21 18.05 -15.70
CA LEU A 242 -9.47 16.66 -16.08
C LEU A 242 -9.19 16.46 -17.55
N VAL A 243 -9.69 17.38 -18.39
CA VAL A 243 -9.61 17.14 -19.82
C VAL A 243 -8.18 17.27 -20.30
N ALA A 244 -7.52 18.40 -19.98
CA ALA A 244 -6.10 18.55 -20.26
C ALA A 244 -5.34 17.30 -19.84
N ARG A 245 -5.66 16.74 -18.67
CA ARG A 245 -4.85 15.63 -18.17
C ARG A 245 -5.13 14.37 -18.95
N ALA A 246 -6.40 14.16 -19.35
CA ALA A 246 -6.72 12.95 -20.09
C ALA A 246 -6.13 13.00 -21.49
N ILE A 247 -6.34 14.13 -22.19
CA ILE A 247 -5.94 14.22 -23.59
C ILE A 247 -4.43 14.14 -23.72
N ARG A 248 -3.72 14.93 -22.92
CA ARG A 248 -2.26 14.83 -22.87
C ARG A 248 -1.81 13.42 -22.50
N ASN A 249 -2.54 12.75 -21.61
CA ASN A 249 -2.19 11.36 -21.26
C ASN A 249 -2.38 10.42 -22.44
N ILE A 250 -3.33 10.73 -23.32
CA ILE A 250 -3.42 9.99 -24.58
C ILE A 250 -2.08 10.02 -25.30
N GLU A 251 -1.56 11.24 -25.49
CA GLU A 251 -0.30 11.39 -26.23
C GLU A 251 0.80 10.53 -25.63
N MET A 252 1.15 10.77 -24.38
CA MET A 252 2.26 10.03 -23.79
C MET A 252 1.99 8.53 -23.56
N THR A 253 0.80 7.99 -23.90
CA THR A 253 0.59 6.54 -23.74
C THR A 253 -0.10 5.87 -24.92
N GLN A 254 -0.55 6.63 -25.91
CA GLN A 254 -1.12 6.10 -27.15
C GLN A 254 -2.42 5.32 -26.99
N GLU A 255 -2.88 5.12 -25.76
CA GLU A 255 -4.20 4.54 -25.53
C GLU A 255 -5.28 5.62 -25.73
N ASP A 256 -6.26 5.33 -26.58
CA ASP A 256 -7.34 6.28 -26.80
C ASP A 256 -8.28 6.33 -25.60
N VAL A 257 -8.90 7.49 -25.41
CA VAL A 257 -10.03 7.66 -24.52
C VAL A 257 -11.05 8.51 -25.26
N ARG A 258 -12.29 8.04 -25.34
CA ARG A 258 -13.35 8.82 -25.94
C ARG A 258 -13.91 9.80 -24.91
N LEU A 259 -14.12 11.05 -25.32
CA LEU A 259 -14.74 12.07 -24.48
C LEU A 259 -16.10 12.49 -25.02
N ILE A 260 -17.08 12.59 -24.13
CA ILE A 260 -18.41 13.04 -24.50
C ILE A 260 -18.77 14.22 -23.61
N GLY A 261 -18.99 15.39 -24.19
CA GLY A 261 -19.49 16.53 -23.44
C GLY A 261 -20.99 16.70 -23.65
N LEU A 262 -21.70 17.01 -22.55
CA LEU A 262 -23.13 17.32 -22.60
C LEU A 262 -23.32 18.69 -22.00
N SER A 263 -23.96 19.59 -22.76
CA SER A 263 -23.95 21.01 -22.42
C SER A 263 -25.35 21.60 -22.57
N ALA A 264 -25.64 22.61 -21.75
CA ALA A 264 -26.70 23.54 -22.07
C ALA A 264 -26.36 24.28 -23.37
N THR A 265 -27.37 24.90 -23.95
CA THR A 265 -27.21 25.60 -25.23
C THR A 265 -26.79 27.04 -24.98
N LEU A 266 -25.50 27.32 -25.15
CA LEU A 266 -24.96 28.62 -24.78
C LEU A 266 -23.79 28.94 -25.68
N PRO A 267 -23.45 30.22 -25.84
CA PRO A 267 -22.41 30.60 -26.81
C PRO A 267 -21.02 30.12 -26.38
N ASN A 268 -20.15 29.96 -27.39
CA ASN A 268 -18.79 29.42 -27.25
C ASN A 268 -18.80 27.90 -27.27
N TYR A 269 -19.93 27.25 -27.58
CA TYR A 269 -19.95 25.79 -27.66
C TYR A 269 -18.96 25.27 -28.69
N GLU A 270 -18.63 26.04 -29.72
CA GLU A 270 -17.62 25.54 -30.66
C GLU A 270 -16.23 25.55 -30.04
N ASP A 271 -15.97 26.49 -29.12
CA ASP A 271 -14.69 26.44 -28.39
C ASP A 271 -14.66 25.28 -27.41
N VAL A 272 -15.79 25.01 -26.74
CA VAL A 272 -15.88 23.81 -25.92
C VAL A 272 -15.52 22.60 -26.76
N ALA A 273 -16.03 22.56 -28.01
CA ALA A 273 -15.75 21.44 -28.91
C ALA A 273 -14.26 21.33 -29.24
N THR A 274 -13.63 22.46 -29.58
CA THR A 274 -12.15 22.45 -29.75
C THR A 274 -11.45 21.92 -28.50
N PHE A 275 -11.96 22.27 -27.32
CA PHE A 275 -11.31 21.87 -26.08
C PHE A 275 -11.43 20.38 -25.84
N LEU A 276 -12.53 19.77 -26.30
CA LEU A 276 -12.72 18.33 -26.22
C LEU A 276 -12.17 17.55 -27.42
N ARG A 277 -11.48 18.22 -28.36
CA ARG A 277 -10.99 17.55 -29.58
C ARG A 277 -12.15 16.92 -30.35
N VAL A 278 -13.26 17.65 -30.43
CA VAL A 278 -14.42 17.22 -31.19
C VAL A 278 -14.24 17.77 -32.59
N ASP A 279 -14.39 16.91 -33.58
CA ASP A 279 -14.37 17.38 -34.95
C ASP A 279 -15.70 18.08 -35.21
N PRO A 280 -15.71 19.37 -35.55
CA PRO A 280 -16.99 20.07 -35.69
C PRO A 280 -17.86 19.50 -36.78
N ALA A 281 -17.29 18.81 -37.77
CA ALA A 281 -18.08 18.21 -38.83
C ALA A 281 -18.50 16.78 -38.53
N LYS A 282 -18.08 16.21 -37.41
CA LYS A 282 -18.53 14.86 -37.06
C LYS A 282 -19.19 14.76 -35.69
N GLY A 283 -18.70 15.49 -34.67
CA GLY A 283 -19.15 15.20 -33.33
C GLY A 283 -19.87 16.34 -32.61
N LEU A 284 -20.07 17.45 -33.29
CA LEU A 284 -20.68 18.63 -32.70
C LEU A 284 -22.16 18.68 -33.09
N PHE A 285 -23.05 18.67 -32.11
CA PHE A 285 -24.50 18.71 -32.36
C PHE A 285 -25.13 19.75 -31.46
N TYR A 286 -25.80 20.74 -32.06
CA TYR A 286 -26.35 21.86 -31.31
C TYR A 286 -27.84 21.97 -31.58
N PHE A 287 -28.65 21.83 -30.54
CA PHE A 287 -30.10 21.91 -30.65
C PHE A 287 -30.60 23.08 -29.83
N ASP A 288 -31.29 24.02 -30.47
CA ASP A 288 -31.69 25.23 -29.76
C ASP A 288 -32.86 24.96 -28.82
N ASN A 289 -33.32 26.00 -28.12
CA ASN A 289 -34.37 25.79 -27.13
C ASN A 289 -35.70 25.39 -27.74
N SER A 290 -35.84 25.40 -29.07
CA SER A 290 -37.08 24.88 -29.65
C SER A 290 -37.19 23.37 -29.54
N PHE A 291 -36.15 22.69 -29.06
CA PHE A 291 -36.16 21.25 -28.86
C PHE A 291 -36.44 20.85 -27.42
N ARG A 292 -36.77 21.82 -26.57
CA ARG A 292 -37.21 21.52 -25.22
C ARG A 292 -38.41 20.58 -25.27
N PRO A 293 -38.44 19.55 -24.41
CA PRO A 293 -39.59 18.61 -24.44
C PRO A 293 -40.95 19.29 -24.36
N VAL A 294 -41.10 20.27 -23.48
CA VAL A 294 -42.34 21.03 -23.33
C VAL A 294 -42.00 22.49 -23.55
N PRO A 295 -42.66 23.18 -24.49
CA PRO A 295 -42.39 24.61 -24.69
C PRO A 295 -42.59 25.37 -23.39
N LEU A 296 -41.70 26.34 -23.15
CA LEU A 296 -41.69 27.07 -21.89
C LEU A 296 -42.17 28.50 -22.12
N GLU A 297 -43.21 28.89 -21.39
CA GLU A 297 -43.55 30.30 -21.26
C GLU A 297 -42.78 30.84 -20.07
N GLN A 298 -42.12 31.99 -20.25
CA GLN A 298 -41.17 32.50 -19.27
C GLN A 298 -41.66 33.83 -18.73
N THR A 299 -41.49 34.01 -17.43
CA THR A 299 -41.78 35.27 -16.75
C THR A 299 -40.59 35.61 -15.85
N TYR A 300 -40.04 36.79 -16.05
CA TYR A 300 -38.97 37.33 -15.20
C TYR A 300 -39.53 38.53 -14.45
N VAL A 301 -39.36 38.55 -13.13
CA VAL A 301 -39.88 39.63 -12.31
C VAL A 301 -38.68 40.27 -11.62
N GLY A 302 -38.34 41.49 -12.02
CA GLY A 302 -37.21 42.19 -11.44
C GLY A 302 -37.66 43.32 -10.53
N ILE A 303 -37.40 43.16 -9.24
CA ILE A 303 -37.80 44.13 -8.23
C ILE A 303 -36.80 45.28 -8.22
N THR A 304 -37.31 46.51 -8.20
CA THR A 304 -36.44 47.68 -8.14
C THR A 304 -36.25 48.21 -6.73
N GLU A 305 -37.13 47.86 -5.79
CA GLU A 305 -37.03 48.37 -4.44
C GLU A 305 -35.67 48.03 -3.85
N LYS A 306 -35.02 49.01 -3.22
CA LYS A 306 -33.71 48.77 -2.61
C LYS A 306 -33.78 48.43 -1.13
N LYS A 307 -34.86 48.82 -0.43
CA LYS A 307 -34.95 48.66 1.02
C LYS A 307 -35.49 47.28 1.36
N ALA A 308 -34.84 46.63 2.36
CA ALA A 308 -34.95 45.20 2.55
C ALA A 308 -36.38 44.75 2.89
N ILE A 309 -37.02 45.45 3.82
CA ILE A 309 -38.31 44.99 4.35
C ILE A 309 -39.40 45.12 3.28
N LYS A 310 -39.44 46.27 2.61
CA LYS A 310 -40.41 46.47 1.55
C LYS A 310 -40.18 45.49 0.41
N ARG A 311 -38.91 45.26 0.03
CA ARG A 311 -38.59 44.28 -1.00
C ARG A 311 -39.06 42.88 -0.61
N PHE A 312 -38.91 42.52 0.68
CA PHE A 312 -39.39 41.23 1.17
C PHE A 312 -40.90 41.10 0.98
N GLN A 313 -41.64 42.13 1.39
CA GLN A 313 -43.09 42.02 1.23
C GLN A 313 -43.50 42.05 -0.24
N ILE A 314 -42.80 42.82 -1.08
CA ILE A 314 -43.08 42.80 -2.52
C ILE A 314 -42.89 41.40 -3.07
N MET A 315 -41.86 40.70 -2.60
CA MET A 315 -41.61 39.34 -3.04
C MET A 315 -42.77 38.43 -2.69
N ASN A 316 -43.19 38.45 -1.42
CA ASN A 316 -44.28 37.57 -1.01
C ASN A 316 -45.56 37.90 -1.76
N GLU A 317 -45.79 39.18 -2.05
CA GLU A 317 -46.97 39.55 -2.80
C GLU A 317 -46.90 39.02 -4.24
N ILE A 318 -45.74 39.17 -4.89
CA ILE A 318 -45.61 38.68 -6.26
C ILE A 318 -45.87 37.18 -6.32
N VAL A 319 -45.29 36.44 -5.38
CA VAL A 319 -45.47 34.99 -5.43
C VAL A 319 -46.92 34.61 -5.16
N TYR A 320 -47.57 35.27 -4.18
CA TYR A 320 -48.97 34.96 -3.94
C TYR A 320 -49.83 35.25 -5.17
N GLU A 321 -49.58 36.37 -5.84
CA GLU A 321 -50.36 36.71 -7.03
C GLU A 321 -50.14 35.68 -8.14
N LYS A 322 -48.90 35.21 -8.31
CA LYS A 322 -48.66 34.17 -9.31
C LYS A 322 -49.28 32.85 -8.90
N ILE A 323 -49.21 32.51 -7.62
CA ILE A 323 -49.83 31.29 -7.11
C ILE A 323 -51.34 31.31 -7.38
N MET A 324 -51.97 32.47 -7.30
CA MET A 324 -53.41 32.52 -7.52
C MET A 324 -53.76 32.29 -8.98
N GLU A 325 -52.90 32.70 -9.91
CA GLU A 325 -53.17 32.44 -11.32
C GLU A 325 -53.19 30.95 -11.65
N HIS A 326 -52.83 30.09 -10.70
CA HIS A 326 -52.68 28.66 -10.97
C HIS A 326 -53.44 27.77 -9.99
N ALA A 327 -54.02 28.31 -8.92
CA ALA A 327 -54.74 27.48 -7.97
C ALA A 327 -55.89 26.77 -8.65
N GLY A 328 -56.03 25.47 -8.35
CA GLY A 328 -57.09 24.67 -8.90
C GLY A 328 -56.91 24.25 -10.35
N LYS A 329 -55.95 24.82 -11.07
CA LYS A 329 -55.68 24.40 -12.43
C LYS A 329 -54.32 23.74 -12.60
N ASN A 330 -53.29 24.26 -11.94
CA ASN A 330 -51.92 23.81 -12.16
C ASN A 330 -51.16 23.70 -10.85
N GLN A 331 -50.50 22.56 -10.64
CA GLN A 331 -49.54 22.44 -9.56
C GLN A 331 -48.47 23.51 -9.70
N VAL A 332 -47.91 23.94 -8.58
CA VAL A 332 -46.83 24.91 -8.57
C VAL A 332 -45.68 24.38 -7.74
N LEU A 333 -44.49 24.36 -8.32
CA LEU A 333 -43.25 24.04 -7.63
C LEU A 333 -42.49 25.34 -7.38
N VAL A 334 -42.29 25.69 -6.11
CA VAL A 334 -41.57 26.89 -5.73
C VAL A 334 -40.19 26.49 -5.22
N PHE A 335 -39.17 27.26 -5.63
CA PHE A 335 -37.78 27.01 -5.25
C PHE A 335 -37.26 28.17 -4.41
N VAL A 336 -36.80 27.83 -3.20
CA VAL A 336 -36.16 28.75 -2.27
C VAL A 336 -34.81 28.16 -1.93
N HIS A 337 -33.96 28.97 -1.28
CA HIS A 337 -32.56 28.60 -1.15
C HIS A 337 -32.15 28.38 0.30
N SER A 338 -32.90 27.55 1.01
CA SER A 338 -32.66 27.25 2.42
C SER A 338 -33.55 26.08 2.81
N ARG A 339 -33.03 25.20 3.65
CA ARG A 339 -33.92 24.21 4.27
C ARG A 339 -34.97 24.89 5.12
N LYS A 340 -34.67 26.07 5.66
CA LYS A 340 -35.57 26.76 6.57
C LYS A 340 -36.57 27.65 5.85
N GLU A 341 -36.14 28.33 4.79
CA GLU A 341 -37.05 29.21 4.08
C GLU A 341 -38.18 28.44 3.40
N THR A 342 -38.04 27.13 3.21
CA THR A 342 -39.05 26.37 2.50
C THR A 342 -40.38 26.37 3.27
N GLY A 343 -40.35 25.92 4.53
CA GLY A 343 -41.56 25.96 5.34
C GLY A 343 -42.05 27.37 5.58
N LYS A 344 -41.11 28.32 5.75
CA LYS A 344 -41.51 29.69 6.03
C LYS A 344 -42.31 30.28 4.87
N THR A 345 -41.88 30.03 3.62
CA THR A 345 -42.64 30.56 2.50
C THR A 345 -43.89 29.74 2.21
N ALA A 346 -43.86 28.42 2.42
CA ALA A 346 -45.09 27.64 2.33
C ALA A 346 -46.14 28.20 3.29
N ARG A 347 -45.72 28.55 4.52
CA ARG A 347 -46.64 29.14 5.48
C ARG A 347 -47.07 30.54 5.05
N ALA A 348 -46.14 31.35 4.56
CA ALA A 348 -46.52 32.66 4.04
C ALA A 348 -47.68 32.52 3.05
N ILE A 349 -47.52 31.64 2.06
CA ILE A 349 -48.53 31.50 1.02
C ILE A 349 -49.84 30.94 1.59
N ARG A 350 -49.76 29.89 2.42
CA ARG A 350 -50.98 29.24 2.91
C ARG A 350 -51.76 30.16 3.85
N ASP A 351 -51.06 30.76 4.83
CA ASP A 351 -51.66 31.70 5.77
C ASP A 351 -52.13 32.97 5.09
N MET A 352 -51.57 33.31 3.93
CA MET A 352 -52.15 34.37 3.13
C MET A 352 -53.43 33.91 2.45
N CYS A 353 -53.44 32.69 1.92
CA CYS A 353 -54.61 32.19 1.20
C CYS A 353 -55.84 32.14 2.10
N LEU A 354 -55.69 31.54 3.29
CA LEU A 354 -56.83 31.48 4.20
C LEU A 354 -57.28 32.89 4.60
N GLU A 355 -56.32 33.80 4.77
CA GLU A 355 -56.66 35.19 5.09
C GLU A 355 -57.53 35.83 4.03
N LYS A 356 -57.35 35.44 2.76
CA LYS A 356 -58.20 35.95 1.69
C LYS A 356 -59.29 34.96 1.31
N ASP A 357 -59.47 33.90 2.10
CA ASP A 357 -60.57 32.94 1.94
C ASP A 357 -60.53 32.28 0.56
N THR A 358 -59.34 31.89 0.12
CA THR A 358 -59.19 31.25 -1.19
C THR A 358 -58.53 29.89 -1.08
N LEU A 359 -58.28 29.41 0.15
CA LEU A 359 -57.67 28.09 0.32
C LEU A 359 -58.49 27.00 -0.34
N GLY A 360 -59.80 27.20 -0.48
CA GLY A 360 -60.63 26.19 -1.12
C GLY A 360 -60.42 26.06 -2.61
N LEU A 361 -59.64 26.95 -3.22
CA LEU A 361 -59.37 26.86 -4.65
C LEU A 361 -58.36 25.78 -5.00
N PHE A 362 -57.50 25.40 -4.05
CA PHE A 362 -56.52 24.36 -4.33
C PHE A 362 -57.15 22.97 -4.33
N LEU A 363 -58.07 22.72 -3.41
CA LEU A 363 -58.77 21.44 -3.29
C LEU A 363 -60.26 21.69 -3.45
N ARG A 364 -60.81 21.23 -4.57
CA ARG A 364 -62.25 21.27 -4.74
C ARG A 364 -62.92 20.41 -3.68
N GLU A 365 -64.12 20.82 -3.26
CA GLU A 365 -64.81 20.13 -2.17
C GLU A 365 -65.19 18.73 -2.60
N GLY A 366 -65.08 17.78 -1.68
CA GLY A 366 -65.38 16.40 -1.98
C GLY A 366 -64.49 15.80 -3.05
N SER A 367 -63.34 16.41 -3.31
CA SER A 367 -62.39 15.81 -4.23
C SER A 367 -61.86 14.50 -3.65
N ALA A 368 -61.58 13.55 -4.54
CA ALA A 368 -60.98 12.30 -4.10
C ALA A 368 -59.63 12.52 -3.43
N SER A 369 -58.95 13.61 -3.73
CA SER A 369 -57.60 13.84 -3.23
C SER A 369 -57.59 14.45 -1.84
N THR A 370 -58.64 15.16 -1.44
CA THR A 370 -58.72 15.72 -0.10
C THR A 370 -58.60 14.63 0.96
N GLU A 371 -59.30 13.52 0.76
CA GLU A 371 -59.24 12.43 1.72
C GLU A 371 -57.85 11.81 1.75
N VAL A 372 -57.22 11.66 0.58
CA VAL A 372 -55.86 11.09 0.53
C VAL A 372 -54.91 11.96 1.34
N LEU A 373 -55.02 13.28 1.17
CA LEU A 373 -54.17 14.19 1.92
C LEU A 373 -54.42 14.06 3.42
N ARG A 374 -55.69 14.01 3.84
CA ARG A 374 -55.99 13.84 5.26
C ARG A 374 -55.38 12.55 5.81
N THR A 375 -55.60 11.44 5.09
CA THR A 375 -55.12 10.12 5.53
C THR A 375 -53.60 10.10 5.69
N GLU A 376 -52.89 10.47 4.62
CA GLU A 376 -51.43 10.39 4.63
C GLU A 376 -50.80 11.45 5.52
N ALA A 377 -51.49 12.57 5.78
CA ALA A 377 -51.01 13.51 6.78
C ALA A 377 -51.11 12.93 8.17
N GLU A 378 -52.27 12.36 8.52
CA GLU A 378 -52.41 11.78 9.85
C GLU A 378 -51.47 10.58 10.06
N GLN A 379 -51.18 9.82 9.01
CA GLN A 379 -50.24 8.71 9.14
C GLN A 379 -48.79 9.18 9.17
N CYS A 380 -48.49 10.37 8.67
CA CYS A 380 -47.12 10.86 8.60
C CYS A 380 -46.71 11.60 9.87
N LYS A 381 -45.39 11.74 10.02
CA LYS A 381 -44.80 12.19 11.28
C LYS A 381 -44.02 13.50 11.17
N ASN A 382 -43.74 13.99 9.98
CA ASN A 382 -43.07 15.28 9.85
C ASN A 382 -44.02 16.39 10.30
N LEU A 383 -43.50 17.35 11.07
CA LEU A 383 -44.36 18.30 11.77
C LEU A 383 -44.89 19.38 10.84
N GLU A 384 -43.99 20.15 10.22
CA GLU A 384 -44.42 21.13 9.23
C GLU A 384 -45.17 20.45 8.08
N LEU A 385 -44.76 19.23 7.72
CA LEU A 385 -45.46 18.51 6.67
C LEU A 385 -46.89 18.16 7.09
N LYS A 386 -47.09 17.76 8.34
CA LYS A 386 -48.45 17.49 8.81
C LYS A 386 -49.27 18.77 8.83
N ASP A 387 -48.66 19.88 9.29
CA ASP A 387 -49.33 21.17 9.26
C ASP A 387 -49.79 21.54 7.84
N LEU A 388 -48.96 21.24 6.84
CA LEU A 388 -49.21 21.73 5.48
C LEU A 388 -50.06 20.80 4.61
N LEU A 389 -49.87 19.48 4.73
CA LEU A 389 -50.42 18.55 3.75
C LEU A 389 -51.94 18.62 3.54
N PRO A 390 -52.79 18.81 4.55
CA PRO A 390 -54.23 18.86 4.28
C PRO A 390 -54.66 19.99 3.37
N TYR A 391 -53.86 21.06 3.28
CA TYR A 391 -54.21 22.22 2.48
C TYR A 391 -53.74 22.12 1.03
N GLY A 392 -53.08 21.01 0.66
CA GLY A 392 -52.53 20.84 -0.67
C GLY A 392 -51.09 21.29 -0.83
N PHE A 393 -50.48 21.81 0.22
CA PHE A 393 -49.12 22.31 0.23
C PHE A 393 -48.17 21.22 0.72
N ALA A 394 -46.87 21.45 0.53
CA ALA A 394 -45.85 20.55 1.04
C ALA A 394 -44.50 21.23 0.95
N ILE A 395 -43.51 20.63 1.60
CA ILE A 395 -42.11 21.04 1.48
C ILE A 395 -41.29 19.80 1.13
N HIS A 396 -40.04 20.05 0.73
CA HIS A 396 -39.13 18.95 0.38
C HIS A 396 -37.70 19.48 0.44
N HIS A 397 -36.86 18.86 1.27
CA HIS A 397 -35.45 19.24 1.35
C HIS A 397 -34.67 18.11 2.03
N ALA A 398 -33.35 18.32 2.15
CA ALA A 398 -32.45 17.25 2.57
C ALA A 398 -32.57 16.92 4.07
N GLY A 399 -32.93 17.90 4.90
CA GLY A 399 -33.03 17.68 6.33
C GLY A 399 -34.19 16.78 6.73
N MET A 400 -34.96 16.32 5.74
CA MET A 400 -36.12 15.48 5.94
C MET A 400 -35.79 14.01 5.73
N THR A 401 -36.59 13.15 6.35
CA THR A 401 -36.44 11.70 6.21
C THR A 401 -36.54 11.29 4.74
N ARG A 402 -35.85 10.21 4.39
CA ARG A 402 -35.98 9.64 3.04
C ARG A 402 -37.43 9.31 2.73
N VAL A 403 -38.10 8.58 3.62
CA VAL A 403 -39.47 8.16 3.31
C VAL A 403 -40.41 9.36 3.34
N ASP A 404 -40.12 10.39 4.14
CA ASP A 404 -40.85 11.66 4.03
C ASP A 404 -40.79 12.19 2.60
N ARG A 405 -39.58 12.32 2.05
CA ARG A 405 -39.41 12.84 0.69
C ARG A 405 -40.06 11.92 -0.33
N THR A 406 -39.92 10.61 -0.15
CA THR A 406 -40.55 9.66 -1.06
C THR A 406 -42.06 9.84 -1.08
N LEU A 407 -42.66 10.12 0.07
CA LEU A 407 -44.10 10.36 0.07
C LEU A 407 -44.43 11.70 -0.54
N VAL A 408 -43.62 12.72 -0.30
CA VAL A 408 -43.88 14.01 -0.91
C VAL A 408 -43.85 13.89 -2.43
N GLU A 409 -42.86 13.15 -2.95
CA GLU A 409 -42.77 12.92 -4.39
C GLU A 409 -43.94 12.09 -4.90
N ASP A 410 -44.34 11.05 -4.16
CA ASP A 410 -45.46 10.23 -4.59
C ASP A 410 -46.74 11.04 -4.64
N LEU A 411 -46.99 11.85 -3.61
CA LEU A 411 -48.20 12.67 -3.59
C LEU A 411 -48.18 13.69 -4.73
N PHE A 412 -47.02 14.33 -4.97
CA PHE A 412 -46.95 15.31 -6.06
C PHE A 412 -47.13 14.62 -7.42
N ALA A 413 -46.54 13.44 -7.59
CA ALA A 413 -46.63 12.74 -8.87
C ALA A 413 -48.07 12.40 -9.21
N ASP A 414 -48.83 11.87 -8.25
CA ASP A 414 -50.23 11.56 -8.47
C ASP A 414 -51.12 12.79 -8.50
N LYS A 415 -50.54 13.99 -8.61
CA LYS A 415 -51.25 15.25 -8.73
C LYS A 415 -52.08 15.58 -7.49
N HIS A 416 -51.64 15.12 -6.31
CA HIS A 416 -52.39 15.38 -5.09
C HIS A 416 -51.98 16.69 -4.41
N ILE A 417 -50.69 17.01 -4.38
CA ILE A 417 -50.21 18.27 -3.83
C ILE A 417 -50.37 19.37 -4.88
N GLN A 418 -50.76 20.56 -4.43
CA GLN A 418 -50.96 21.69 -5.34
C GLN A 418 -49.85 22.73 -5.28
N VAL A 419 -49.22 22.90 -4.11
CA VAL A 419 -48.09 23.79 -3.93
C VAL A 419 -47.00 23.01 -3.22
N LEU A 420 -45.82 22.93 -3.82
CA LEU A 420 -44.69 22.25 -3.19
C LEU A 420 -43.51 23.21 -3.15
N VAL A 421 -43.05 23.54 -1.96
CA VAL A 421 -41.89 24.39 -1.78
C VAL A 421 -40.67 23.49 -1.55
N SER A 422 -39.58 23.80 -2.22
CA SER A 422 -38.44 22.89 -2.23
C SER A 422 -37.19 23.65 -2.60
N THR A 423 -36.08 22.94 -2.56
CA THR A 423 -34.78 23.54 -2.81
C THR A 423 -34.13 22.87 -4.01
N ALA A 424 -32.89 23.30 -4.31
CA ALA A 424 -32.21 22.85 -5.52
C ALA A 424 -32.04 21.34 -5.56
N THR A 425 -31.85 20.71 -4.39
CA THR A 425 -31.55 19.28 -4.36
C THR A 425 -32.68 18.47 -4.98
N LEU A 426 -33.93 18.93 -4.84
CA LEU A 426 -35.02 18.23 -5.53
C LEU A 426 -34.87 18.33 -7.03
N ALA A 427 -34.41 19.49 -7.52
CA ALA A 427 -34.25 19.66 -8.95
C ALA A 427 -33.20 18.71 -9.51
N TRP A 428 -32.12 18.49 -8.75
CA TRP A 428 -31.06 17.62 -9.25
C TRP A 428 -31.37 16.13 -9.02
N GLY A 429 -31.94 15.78 -7.87
CA GLY A 429 -31.92 14.40 -7.42
C GLY A 429 -33.15 13.58 -7.71
N VAL A 430 -34.26 14.23 -8.06
CA VAL A 430 -35.51 13.56 -8.38
C VAL A 430 -36.00 14.03 -9.75
N ASN A 431 -36.72 13.15 -10.45
CA ASN A 431 -37.33 13.50 -11.72
C ASN A 431 -38.79 13.85 -11.44
N LEU A 432 -39.01 15.09 -11.02
CA LEU A 432 -40.31 15.54 -10.53
C LEU A 432 -40.69 16.84 -11.23
N PRO A 433 -41.30 16.75 -12.41
CA PRO A 433 -41.72 17.97 -13.12
C PRO A 433 -43.03 18.53 -12.62
N ALA A 434 -43.14 19.85 -12.71
CA ALA A 434 -44.34 20.59 -12.36
C ALA A 434 -44.73 21.49 -13.53
N HIS A 435 -46.04 21.68 -13.70
CA HIS A 435 -46.50 22.52 -14.80
C HIS A 435 -46.01 23.94 -14.62
N THR A 436 -46.00 24.44 -13.38
CA THR A 436 -45.59 25.80 -13.10
C THR A 436 -44.46 25.79 -12.08
N VAL A 437 -43.41 26.55 -12.36
CA VAL A 437 -42.21 26.61 -11.52
C VAL A 437 -41.93 28.06 -11.20
N ILE A 438 -41.72 28.35 -9.91
CA ILE A 438 -41.43 29.69 -9.43
C ILE A 438 -40.10 29.65 -8.69
N ILE A 439 -39.12 30.38 -9.21
CA ILE A 439 -37.85 30.57 -8.53
C ILE A 439 -37.99 31.86 -7.73
N LYS A 440 -38.13 31.73 -6.41
CA LYS A 440 -38.44 32.87 -5.56
C LYS A 440 -37.14 33.48 -5.06
N GLY A 441 -36.67 34.52 -5.75
CA GLY A 441 -35.40 35.15 -5.41
C GLY A 441 -34.20 34.34 -5.88
N THR A 442 -33.09 34.99 -6.20
CA THR A 442 -31.91 34.33 -6.75
C THR A 442 -30.65 34.60 -5.93
N GLN A 443 -30.80 35.14 -4.71
CA GLN A 443 -29.69 35.31 -3.78
C GLN A 443 -29.59 34.08 -2.89
N VAL A 444 -28.35 33.68 -2.61
CA VAL A 444 -28.04 32.51 -1.79
C VAL A 444 -26.80 32.85 -0.97
N TYR A 445 -26.72 32.28 0.23
CA TYR A 445 -25.58 32.55 1.11
C TYR A 445 -24.43 31.60 0.77
N SER A 446 -23.28 32.16 0.43
CA SER A 446 -22.06 31.41 0.12
C SER A 446 -21.05 31.56 1.26
N PRO A 447 -20.85 30.51 2.07
CA PRO A 447 -19.82 30.58 3.12
C PRO A 447 -18.41 30.71 2.57
N GLU A 448 -18.14 30.04 1.46
CA GLU A 448 -16.85 30.18 0.81
C GLU A 448 -16.59 31.63 0.42
N LYS A 449 -17.61 32.31 -0.08
CA LYS A 449 -17.42 33.71 -0.44
C LYS A 449 -17.60 34.61 0.77
N GLY A 450 -18.13 34.07 1.85
CA GLY A 450 -18.41 34.86 3.02
C GLY A 450 -19.48 35.91 2.82
N ARG A 451 -20.46 35.65 1.95
CA ARG A 451 -21.45 36.69 1.64
C ARG A 451 -22.59 36.08 0.84
N TRP A 452 -23.61 36.91 0.57
CA TRP A 452 -24.67 36.53 -0.35
C TRP A 452 -24.20 36.76 -1.78
N THR A 453 -24.56 35.82 -2.66
CA THR A 453 -24.29 35.94 -4.09
C THR A 453 -25.47 35.39 -4.86
N GLU A 454 -25.39 35.52 -6.18
CA GLU A 454 -26.44 34.96 -7.02
C GLU A 454 -26.32 33.45 -7.10
N LEU A 455 -27.47 32.78 -7.26
CA LEU A 455 -27.50 31.37 -7.60
C LEU A 455 -26.63 31.09 -8.82
N GLY A 456 -25.95 29.94 -8.80
CA GLY A 456 -25.18 29.50 -9.95
C GLY A 456 -26.06 29.23 -11.16
N ALA A 457 -25.44 29.33 -12.33
CA ALA A 457 -26.14 29.09 -13.58
C ALA A 457 -26.72 27.69 -13.67
N LEU A 458 -25.95 26.68 -13.22
CA LEU A 458 -26.42 25.30 -13.34
C LEU A 458 -27.71 25.10 -12.57
N ASP A 459 -27.76 25.58 -11.33
CA ASP A 459 -28.99 25.49 -10.53
C ASP A 459 -30.19 26.16 -11.22
N ILE A 460 -30.02 27.40 -11.68
CA ILE A 460 -31.13 28.09 -12.32
C ILE A 460 -31.65 27.28 -13.51
N LEU A 461 -30.71 26.83 -14.37
CA LEU A 461 -31.11 26.07 -15.54
C LEU A 461 -31.86 24.81 -15.15
N GLN A 462 -31.38 24.11 -14.12
CA GLN A 462 -31.97 22.84 -13.74
C GLN A 462 -33.39 23.05 -13.21
N MET A 463 -33.52 23.97 -12.23
CA MET A 463 -34.83 24.32 -11.70
C MET A 463 -35.85 24.64 -12.78
N LEU A 464 -35.51 25.60 -13.67
CA LEU A 464 -36.46 25.96 -14.71
C LEU A 464 -36.63 24.85 -15.74
N GLY A 465 -35.63 23.97 -15.90
CA GLY A 465 -35.82 22.78 -16.69
C GLY A 465 -36.91 21.89 -16.15
N ARG A 466 -37.23 22.01 -14.86
CA ARG A 466 -38.34 21.22 -14.33
C ARG A 466 -39.74 21.75 -14.69
N ALA A 467 -39.87 22.87 -15.40
CA ALA A 467 -41.18 23.40 -15.76
C ALA A 467 -41.75 22.66 -16.98
N GLY A 468 -43.00 22.22 -16.87
CA GLY A 468 -43.64 21.50 -17.95
C GLY A 468 -43.42 20.00 -17.88
N ARG A 469 -44.49 19.25 -17.63
CA ARG A 469 -44.39 17.79 -17.55
C ARG A 469 -44.48 17.18 -18.94
N PRO A 470 -43.62 16.20 -19.22
CA PRO A 470 -43.47 15.73 -20.61
C PRO A 470 -44.76 15.27 -21.26
N GLN A 471 -45.56 14.46 -20.58
CA GLN A 471 -46.77 13.93 -21.20
C GLN A 471 -47.99 14.82 -20.96
N TYR A 472 -48.10 15.37 -19.75
CA TYR A 472 -49.35 15.93 -19.27
C TYR A 472 -49.52 17.42 -19.55
N ASP A 473 -48.52 18.10 -20.09
CA ASP A 473 -48.61 19.54 -20.31
C ASP A 473 -48.31 19.88 -21.76
N THR A 474 -49.07 20.83 -22.30
CA THR A 474 -48.79 21.37 -23.62
C THR A 474 -47.77 22.50 -23.56
N LYS A 475 -47.66 23.15 -22.40
CA LYS A 475 -46.59 24.11 -22.12
C LYS A 475 -46.29 24.09 -20.62
N GLY A 476 -45.11 24.58 -20.29
CA GLY A 476 -44.75 24.87 -18.92
C GLY A 476 -44.68 26.39 -18.71
N GLU A 477 -44.57 26.78 -17.45
CA GLU A 477 -44.57 28.20 -17.10
C GLU A 477 -43.51 28.42 -16.04
N GLY A 478 -42.40 29.02 -16.45
CA GLY A 478 -41.30 29.34 -15.55
C GLY A 478 -41.35 30.80 -15.16
N ILE A 479 -41.35 31.04 -13.85
CA ILE A 479 -41.40 32.37 -13.27
C ILE A 479 -40.14 32.53 -12.43
N LEU A 480 -39.38 33.57 -12.69
CA LEU A 480 -38.14 33.81 -11.97
C LEU A 480 -38.22 35.20 -11.37
N ILE A 481 -38.03 35.31 -10.06
CA ILE A 481 -38.10 36.58 -9.36
C ILE A 481 -36.69 36.92 -8.89
N THR A 482 -36.19 38.09 -9.29
CA THR A 482 -34.82 38.50 -8.95
C THR A 482 -34.79 40.01 -8.75
N SER A 483 -33.58 40.54 -8.54
CA SER A 483 -33.37 41.98 -8.59
C SER A 483 -33.41 42.48 -10.02
N HIS A 484 -33.92 43.70 -10.18
CA HIS A 484 -34.10 44.27 -11.52
C HIS A 484 -32.77 44.33 -12.28
N GLY A 485 -31.69 44.67 -11.60
CA GLY A 485 -30.39 44.72 -12.25
C GLY A 485 -29.84 43.39 -12.70
N GLU A 486 -30.45 42.28 -12.29
CA GLU A 486 -30.05 40.97 -12.75
C GLU A 486 -30.86 40.50 -13.96
N LEU A 487 -31.87 41.27 -14.41
CA LEU A 487 -32.75 40.74 -15.46
C LEU A 487 -31.95 40.34 -16.71
N GLN A 488 -31.06 41.21 -17.17
CA GLN A 488 -30.28 40.89 -18.37
C GLN A 488 -29.49 39.59 -18.21
N TYR A 489 -28.94 39.35 -17.01
CA TYR A 489 -28.21 38.11 -16.81
C TYR A 489 -29.14 36.91 -16.98
N TYR A 490 -30.29 36.91 -16.30
CA TYR A 490 -31.08 35.69 -16.33
C TYR A 490 -31.74 35.51 -17.69
N LEU A 491 -32.21 36.62 -18.27
CA LEU A 491 -32.67 36.61 -19.66
C LEU A 491 -31.63 35.95 -20.57
N SER A 492 -30.35 36.30 -20.37
CA SER A 492 -29.35 35.76 -21.27
C SER A 492 -29.15 34.27 -21.02
N LEU A 493 -29.09 33.88 -19.75
CA LEU A 493 -28.83 32.49 -19.43
C LEU A 493 -29.90 31.58 -20.03
N LEU A 494 -31.14 32.00 -19.92
CA LEU A 494 -32.23 31.12 -20.33
C LEU A 494 -32.59 31.30 -21.79
N ASN A 495 -31.87 32.15 -22.52
CA ASN A 495 -32.21 32.31 -23.92
C ASN A 495 -30.96 32.22 -24.76
N GLN A 496 -30.10 31.26 -24.41
CA GLN A 496 -28.99 30.81 -25.25
C GLN A 496 -27.94 31.88 -25.46
N GLN A 497 -27.87 32.87 -24.57
CA GLN A 497 -26.96 33.98 -24.82
C GLN A 497 -25.96 34.27 -23.70
N LEU A 498 -25.83 33.40 -22.68
CA LEU A 498 -24.79 33.64 -21.67
C LEU A 498 -23.54 32.83 -22.04
N PRO A 499 -22.52 33.47 -22.58
CA PRO A 499 -21.35 32.72 -23.08
C PRO A 499 -20.61 31.97 -21.98
N ILE A 500 -20.07 30.80 -22.36
CA ILE A 500 -19.26 29.98 -21.47
C ILE A 500 -17.81 30.45 -21.54
N GLU A 501 -17.29 30.97 -20.44
CA GLU A 501 -15.90 31.43 -20.35
C GLU A 501 -15.10 30.53 -19.42
N SER A 502 -13.81 30.77 -19.37
CA SER A 502 -12.93 29.98 -18.52
C SER A 502 -12.63 30.75 -17.24
N GLN A 503 -12.80 30.08 -16.10
CA GLN A 503 -12.48 30.67 -14.81
C GLN A 503 -11.10 30.22 -14.29
N MET A 504 -10.22 29.77 -15.17
CA MET A 504 -9.12 29.02 -14.62
C MET A 504 -7.89 29.85 -14.21
N VAL A 505 -7.79 31.14 -14.57
CA VAL A 505 -6.61 31.88 -14.13
C VAL A 505 -6.48 31.86 -12.62
N SER A 506 -7.59 31.84 -11.88
CA SER A 506 -7.51 31.86 -10.42
C SER A 506 -6.87 30.58 -9.88
N LYS A 507 -7.25 29.43 -10.43
CA LYS A 507 -6.76 28.15 -9.95
C LYS A 507 -5.45 27.73 -10.59
N LEU A 508 -4.86 28.55 -11.44
CA LEU A 508 -3.72 28.05 -12.21
C LEU A 508 -2.57 27.53 -11.33
N PRO A 509 -2.15 28.21 -10.24
CA PRO A 509 -1.04 27.65 -9.45
C PRO A 509 -1.33 26.27 -8.88
N ASP A 510 -2.52 26.07 -8.32
CA ASP A 510 -2.86 24.76 -7.76
C ASP A 510 -2.91 23.68 -8.83
N MET A 511 -3.52 23.99 -9.99
CA MET A 511 -3.60 23.02 -11.09
C MET A 511 -2.23 22.66 -11.64
N LEU A 512 -1.35 23.66 -11.76
CA LEU A 512 0.02 23.42 -12.22
C LEU A 512 0.78 22.56 -11.22
N ASN A 513 0.65 22.85 -9.93
CA ASN A 513 1.31 22.01 -8.94
C ASN A 513 0.82 20.58 -9.05
N ALA A 514 -0.47 20.38 -9.32
CA ALA A 514 -0.96 19.01 -9.43
C ALA A 514 -0.28 18.29 -10.59
N GLU A 515 -0.06 18.98 -11.70
CA GLU A 515 0.61 18.31 -12.82
C GLU A 515 2.09 18.07 -12.53
N ILE A 516 2.74 19.02 -11.84
CA ILE A 516 4.14 18.84 -11.47
C ILE A 516 4.28 17.63 -10.56
N VAL A 517 3.39 17.51 -9.56
CA VAL A 517 3.45 16.40 -8.61
C VAL A 517 3.33 15.06 -9.33
N LEU A 518 2.46 14.99 -10.34
CA LEU A 518 2.29 13.78 -11.14
C LEU A 518 3.49 13.48 -12.04
N GLY A 519 4.39 14.43 -12.23
CA GLY A 519 5.44 14.26 -13.22
C GLY A 519 5.01 14.51 -14.67
N ASN A 520 3.74 14.87 -14.90
CA ASN A 520 3.33 15.19 -16.27
C ASN A 520 3.96 16.48 -16.78
N VAL A 521 4.30 17.40 -15.87
CA VAL A 521 4.90 18.68 -16.22
C VAL A 521 6.18 18.77 -15.42
N GLN A 522 7.33 18.78 -16.10
CA GLN A 522 8.65 18.79 -15.46
C GLN A 522 9.41 20.09 -15.64
N ASN A 523 8.92 20.99 -16.48
CA ASN A 523 9.55 22.27 -16.72
C ASN A 523 8.51 23.17 -17.36
N ALA A 524 8.88 24.45 -17.52
CA ALA A 524 8.00 25.47 -18.07
C ALA A 524 7.56 25.17 -19.51
N LYS A 525 8.37 24.45 -20.28
CA LYS A 525 7.95 24.05 -21.63
C LYS A 525 6.82 23.03 -21.57
N ASP A 526 7.01 21.98 -20.77
CA ASP A 526 5.92 21.07 -20.46
C ASP A 526 4.68 21.83 -20.04
N ALA A 527 4.84 22.88 -19.24
CA ALA A 527 3.68 23.54 -18.66
C ALA A 527 2.95 24.38 -19.70
N VAL A 528 3.71 25.03 -20.61
CA VAL A 528 3.11 25.75 -21.74
C VAL A 528 2.32 24.78 -22.62
N ASN A 529 2.91 23.61 -22.90
CA ASN A 529 2.21 22.58 -23.65
C ASN A 529 0.93 22.16 -22.94
N TRP A 530 1.02 21.90 -21.64
CA TRP A 530 -0.15 21.49 -20.89
C TRP A 530 -1.22 22.57 -20.93
N LEU A 531 -0.82 23.83 -20.76
CA LEU A 531 -1.80 24.92 -20.77
C LEU A 531 -2.48 25.02 -22.13
N GLY A 532 -1.80 24.58 -23.20
CA GLY A 532 -2.43 24.58 -24.50
C GLY A 532 -3.64 23.67 -24.62
N TYR A 533 -3.89 22.80 -23.64
CA TYR A 533 -5.06 21.93 -23.66
C TYR A 533 -6.21 22.49 -22.84
N ALA A 534 -5.99 23.59 -22.15
CA ALA A 534 -6.98 24.18 -21.26
C ALA A 534 -8.05 24.88 -22.07
N TYR A 535 -9.27 24.92 -21.55
CA TYR A 535 -10.30 25.75 -22.19
C TYR A 535 -9.91 27.22 -22.16
N LEU A 536 -9.23 27.66 -21.09
CA LEU A 536 -8.70 29.02 -21.02
C LEU A 536 -7.90 29.39 -22.26
N TYR A 537 -7.15 28.44 -22.81
CA TYR A 537 -6.27 28.78 -23.94
C TYR A 537 -7.06 29.02 -25.20
N ILE A 538 -8.02 28.12 -25.51
CA ILE A 538 -8.90 28.33 -26.65
C ILE A 538 -9.61 29.68 -26.53
N ARG A 539 -10.11 29.99 -25.34
CA ARG A 539 -10.82 31.26 -25.15
C ARG A 539 -9.88 32.47 -25.33
N MET A 540 -8.62 32.36 -24.89
CA MET A 540 -7.66 33.45 -25.10
C MET A 540 -7.40 33.67 -26.58
N LEU A 541 -7.22 32.58 -27.33
CA LEU A 541 -7.04 32.68 -28.77
C LEU A 541 -8.23 33.35 -29.44
N ARG A 542 -9.44 33.07 -28.97
CA ARG A 542 -10.60 33.55 -29.70
C ARG A 542 -11.09 34.92 -29.24
N SER A 543 -10.98 35.23 -27.96
CA SER A 543 -11.41 36.52 -27.41
C SER A 543 -10.29 37.09 -26.56
N PRO A 544 -9.18 37.51 -27.20
CA PRO A 544 -8.02 37.90 -26.39
C PRO A 544 -8.30 39.06 -25.46
N THR A 545 -9.09 40.05 -25.87
CA THR A 545 -9.23 41.23 -25.02
C THR A 545 -10.04 40.92 -23.79
N LEU A 546 -10.99 39.99 -23.90
CA LEU A 546 -11.70 39.52 -22.71
C LEU A 546 -10.73 38.93 -21.69
N TYR A 547 -9.64 38.32 -22.14
CA TYR A 547 -8.68 37.68 -21.23
C TYR A 547 -7.45 38.54 -20.95
N GLY A 548 -7.52 39.85 -21.22
CA GLY A 548 -6.44 40.76 -20.86
C GLY A 548 -5.31 40.85 -21.87
N ILE A 549 -5.56 40.50 -23.12
CA ILE A 549 -4.56 40.47 -24.19
C ILE A 549 -5.03 41.45 -25.27
N SER A 550 -4.18 42.41 -25.61
CA SER A 550 -4.53 43.29 -26.72
C SER A 550 -4.44 42.52 -28.04
N HIS A 551 -5.17 43.00 -29.06
CA HIS A 551 -5.17 42.34 -30.35
C HIS A 551 -3.80 42.42 -31.01
N ASP A 552 -3.04 43.49 -30.73
CA ASP A 552 -1.70 43.58 -31.27
C ASP A 552 -0.77 42.59 -30.58
N ASP A 553 -0.90 42.40 -29.27
CA ASP A 553 -0.15 41.34 -28.61
C ASP A 553 -0.47 39.98 -29.21
N LEU A 554 -1.74 39.73 -29.54
CA LEU A 554 -2.10 38.46 -30.16
C LEU A 554 -1.41 38.30 -31.50
N LYS A 555 -1.33 39.38 -32.29
CA LYS A 555 -0.63 39.23 -33.56
C LYS A 555 0.90 39.19 -33.41
N GLY A 556 1.44 39.76 -32.34
CA GLY A 556 2.86 39.55 -32.05
C GLY A 556 3.19 38.16 -31.54
N ASP A 557 2.17 37.38 -31.21
CA ASP A 557 2.28 36.16 -30.43
C ASP A 557 1.13 35.24 -30.83
N PRO A 558 1.02 34.89 -32.12
CA PRO A 558 -0.25 34.32 -32.63
C PRO A 558 -0.65 33.01 -31.98
N LEU A 559 0.28 32.26 -31.40
CA LEU A 559 -0.05 31.03 -30.68
C LEU A 559 -0.11 31.24 -29.18
N LEU A 560 0.01 32.50 -28.73
CA LEU A 560 0.12 32.86 -27.32
C LEU A 560 1.18 32.03 -26.59
N ASP A 561 2.30 31.75 -27.29
CA ASP A 561 3.43 31.08 -26.65
C ASP A 561 3.99 31.95 -25.53
N GLN A 562 4.24 33.22 -25.83
CA GLN A 562 4.86 34.12 -24.87
C GLN A 562 3.93 34.37 -23.69
N ARG A 563 2.65 34.63 -23.98
CA ARG A 563 1.66 34.82 -22.93
C ARG A 563 1.55 33.60 -22.03
N ARG A 564 1.52 32.40 -22.63
CA ARG A 564 1.46 31.19 -21.81
C ARG A 564 2.70 31.05 -20.93
N LEU A 565 3.87 31.37 -21.47
CA LEU A 565 5.07 31.28 -20.66
C LEU A 565 5.02 32.27 -19.49
N ASP A 566 4.51 33.48 -19.73
CA ASP A 566 4.38 34.44 -18.66
C ASP A 566 3.40 33.95 -17.59
N LEU A 567 2.27 33.34 -18.01
CA LEU A 567 1.34 32.79 -17.02
C LEU A 567 2.01 31.68 -16.20
N VAL A 568 2.73 30.79 -16.87
CA VAL A 568 3.37 29.66 -16.21
C VAL A 568 4.47 30.15 -15.26
N HIS A 569 5.25 31.11 -15.71
CA HIS A 569 6.29 31.75 -14.90
C HIS A 569 5.70 32.34 -13.64
N THR A 570 4.65 33.14 -13.79
CA THR A 570 3.96 33.73 -12.66
C THR A 570 3.52 32.66 -11.66
N ALA A 571 2.81 31.65 -12.16
CA ALA A 571 2.32 30.58 -11.30
C ALA A 571 3.47 29.87 -10.58
N ALA A 572 4.54 29.56 -11.30
CA ALA A 572 5.64 28.79 -10.75
C ALA A 572 6.38 29.57 -9.69
N LEU A 573 6.47 30.89 -9.88
CA LEU A 573 7.02 31.75 -8.85
C LEU A 573 6.15 31.71 -7.60
N MET A 574 4.83 31.73 -7.76
CA MET A 574 3.99 31.66 -6.58
C MET A 574 4.20 30.35 -5.86
N LEU A 575 4.27 29.25 -6.62
CA LEU A 575 4.49 27.93 -6.02
C LEU A 575 5.86 27.85 -5.35
N ASP A 576 6.88 28.49 -5.94
CA ASP A 576 8.23 28.42 -5.38
C ASP A 576 8.34 29.23 -4.09
N LYS A 577 7.68 30.39 -4.05
CA LYS A 577 7.67 31.21 -2.85
C LYS A 577 7.01 30.50 -1.67
N ASN A 578 6.01 29.67 -1.94
CA ASN A 578 5.28 28.96 -0.90
C ASN A 578 5.84 27.57 -0.59
N ASN A 579 6.98 27.22 -1.19
CA ASN A 579 7.77 26.02 -0.91
C ASN A 579 7.13 24.73 -1.40
N LEU A 580 6.19 24.82 -2.34
CA LEU A 580 5.62 23.62 -2.94
C LEU A 580 6.52 23.05 -4.03
N VAL A 581 7.28 23.90 -4.69
CA VAL A 581 8.06 23.58 -5.87
C VAL A 581 9.40 24.28 -5.73
N LYS A 582 10.46 23.67 -6.23
CA LYS A 582 11.69 24.41 -6.48
C LYS A 582 11.76 24.76 -7.96
N TYR A 583 11.80 26.05 -8.29
CA TYR A 583 11.72 26.52 -9.65
C TYR A 583 13.04 27.20 -10.05
N ASP A 584 13.70 26.64 -11.05
CA ASP A 584 14.92 27.23 -11.63
C ASP A 584 14.53 28.14 -12.79
N LYS A 585 14.58 29.45 -12.56
CA LYS A 585 14.14 30.42 -13.56
C LYS A 585 14.93 30.31 -14.86
N LYS A 586 16.22 29.95 -14.80
CA LYS A 586 17.02 29.93 -16.02
C LYS A 586 16.65 28.73 -16.89
N THR A 587 16.76 27.51 -16.34
CA THR A 587 16.40 26.31 -17.10
C THR A 587 14.90 26.13 -17.22
N GLY A 588 14.11 26.72 -16.32
CA GLY A 588 12.69 26.45 -16.28
C GLY A 588 12.31 25.15 -15.63
N ASN A 589 13.24 24.46 -14.99
CA ASN A 589 12.92 23.16 -14.39
C ASN A 589 12.12 23.33 -13.11
N PHE A 590 11.22 22.37 -12.87
CA PHE A 590 10.41 22.30 -11.67
C PHE A 590 10.87 21.09 -10.87
N GLN A 591 11.07 21.27 -9.58
CA GLN A 591 11.36 20.15 -8.69
C GLN A 591 10.19 19.98 -7.74
N VAL A 592 9.68 18.75 -7.68
CA VAL A 592 8.63 18.39 -6.75
C VAL A 592 9.15 18.39 -5.31
N THR A 593 8.25 18.65 -4.36
CA THR A 593 8.56 18.56 -2.93
C THR A 593 7.43 17.80 -2.25
N GLU A 594 7.72 17.30 -1.05
CA GLU A 594 6.73 16.58 -0.28
C GLU A 594 5.56 17.50 0.09
N LEU A 595 5.84 18.76 0.44
CA LEU A 595 4.75 19.70 0.72
C LEU A 595 3.88 19.94 -0.51
N GLY A 596 4.48 20.06 -1.69
CA GLY A 596 3.67 20.19 -2.90
C GLY A 596 2.82 18.96 -3.13
N ARG A 597 3.40 17.78 -2.91
CA ARG A 597 2.62 16.57 -3.07
C ARG A 597 1.44 16.55 -2.12
N ILE A 598 1.66 16.94 -0.87
CA ILE A 598 0.57 16.94 0.09
C ILE A 598 -0.50 17.92 -0.32
N ALA A 599 -0.10 19.10 -0.81
CA ALA A 599 -1.10 20.06 -1.28
C ALA A 599 -1.94 19.45 -2.38
N SER A 600 -1.30 18.76 -3.34
CA SER A 600 -2.06 18.21 -4.47
C SER A 600 -2.97 17.08 -4.01
N HIS A 601 -2.39 16.08 -3.32
CA HIS A 601 -3.12 14.87 -2.93
C HIS A 601 -4.22 15.14 -1.92
N TYR A 602 -4.12 16.20 -1.12
CA TYR A 602 -5.23 16.47 -0.21
C TYR A 602 -6.10 17.62 -0.67
N TYR A 603 -5.92 18.10 -1.89
CA TYR A 603 -6.81 19.14 -2.45
C TYR A 603 -6.75 20.43 -1.65
N ILE A 604 -5.54 20.79 -1.23
CA ILE A 604 -5.28 21.97 -0.40
C ILE A 604 -4.74 23.05 -1.31
N THR A 605 -5.18 24.30 -1.12
CA THR A 605 -4.62 25.38 -1.90
C THR A 605 -3.23 25.73 -1.39
N ASN A 606 -2.42 26.34 -2.26
CA ASN A 606 -0.98 26.39 -1.98
C ASN A 606 -0.63 27.36 -0.84
N ASP A 607 -1.40 28.44 -0.68
CA ASP A 607 -1.22 29.37 0.44
C ASP A 607 -1.39 28.67 1.78
N THR A 608 -2.35 27.74 1.87
CA THR A 608 -2.59 27.02 3.11
C THR A 608 -1.39 26.17 3.51
N VAL A 609 -0.77 25.45 2.57
CA VAL A 609 0.35 24.63 3.02
C VAL A 609 1.58 25.50 3.28
N GLN A 610 1.66 26.69 2.66
CA GLN A 610 2.71 27.61 3.12
C GLN A 610 2.51 27.96 4.60
N THR A 611 1.28 28.30 4.98
CA THR A 611 0.97 28.59 6.37
C THR A 611 1.33 27.41 7.29
N TYR A 612 0.87 26.21 6.93
CA TYR A 612 1.17 25.02 7.73
C TYR A 612 2.67 24.84 7.89
N ASN A 613 3.42 24.99 6.79
CA ASN A 613 4.86 24.81 6.84
C ASN A 613 5.52 25.84 7.72
N GLN A 614 4.96 27.04 7.74
CA GLN A 614 5.56 28.10 8.53
C GLN A 614 5.28 27.90 10.02
N LEU A 615 4.09 27.43 10.39
CA LEU A 615 3.66 27.47 11.79
C LEU A 615 3.80 26.15 12.52
N LEU A 616 3.86 25.02 11.82
CA LEU A 616 3.88 23.73 12.48
C LEU A 616 5.26 23.52 13.08
N LYS A 617 5.30 23.14 14.36
CA LYS A 617 6.52 22.83 15.06
C LYS A 617 6.26 21.62 15.95
N PRO A 618 7.28 20.82 16.24
CA PRO A 618 7.05 19.67 17.12
C PRO A 618 6.50 20.05 18.50
N THR A 619 6.79 21.23 18.99
CA THR A 619 6.36 21.65 20.31
C THR A 619 4.96 22.22 20.33
N LEU A 620 4.21 22.14 19.23
CA LEU A 620 2.93 22.83 19.15
C LEU A 620 1.93 22.29 20.16
N SER A 621 1.29 23.20 20.87
CA SER A 621 0.17 22.86 21.74
C SER A 621 -1.11 22.66 20.95
N GLU A 622 -2.09 22.04 21.61
CA GLU A 622 -3.41 21.87 21.00
C GLU A 622 -4.05 23.22 20.70
N ILE A 623 -3.81 24.22 21.58
CA ILE A 623 -4.28 25.58 21.33
C ILE A 623 -3.75 26.09 19.98
N GLU A 624 -2.43 25.97 19.76
CA GLU A 624 -1.85 26.51 18.53
C GLU A 624 -2.28 25.72 17.31
N LEU A 625 -2.50 24.40 17.45
CA LEU A 625 -2.98 23.59 16.35
C LEU A 625 -4.36 24.06 15.89
N PHE A 626 -5.27 24.30 16.83
CA PHE A 626 -6.55 24.83 16.42
C PHE A 626 -6.38 26.18 15.72
N ARG A 627 -5.45 27.02 16.20
CA ARG A 627 -5.23 28.31 15.53
C ARG A 627 -4.67 28.14 14.11
N VAL A 628 -3.69 27.25 13.95
CA VAL A 628 -3.11 26.98 12.63
C VAL A 628 -4.19 26.55 11.66
N PHE A 629 -5.04 25.61 12.08
CA PHE A 629 -6.15 25.21 11.24
C PHE A 629 -7.01 26.41 10.86
N SER A 630 -7.29 27.27 11.82
CA SER A 630 -8.20 28.37 11.56
C SER A 630 -7.61 29.41 10.62
N LEU A 631 -6.29 29.35 10.39
CA LEU A 631 -5.65 30.23 9.43
C LEU A 631 -5.61 29.68 8.00
N SER A 632 -6.14 28.49 7.73
CA SER A 632 -6.17 27.95 6.38
C SER A 632 -6.77 28.96 5.39
N SER A 633 -6.23 28.99 4.18
CA SER A 633 -6.66 29.98 3.20
C SER A 633 -8.00 29.67 2.61
N GLU A 634 -8.51 28.43 2.79
CA GLU A 634 -9.86 28.12 2.37
C GLU A 634 -10.88 28.99 3.08
N PHE A 635 -10.49 29.60 4.21
CA PHE A 635 -11.38 30.39 5.04
C PHE A 635 -11.18 31.89 4.87
N LYS A 636 -10.37 32.33 3.89
CA LYS A 636 -9.91 33.72 3.83
C LYS A 636 -11.05 34.73 3.65
N ASN A 637 -12.22 34.33 3.16
CA ASN A 637 -13.35 35.24 3.00
C ASN A 637 -14.28 35.26 4.20
N ILE A 638 -14.01 34.45 5.22
CA ILE A 638 -14.89 34.45 6.39
C ILE A 638 -14.62 35.71 7.21
N THR A 639 -15.70 36.35 7.68
CA THR A 639 -15.59 37.52 8.54
C THR A 639 -16.46 37.33 9.78
N VAL A 640 -16.15 38.10 10.82
CA VAL A 640 -16.97 38.13 12.02
C VAL A 640 -18.00 39.24 11.83
N ARG A 641 -19.27 38.87 11.70
CA ARG A 641 -20.33 39.85 11.52
C ARG A 641 -20.81 40.41 12.85
N GLU A 642 -21.10 41.71 12.85
CA GLU A 642 -21.58 42.39 14.06
C GLU A 642 -22.68 41.59 14.74
N GLU A 643 -23.71 41.20 13.98
CA GLU A 643 -24.81 40.48 14.58
C GLU A 643 -24.43 39.13 15.19
N GLU A 644 -23.25 38.61 14.85
CA GLU A 644 -22.81 37.34 15.42
C GLU A 644 -22.01 37.50 16.71
N LYS A 645 -21.49 38.71 16.98
CA LYS A 645 -20.42 38.84 17.97
C LYS A 645 -20.90 38.47 19.37
N LEU A 646 -22.19 38.68 19.65
CA LEU A 646 -22.74 38.27 20.94
C LEU A 646 -22.65 36.75 21.10
N GLU A 647 -23.24 36.03 20.14
CA GLU A 647 -23.33 34.58 20.26
C GLU A 647 -21.94 33.93 20.25
N LEU A 648 -20.99 34.53 19.53
CA LEU A 648 -19.62 34.01 19.55
C LEU A 648 -18.95 34.30 20.88
N GLN A 649 -19.18 35.48 21.47
CA GLN A 649 -18.55 35.76 22.76
C GLN A 649 -18.95 34.73 23.79
N LYS A 650 -20.26 34.47 23.89
CA LYS A 650 -20.76 33.48 24.84
C LYS A 650 -20.13 32.10 24.61
N LEU A 651 -19.78 31.78 23.37
CA LEU A 651 -19.10 30.51 23.15
C LEU A 651 -17.62 30.64 23.46
N LEU A 652 -17.01 31.76 23.03
CA LEU A 652 -15.61 32.01 23.26
C LEU A 652 -15.28 32.04 24.75
N GLU A 653 -16.23 32.46 25.58
CA GLU A 653 -16.03 32.45 27.03
C GLU A 653 -15.83 31.05 27.58
N ARG A 654 -16.31 30.02 26.87
CA ARG A 654 -16.41 28.68 27.43
C ARG A 654 -15.69 27.61 26.63
N VAL A 655 -14.96 27.96 25.57
CA VAL A 655 -14.35 26.91 24.73
C VAL A 655 -13.36 26.10 25.55
N PRO A 656 -13.37 24.76 25.43
CA PRO A 656 -12.38 23.94 26.16
C PRO A 656 -10.95 24.10 25.67
N ILE A 657 -10.73 24.50 24.41
CA ILE A 657 -9.41 24.86 23.92
C ILE A 657 -9.31 26.39 23.93
N PRO A 658 -8.52 26.98 24.83
CA PRO A 658 -8.38 28.44 24.85
C PRO A 658 -8.07 29.00 23.47
N VAL A 659 -8.57 30.22 23.23
CA VAL A 659 -8.36 30.93 21.98
C VAL A 659 -7.63 32.22 22.34
N LYS A 660 -6.43 32.41 21.78
CA LYS A 660 -5.60 33.55 22.19
C LYS A 660 -6.10 34.87 21.60
N GLU A 661 -6.60 34.85 20.37
CA GLU A 661 -6.90 36.10 19.69
C GLU A 661 -8.33 36.55 19.97
N SER A 662 -8.58 37.83 19.73
CA SER A 662 -9.85 38.40 20.11
C SER A 662 -10.94 38.08 19.08
N ILE A 663 -12.19 38.27 19.52
CA ILE A 663 -13.35 38.00 18.69
C ILE A 663 -13.40 38.86 17.44
N GLU A 664 -12.63 39.96 17.41
CA GLU A 664 -12.55 40.76 16.20
C GLU A 664 -11.94 39.98 15.04
N GLU A 665 -11.20 38.93 15.33
CA GLU A 665 -10.46 38.22 14.29
C GLU A 665 -11.29 37.07 13.72
N PRO A 666 -11.42 36.99 12.40
CA PRO A 666 -12.12 35.82 11.82
C PRO A 666 -11.53 34.46 12.24
N SER A 667 -10.22 34.37 12.44
CA SER A 667 -9.64 33.08 12.80
C SER A 667 -10.18 32.60 14.15
N ALA A 668 -10.47 33.53 15.06
CA ALA A 668 -11.09 33.14 16.32
C ALA A 668 -12.48 32.55 16.09
N LYS A 669 -13.25 33.16 15.19
CA LYS A 669 -14.58 32.65 14.88
C LYS A 669 -14.51 31.25 14.28
N ILE A 670 -13.53 31.02 13.41
CA ILE A 670 -13.38 29.70 12.78
C ILE A 670 -12.98 28.66 13.83
N ASN A 671 -12.07 29.05 14.72
CA ASN A 671 -11.69 28.20 15.84
C ASN A 671 -12.91 27.79 16.65
N VAL A 672 -13.73 28.77 17.02
CA VAL A 672 -14.89 28.54 17.88
C VAL A 672 -15.94 27.68 17.16
N LEU A 673 -16.16 27.92 15.87
CA LEU A 673 -17.06 27.06 15.10
C LEU A 673 -16.57 25.60 15.05
N LEU A 674 -15.27 25.38 14.85
CA LEU A 674 -14.76 24.01 14.91
C LEU A 674 -15.07 23.37 16.28
N GLN A 675 -14.69 24.05 17.37
CA GLN A 675 -14.90 23.47 18.70
C GLN A 675 -16.40 23.27 18.97
N ALA A 676 -17.24 24.19 18.53
CA ALA A 676 -18.68 24.03 18.72
C ALA A 676 -19.19 22.81 17.95
N PHE A 677 -18.68 22.60 16.73
CA PHE A 677 -19.08 21.43 15.94
C PHE A 677 -18.70 20.14 16.67
N ILE A 678 -17.44 20.02 17.09
CA ILE A 678 -17.02 18.83 17.84
C ILE A 678 -17.92 18.61 19.04
N SER A 679 -18.33 19.70 19.70
CA SER A 679 -19.16 19.60 20.88
C SER A 679 -20.65 19.50 20.55
N GLN A 680 -21.02 19.48 19.27
CA GLN A 680 -22.40 19.31 18.84
C GLN A 680 -23.31 20.39 19.41
N LEU A 681 -22.85 21.63 19.39
CA LEU A 681 -23.68 22.75 19.78
C LEU A 681 -24.47 23.29 18.58
N LYS A 682 -25.73 23.61 18.82
CA LYS A 682 -26.55 24.32 17.86
C LYS A 682 -26.36 25.82 18.05
N LEU A 683 -26.26 26.54 16.94
CA LEU A 683 -26.17 27.98 16.98
C LEU A 683 -27.42 28.59 16.40
N GLU A 684 -27.58 29.90 16.59
CA GLU A 684 -28.79 30.61 16.18
C GLU A 684 -28.64 31.34 14.86
N GLY A 685 -27.53 32.02 14.63
CA GLY A 685 -27.30 32.66 13.34
C GLY A 685 -27.38 31.70 12.17
N PHE A 686 -28.26 32.00 11.22
CA PHE A 686 -28.30 31.24 9.97
C PHE A 686 -26.93 31.24 9.30
N ALA A 687 -26.33 32.43 9.23
CA ALA A 687 -24.97 32.57 8.70
C ALA A 687 -23.97 31.75 9.51
N LEU A 688 -24.04 31.82 10.84
CA LEU A 688 -23.06 31.11 11.66
C LEU A 688 -23.16 29.61 11.46
N MET A 689 -24.38 29.08 11.34
CA MET A 689 -24.52 27.64 11.13
C MET A 689 -23.93 27.23 9.78
N ALA A 690 -24.24 27.99 8.72
CA ALA A 690 -23.70 27.64 7.40
C ALA A 690 -22.17 27.75 7.39
N ASP A 691 -21.62 28.79 8.02
CA ASP A 691 -20.18 28.94 8.18
C ASP A 691 -19.59 27.73 8.90
N MET A 692 -20.24 27.28 9.96
CA MET A 692 -19.73 26.11 10.67
C MET A 692 -19.69 24.91 9.74
N VAL A 693 -20.74 24.75 8.93
CA VAL A 693 -20.79 23.62 8.02
C VAL A 693 -19.60 23.67 7.05
N TYR A 694 -19.34 24.85 6.48
CA TYR A 694 -18.23 24.99 5.52
C TYR A 694 -16.89 24.68 6.18
N VAL A 695 -16.65 25.27 7.37
CA VAL A 695 -15.42 25.05 8.11
C VAL A 695 -15.20 23.57 8.37
N THR A 696 -16.23 22.89 8.83
CA THR A 696 -16.04 21.52 9.26
C THR A 696 -16.07 20.52 8.12
N GLN A 697 -16.73 20.85 7.01
CA GLN A 697 -16.59 20.01 5.83
C GLN A 697 -15.16 20.07 5.30
N SER A 698 -14.49 21.21 5.44
CA SER A 698 -13.08 21.25 4.98
C SER A 698 -12.12 20.62 5.99
N ALA A 699 -12.42 20.75 7.30
CA ALA A 699 -11.50 20.32 8.34
C ALA A 699 -11.01 18.88 8.14
N GLY A 700 -11.85 18.01 7.58
CA GLY A 700 -11.44 16.63 7.40
C GLY A 700 -10.15 16.45 6.63
N ARG A 701 -10.15 16.93 5.39
CA ARG A 701 -8.95 16.77 4.57
C ARG A 701 -7.86 17.75 4.97
N LEU A 702 -8.21 18.92 5.53
CA LEU A 702 -7.15 19.80 6.05
C LEU A 702 -6.38 19.13 7.19
N MET A 703 -7.10 18.59 8.17
CA MET A 703 -6.41 18.01 9.31
C MET A 703 -5.72 16.70 8.94
N ARG A 704 -6.23 15.96 7.95
CA ARG A 704 -5.45 14.82 7.47
C ARG A 704 -4.17 15.25 6.75
N ALA A 705 -4.20 16.41 6.10
CA ALA A 705 -2.96 16.90 5.53
C ALA A 705 -1.95 17.24 6.62
N ILE A 706 -2.39 17.98 7.64
CA ILE A 706 -1.48 18.29 8.74
C ILE A 706 -0.95 17.00 9.35
N PHE A 707 -1.82 16.01 9.54
CA PHE A 707 -1.38 14.75 10.14
C PHE A 707 -0.29 14.10 9.29
N GLU A 708 -0.46 14.09 7.96
CA GLU A 708 0.59 13.46 7.15
C GLU A 708 1.91 14.23 7.24
N ILE A 709 1.84 15.57 7.25
CA ILE A 709 3.05 16.39 7.37
C ILE A 709 3.83 16.01 8.64
N VAL A 710 3.15 16.08 9.79
CA VAL A 710 3.87 15.89 11.05
C VAL A 710 4.24 14.44 11.24
N LEU A 711 3.42 13.49 10.76
CA LEU A 711 3.78 12.08 10.85
C LEU A 711 5.08 11.81 10.11
N ASN A 712 5.18 12.25 8.84
CA ASN A 712 6.40 11.94 8.12
C ASN A 712 7.59 12.76 8.60
N ARG A 713 7.38 13.84 9.33
CA ARG A 713 8.55 14.48 9.92
C ARG A 713 9.01 13.82 11.22
N GLY A 714 8.30 12.81 11.74
CA GLY A 714 8.72 12.11 12.93
C GLY A 714 8.31 12.74 14.25
N TRP A 715 7.33 13.65 14.25
CA TRP A 715 6.99 14.49 15.40
C TRP A 715 5.94 13.76 16.25
N ALA A 716 6.40 13.04 17.27
CA ALA A 716 5.50 12.09 17.96
C ALA A 716 4.31 12.78 18.62
N GLN A 717 4.58 13.78 19.48
CA GLN A 717 3.50 14.44 20.22
C GLN A 717 2.50 15.12 19.29
N LEU A 718 3.00 15.84 18.28
CA LEU A 718 2.06 16.53 17.42
C LEU A 718 1.34 15.53 16.52
N THR A 719 2.00 14.44 16.14
CA THR A 719 1.31 13.37 15.43
C THR A 719 0.13 12.86 16.23
N ASP A 720 0.33 12.69 17.53
CA ASP A 720 -0.77 12.18 18.35
C ASP A 720 -1.89 13.20 18.44
N LYS A 721 -1.55 14.46 18.77
CA LYS A 721 -2.56 15.52 18.81
C LYS A 721 -3.33 15.64 17.49
N THR A 722 -2.66 15.58 16.34
CA THR A 722 -3.43 15.85 15.12
C THR A 722 -4.23 14.64 14.66
N LEU A 723 -3.73 13.41 14.84
CA LEU A 723 -4.57 12.26 14.50
C LEU A 723 -5.79 12.22 15.42
N ASN A 724 -5.61 12.61 16.68
CA ASN A 724 -6.77 12.75 17.55
C ASN A 724 -7.74 13.81 17.04
N LEU A 725 -7.24 14.96 16.59
CA LEU A 725 -8.19 15.97 16.14
C LEU A 725 -8.96 15.52 14.90
N CYS A 726 -8.28 14.83 13.98
CA CYS A 726 -8.97 14.21 12.85
C CYS A 726 -10.12 13.34 13.33
N LYS A 727 -9.84 12.49 14.32
CA LYS A 727 -10.89 11.58 14.80
C LYS A 727 -12.00 12.32 15.53
N MET A 728 -11.69 13.40 16.25
CA MET A 728 -12.72 14.12 16.99
C MET A 728 -13.62 14.90 16.04
N ILE A 729 -13.05 15.46 14.98
CA ILE A 729 -13.86 16.06 13.92
C ILE A 729 -14.77 15.01 13.30
N ASP A 730 -14.22 13.84 12.97
CA ASP A 730 -15.03 12.82 12.28
C ASP A 730 -16.15 12.28 13.18
N LYS A 731 -15.87 12.06 14.47
CA LYS A 731 -16.81 11.41 15.38
C LYS A 731 -17.68 12.39 16.14
N ARG A 732 -17.33 13.68 16.07
CA ARG A 732 -18.02 14.75 16.77
C ARG A 732 -18.10 14.51 18.28
N MET A 733 -16.94 14.28 18.89
CA MET A 733 -16.82 14.17 20.35
C MET A 733 -15.38 14.37 20.77
N TRP A 734 -15.17 14.74 22.03
CA TRP A 734 -13.82 14.98 22.53
C TRP A 734 -13.23 13.72 23.15
N GLN A 735 -11.89 13.68 23.18
CA GLN A 735 -11.14 12.58 23.80
C GLN A 735 -11.67 12.23 25.19
N SER A 736 -12.02 13.24 25.98
CA SER A 736 -12.35 12.98 27.37
C SER A 736 -13.73 12.39 27.54
N MET A 737 -14.40 12.01 26.47
CA MET A 737 -15.71 11.39 26.55
C MET A 737 -15.56 9.87 26.54
N CYS A 738 -16.68 9.20 26.80
CA CYS A 738 -16.67 7.74 26.86
C CYS A 738 -16.61 7.17 25.44
N PRO A 739 -15.59 6.39 25.10
CA PRO A 739 -15.48 5.80 23.75
C PRO A 739 -16.73 5.10 23.26
N LEU A 740 -17.59 4.71 24.20
CA LEU A 740 -18.82 4.02 23.87
C LEU A 740 -19.75 4.86 22.99
N ARG A 741 -19.67 6.20 23.10
CA ARG A 741 -20.43 7.06 22.18
C ARG A 741 -20.26 6.65 20.72
N GLN A 742 -19.11 6.05 20.38
CA GLN A 742 -18.86 5.75 18.97
C GLN A 742 -19.72 4.61 18.45
N PHE A 743 -20.32 3.82 19.32
CA PHE A 743 -21.38 2.91 18.93
C PHE A 743 -22.66 3.74 18.93
N ARG A 744 -23.11 4.12 17.75
CA ARG A 744 -24.27 5.00 17.62
C ARG A 744 -25.53 4.37 18.19
N LYS A 745 -25.60 3.03 18.24
CA LYS A 745 -26.83 2.35 18.66
C LYS A 745 -27.11 2.55 20.14
N LEU A 746 -26.08 2.78 20.95
CA LEU A 746 -26.28 2.91 22.39
C LEU A 746 -27.07 4.18 22.72
N PRO A 747 -27.90 4.13 23.77
CA PRO A 747 -28.63 5.34 24.19
C PRO A 747 -27.67 6.36 24.79
N GLU A 748 -27.78 7.60 24.33
CA GLU A 748 -26.85 8.64 24.77
C GLU A 748 -26.98 8.90 26.27
N GLU A 749 -28.19 8.80 26.81
CA GLU A 749 -28.40 9.06 28.23
C GLU A 749 -27.78 7.98 29.12
N VAL A 750 -27.56 6.79 28.59
CA VAL A 750 -26.83 5.75 29.33
C VAL A 750 -25.35 6.11 29.41
N VAL A 751 -24.77 6.50 28.28
CA VAL A 751 -23.35 6.78 28.24
C VAL A 751 -23.04 8.01 29.08
N LYS A 752 -23.96 8.97 29.15
CA LYS A 752 -23.77 10.11 30.06
C LYS A 752 -23.72 9.65 31.51
N LYS A 753 -24.53 8.64 31.87
CA LYS A 753 -24.44 8.03 33.20
C LYS A 753 -23.08 7.42 33.43
N ILE A 754 -22.61 6.63 32.48
CA ILE A 754 -21.31 5.96 32.62
C ILE A 754 -20.20 7.00 32.76
N GLU A 755 -20.32 8.12 32.04
CA GLU A 755 -19.30 9.17 32.12
C GLU A 755 -19.30 9.83 33.49
N LYS A 756 -20.49 10.24 33.98
CA LYS A 756 -20.57 10.87 35.29
C LYS A 756 -19.94 10.01 36.38
N LYS A 757 -19.98 8.69 36.22
CA LYS A 757 -19.23 7.78 37.09
C LYS A 757 -17.78 7.79 36.63
N ASN A 758 -16.93 8.48 37.39
CA ASN A 758 -15.53 8.64 37.02
C ASN A 758 -14.77 7.36 37.37
N PHE A 759 -14.66 6.46 36.40
CA PHE A 759 -13.84 5.26 36.48
C PHE A 759 -13.37 4.90 35.08
N PRO A 760 -12.20 4.26 34.95
CA PRO A 760 -11.62 4.06 33.61
C PRO A 760 -12.39 3.06 32.76
N PHE A 761 -12.43 3.33 31.46
CA PHE A 761 -13.14 2.46 30.52
C PHE A 761 -12.53 1.06 30.52
N GLU A 762 -11.21 0.96 30.61
CA GLU A 762 -10.52 -0.33 30.64
C GLU A 762 -10.96 -1.21 31.81
N ARG A 763 -11.39 -0.61 32.92
CA ARG A 763 -11.90 -1.39 34.03
C ARG A 763 -13.10 -2.25 33.64
N LEU A 764 -13.84 -1.87 32.60
CA LEU A 764 -14.97 -2.69 32.15
C LEU A 764 -14.53 -3.99 31.48
N TYR A 765 -13.24 -4.15 31.19
CA TYR A 765 -12.81 -5.35 30.46
C TYR A 765 -12.82 -6.58 31.36
N ASP A 766 -12.47 -6.40 32.64
CA ASP A 766 -12.42 -7.54 33.55
C ASP A 766 -13.81 -8.00 33.94
N LEU A 767 -14.72 -7.07 34.18
CA LEU A 767 -16.06 -7.34 34.69
C LEU A 767 -16.87 -8.16 33.69
N ASN A 768 -18.05 -8.60 34.14
CA ASN A 768 -19.01 -9.25 33.24
C ASN A 768 -20.36 -8.57 33.37
N HIS A 769 -21.39 -9.17 32.78
CA HIS A 769 -22.73 -8.60 32.78
C HIS A 769 -23.13 -8.09 34.15
N ASN A 770 -22.86 -8.88 35.20
CA ASN A 770 -23.34 -8.54 36.54
C ASN A 770 -22.68 -7.27 37.07
N GLU A 771 -21.35 -7.30 37.23
CA GLU A 771 -20.69 -6.15 37.82
C GLU A 771 -20.75 -4.94 36.89
N ILE A 772 -20.86 -5.17 35.58
CA ILE A 772 -21.05 -4.07 34.65
C ILE A 772 -22.39 -3.39 34.94
N GLY A 773 -23.47 -4.17 34.89
CA GLY A 773 -24.79 -3.63 35.17
C GLY A 773 -24.94 -3.04 36.56
N GLU A 774 -24.10 -3.47 37.50
CA GLU A 774 -24.15 -2.91 38.85
C GLU A 774 -23.42 -1.58 38.93
N LEU A 775 -22.17 -1.54 38.43
CA LEU A 775 -21.33 -0.35 38.56
C LEU A 775 -22.01 0.89 37.97
N ILE A 776 -22.92 0.71 37.02
CA ILE A 776 -23.53 1.83 36.33
C ILE A 776 -24.93 2.05 36.89
N ARG A 777 -25.26 1.27 37.92
CA ARG A 777 -26.59 1.27 38.53
C ARG A 777 -27.66 1.02 37.48
N MET A 778 -27.40 0.06 36.60
CA MET A 778 -28.40 -0.31 35.61
C MET A 778 -28.22 -1.76 35.18
N PRO A 779 -28.94 -2.70 35.80
CA PRO A 779 -28.74 -4.11 35.44
C PRO A 779 -29.29 -4.48 34.07
N LYS A 780 -30.38 -3.84 33.63
CA LYS A 780 -31.02 -4.16 32.36
C LYS A 780 -30.08 -4.05 31.18
N MET A 781 -28.89 -3.47 31.36
CA MET A 781 -27.94 -3.27 30.27
C MET A 781 -26.67 -4.09 30.43
N GLY A 782 -26.52 -4.81 31.56
CA GLY A 782 -25.27 -5.52 31.82
C GLY A 782 -24.79 -6.35 30.66
N LYS A 783 -25.70 -7.02 29.96
CA LYS A 783 -25.28 -7.82 28.80
C LYS A 783 -24.98 -6.91 27.62
N THR A 784 -25.88 -5.96 27.31
CA THR A 784 -25.73 -5.09 26.14
C THR A 784 -24.37 -4.41 26.12
N ILE A 785 -24.11 -3.58 27.15
CA ILE A 785 -22.82 -2.93 27.29
C ILE A 785 -21.69 -3.95 27.21
N HIS A 786 -21.85 -5.10 27.88
CA HIS A 786 -20.79 -6.12 27.87
C HIS A 786 -20.41 -6.50 26.45
N LYS A 787 -21.38 -6.54 25.54
CA LYS A 787 -21.03 -6.89 24.17
C LYS A 787 -20.27 -5.76 23.49
N TYR A 788 -20.71 -4.50 23.69
CA TYR A 788 -20.09 -3.41 22.98
C TYR A 788 -18.63 -3.21 23.40
N VAL A 789 -18.34 -3.37 24.70
CA VAL A 789 -16.96 -3.23 25.14
C VAL A 789 -16.08 -4.30 24.50
N HIS A 790 -16.65 -5.42 24.08
CA HIS A 790 -15.84 -6.40 23.35
C HIS A 790 -15.98 -6.28 21.83
N LEU A 791 -16.90 -5.45 21.34
CA LEU A 791 -16.84 -5.03 19.95
C LEU A 791 -15.78 -3.97 19.72
N PHE A 792 -15.33 -3.32 20.78
CA PHE A 792 -14.44 -2.18 20.62
C PHE A 792 -13.07 -2.68 20.20
N PRO A 793 -12.52 -2.17 19.09
CA PRO A 793 -11.22 -2.66 18.61
C PRO A 793 -10.14 -2.60 19.68
N LYS A 794 -9.43 -3.73 19.84
CA LYS A 794 -8.41 -3.88 20.86
C LYS A 794 -7.40 -4.91 20.37
N LEU A 795 -6.11 -4.57 20.50
CA LEU A 795 -5.04 -5.43 20.03
C LEU A 795 -4.05 -5.67 21.17
N GLU A 796 -3.55 -6.91 21.28
CA GLU A 796 -2.46 -7.20 22.20
C GLU A 796 -1.15 -7.32 21.43
N LEU A 797 -0.06 -6.90 22.08
CA LEU A 797 1.22 -6.75 21.41
C LEU A 797 2.28 -7.51 22.17
N SER A 798 3.16 -8.17 21.43
CA SER A 798 4.36 -8.70 22.07
C SER A 798 5.51 -8.57 21.09
N VAL A 799 6.71 -8.77 21.59
CA VAL A 799 7.91 -8.38 20.87
C VAL A 799 8.96 -9.45 21.04
N HIS A 800 9.69 -9.72 19.97
CA HIS A 800 10.94 -10.45 20.00
C HIS A 800 12.02 -9.49 19.48
N LEU A 801 12.93 -9.11 20.38
CA LEU A 801 14.07 -8.26 20.00
C LEU A 801 15.19 -9.12 19.44
N GLN A 802 15.68 -8.74 18.26
CA GLN A 802 16.72 -9.51 17.57
C GLN A 802 17.85 -8.56 17.25
N PRO A 803 18.86 -8.49 18.13
CA PRO A 803 19.98 -7.59 17.89
C PRO A 803 20.74 -7.99 16.64
N ILE A 804 20.97 -7.02 15.76
CA ILE A 804 21.78 -7.26 14.56
C ILE A 804 23.25 -6.93 14.81
N THR A 805 23.49 -5.73 15.33
CA THR A 805 24.79 -5.26 15.74
C THR A 805 24.62 -4.57 17.09
N ARG A 806 25.62 -3.81 17.51
CA ARG A 806 25.48 -3.08 18.75
C ARG A 806 24.70 -1.80 18.56
N SER A 807 24.34 -1.43 17.32
CA SER A 807 23.62 -0.18 17.07
C SER A 807 22.42 -0.32 16.15
N THR A 808 22.07 -1.53 15.71
CA THR A 808 20.86 -1.79 14.94
C THR A 808 20.12 -2.98 15.53
N LEU A 809 18.82 -2.83 15.71
CA LEU A 809 17.96 -3.83 16.29
C LEU A 809 16.88 -4.21 15.29
N LYS A 810 16.71 -5.51 15.06
CA LYS A 810 15.56 -6.03 14.36
C LYS A 810 14.47 -6.30 15.39
N VAL A 811 13.26 -5.83 15.12
CA VAL A 811 12.12 -6.09 16.00
C VAL A 811 11.08 -6.90 15.23
N GLU A 812 10.69 -8.04 15.81
CA GLU A 812 9.52 -8.76 15.37
C GLU A 812 8.38 -8.47 16.34
N LEU A 813 7.34 -7.83 15.83
CA LEU A 813 6.17 -7.45 16.60
C LEU A 813 5.03 -8.39 16.25
N THR A 814 4.41 -8.98 17.26
CA THR A 814 3.24 -9.83 17.06
C THR A 814 2.03 -9.05 17.51
N ILE A 815 1.05 -8.95 16.61
CA ILE A 815 -0.22 -8.30 16.87
C ILE A 815 -1.27 -9.40 16.96
N THR A 816 -1.93 -9.46 18.11
CA THR A 816 -2.97 -10.46 18.35
C THR A 816 -4.30 -9.73 18.53
N PRO A 817 -5.26 -9.90 17.64
CA PRO A 817 -6.55 -9.25 17.84
C PRO A 817 -7.21 -9.78 19.10
N ASP A 818 -7.80 -8.87 19.86
CA ASP A 818 -8.42 -9.22 21.14
C ASP A 818 -9.79 -8.59 21.24
N PHE A 819 -10.60 -8.74 20.20
CA PHE A 819 -11.96 -8.23 20.23
C PHE A 819 -12.81 -9.09 19.31
N GLN A 820 -14.11 -8.86 19.37
CA GLN A 820 -15.07 -9.61 18.57
C GLN A 820 -15.38 -8.82 17.30
N TRP A 821 -15.11 -9.42 16.14
CA TRP A 821 -15.41 -8.77 14.88
C TRP A 821 -16.91 -8.80 14.58
N ASP A 822 -17.39 -7.73 13.96
CA ASP A 822 -18.79 -7.62 13.52
C ASP A 822 -18.81 -6.66 12.34
N GLU A 823 -19.21 -7.16 11.16
CA GLU A 823 -19.24 -6.32 9.97
C GLU A 823 -20.11 -5.09 10.17
N LYS A 824 -21.20 -5.22 10.92
CA LYS A 824 -22.07 -4.07 11.15
C LYS A 824 -21.33 -2.91 11.82
N VAL A 825 -20.19 -3.17 12.45
CA VAL A 825 -19.47 -2.14 13.18
C VAL A 825 -18.09 -1.92 12.57
N HIS A 826 -17.49 -2.97 12.04
CA HIS A 826 -16.11 -2.90 11.58
C HIS A 826 -15.96 -2.93 10.07
N GLY A 827 -17.05 -3.17 9.34
CA GLY A 827 -16.92 -3.31 7.91
C GLY A 827 -16.07 -4.51 7.57
N SER A 828 -15.27 -4.39 6.51
CA SER A 828 -14.41 -5.44 6.04
C SER A 828 -12.94 -5.27 6.43
N SER A 829 -12.58 -4.15 7.06
CA SER A 829 -11.20 -3.95 7.47
C SER A 829 -11.15 -2.90 8.57
N GLU A 830 -10.05 -2.94 9.33
CA GLU A 830 -9.82 -2.01 10.43
C GLU A 830 -8.37 -1.57 10.37
N ALA A 831 -8.13 -0.26 10.26
CA ALA A 831 -6.80 0.27 9.99
C ALA A 831 -6.18 0.89 11.23
N PHE A 832 -4.85 0.77 11.32
CA PHE A 832 -4.08 1.17 12.48
C PHE A 832 -2.76 1.77 12.00
N TRP A 833 -2.19 2.65 12.81
CA TRP A 833 -0.82 3.13 12.69
C TRP A 833 0.07 2.45 13.73
N ILE A 834 1.17 1.89 13.28
CA ILE A 834 2.20 1.31 14.14
C ILE A 834 3.29 2.37 14.26
N LEU A 835 3.56 2.82 15.48
CA LEU A 835 4.46 3.94 15.74
C LEU A 835 5.48 3.50 16.76
N VAL A 836 6.75 3.47 16.38
CA VAL A 836 7.85 3.21 17.30
C VAL A 836 8.47 4.55 17.66
N GLU A 837 8.45 4.86 18.95
CA GLU A 837 8.83 6.13 19.53
C GLU A 837 9.97 5.95 20.53
N ASP A 838 10.75 7.01 20.73
CA ASP A 838 12.00 6.94 21.47
C ASP A 838 11.72 7.03 22.98
N VAL A 839 12.78 7.12 23.79
CA VAL A 839 12.59 7.07 25.24
C VAL A 839 11.69 8.18 25.73
N ASP A 840 11.71 9.35 25.08
CA ASP A 840 10.96 10.52 25.52
C ASP A 840 9.58 10.62 24.89
N SER A 841 9.20 9.67 24.04
CA SER A 841 7.97 9.82 23.25
C SER A 841 8.01 11.12 22.48
N GLU A 842 9.18 11.45 21.95
CA GLU A 842 9.37 12.69 21.22
C GLU A 842 9.60 12.49 19.73
N VAL A 843 10.25 11.39 19.33
CA VAL A 843 10.58 11.13 17.93
C VAL A 843 10.01 9.77 17.50
N ILE A 844 9.32 9.75 16.36
CA ILE A 844 8.84 8.51 15.77
C ILE A 844 10.03 7.90 15.03
N LEU A 845 10.63 6.86 15.61
CA LEU A 845 11.75 6.22 14.96
C LEU A 845 11.30 5.39 13.77
N HIS A 846 10.07 4.88 13.80
CA HIS A 846 9.58 4.05 12.72
C HIS A 846 8.07 4.07 12.72
N HIS A 847 7.46 4.06 11.56
CA HIS A 847 6.01 3.98 11.52
C HIS A 847 5.59 3.23 10.26
N GLU A 848 4.41 2.61 10.33
CA GLU A 848 3.84 1.99 9.15
C GLU A 848 2.34 1.78 9.35
N TYR A 849 1.64 1.70 8.23
CA TYR A 849 0.20 1.44 8.21
C TYR A 849 -0.07 -0.05 8.38
N PHE A 850 -1.11 -0.39 9.14
CA PHE A 850 -1.44 -1.79 9.39
C PHE A 850 -2.93 -1.99 9.18
N LEU A 851 -3.27 -2.97 8.33
CA LEU A 851 -4.67 -3.18 7.95
C LEU A 851 -5.08 -4.57 8.40
N LEU A 852 -6.03 -4.63 9.33
CA LEU A 852 -6.59 -5.90 9.80
C LEU A 852 -7.83 -6.20 8.97
N LYS A 853 -7.72 -7.13 8.02
CA LYS A 853 -8.88 -7.48 7.20
C LYS A 853 -9.77 -8.46 7.95
N ALA A 854 -11.08 -8.35 7.68
CA ALA A 854 -12.06 -9.23 8.32
C ALA A 854 -11.68 -10.71 8.20
N LYS A 855 -11.16 -11.12 7.04
CA LYS A 855 -10.80 -12.52 6.84
C LYS A 855 -9.64 -12.97 7.74
N TYR A 856 -8.94 -12.04 8.39
CA TYR A 856 -7.84 -12.39 9.28
C TYR A 856 -8.06 -11.85 10.70
N ALA A 857 -9.30 -11.49 11.04
CA ALA A 857 -9.62 -10.85 12.31
C ALA A 857 -9.33 -11.70 13.56
N GLN A 858 -8.87 -12.93 13.38
CA GLN A 858 -8.60 -13.81 14.51
C GLN A 858 -7.19 -14.38 14.48
N ASP A 859 -6.40 -14.08 13.46
CA ASP A 859 -5.03 -14.55 13.41
C ASP A 859 -4.07 -13.52 13.98
N GLU A 860 -2.93 -14.01 14.44
CA GLU A 860 -1.80 -13.15 14.76
C GLU A 860 -1.16 -12.64 13.48
N HIS A 861 -0.66 -11.39 13.51
CA HIS A 861 0.10 -10.80 12.41
C HIS A 861 1.52 -10.49 12.88
N LEU A 862 2.51 -10.84 12.05
CA LEU A 862 3.91 -10.52 12.35
C LEU A 862 4.35 -9.30 11.55
N ILE A 863 4.93 -8.32 12.24
CA ILE A 863 5.51 -7.16 11.60
C ILE A 863 6.98 -7.12 11.97
N THR A 864 7.86 -6.87 11.00
CA THR A 864 9.28 -6.77 11.28
C THR A 864 9.82 -5.44 10.78
N PHE A 865 10.70 -4.83 11.57
CA PHE A 865 11.36 -3.61 11.12
C PHE A 865 12.69 -3.47 11.86
N PHE A 866 13.48 -2.51 11.39
CA PHE A 866 14.74 -2.15 12.01
C PHE A 866 14.60 -0.82 12.74
N VAL A 867 15.32 -0.68 13.85
CA VAL A 867 15.47 0.62 14.52
C VAL A 867 16.89 0.76 15.03
N PRO A 868 17.37 2.00 15.08
CA PRO A 868 18.69 2.22 15.67
C PRO A 868 18.62 2.15 17.19
N VAL A 869 19.75 1.72 17.77
CA VAL A 869 20.05 1.88 19.19
C VAL A 869 21.46 2.43 19.32
N PHE A 870 21.80 2.82 20.55
CA PHE A 870 23.13 3.36 20.86
C PHE A 870 23.55 2.87 22.23
N GLU A 871 24.85 3.11 22.57
CA GLU A 871 25.37 2.80 23.89
C GLU A 871 25.74 4.06 24.64
N PRO A 872 25.49 4.13 25.96
CA PRO A 872 24.82 3.11 26.79
C PRO A 872 23.39 2.95 26.33
N LEU A 873 22.85 1.75 26.39
CA LEU A 873 21.50 1.51 25.90
C LEU A 873 20.52 2.47 26.55
N PRO A 874 19.58 3.02 25.79
CA PRO A 874 18.53 3.85 26.39
C PRO A 874 17.59 2.98 27.21
N PRO A 875 16.84 3.55 28.15
CA PRO A 875 16.02 2.71 29.04
C PRO A 875 14.95 1.92 28.30
N GLN A 876 14.27 2.51 27.33
CA GLN A 876 13.25 1.78 26.61
C GLN A 876 12.86 2.57 25.37
N TYR A 877 12.21 1.88 24.43
CA TYR A 877 11.42 2.53 23.40
C TYR A 877 9.95 2.22 23.65
N PHE A 878 9.08 2.73 22.80
CA PHE A 878 7.65 2.42 22.91
C PHE A 878 7.12 2.05 21.54
N ILE A 879 6.24 1.06 21.50
CA ILE A 879 5.50 0.71 20.29
C ILE A 879 4.04 1.00 20.58
N ARG A 880 3.48 1.97 19.87
CA ARG A 880 2.07 2.29 19.94
C ARG A 880 1.39 1.70 18.71
N VAL A 881 0.23 1.10 18.91
CA VAL A 881 -0.64 0.74 17.80
C VAL A 881 -1.97 1.42 18.02
N VAL A 882 -2.32 2.32 17.10
CA VAL A 882 -3.41 3.27 17.28
C VAL A 882 -4.37 3.12 16.10
N SER A 883 -5.65 3.09 16.38
CA SER A 883 -6.65 3.06 15.31
C SER A 883 -6.63 4.34 14.48
N ASP A 884 -6.74 4.19 13.16
CA ASP A 884 -6.83 5.33 12.25
C ASP A 884 -8.15 6.07 12.36
N ARG A 885 -9.15 5.50 13.04
CA ARG A 885 -10.50 6.07 13.02
C ARG A 885 -11.22 6.04 14.37
N TRP A 886 -10.93 5.10 15.26
CA TRP A 886 -11.62 5.01 16.54
C TRP A 886 -10.94 5.90 17.58
N LEU A 887 -11.73 6.69 18.28
CA LEU A 887 -11.23 7.45 19.42
C LEU A 887 -10.93 6.54 20.60
N SER A 888 -9.85 6.85 21.33
CA SER A 888 -9.50 6.19 22.57
C SER A 888 -9.26 4.71 22.34
N CYS A 889 -8.44 4.42 21.33
CA CYS A 889 -8.32 3.06 20.81
C CYS A 889 -6.86 2.84 20.41
N GLU A 890 -6.09 2.37 21.35
CA GLU A 890 -4.65 2.30 21.20
C GLU A 890 -4.12 1.33 22.25
N THR A 891 -3.03 0.65 21.91
CA THR A 891 -2.24 -0.11 22.87
C THR A 891 -0.82 0.40 22.76
N GLN A 892 -0.13 0.57 23.89
CA GLN A 892 1.28 0.96 23.89
C GLN A 892 2.06 -0.07 24.69
N LEU A 893 3.03 -0.69 24.03
CA LEU A 893 3.93 -1.67 24.63
C LEU A 893 5.26 -1.01 24.91
N PRO A 894 5.62 -0.82 26.17
CA PRO A 894 7.01 -0.46 26.47
C PRO A 894 7.92 -1.58 26.01
N VAL A 895 9.05 -1.22 25.44
CA VAL A 895 10.04 -2.17 24.95
C VAL A 895 11.30 -1.86 25.75
N SER A 896 11.47 -2.54 26.87
CA SER A 896 12.58 -2.28 27.77
C SER A 896 13.84 -2.99 27.27
N PHE A 897 14.98 -2.33 27.47
CA PHE A 897 16.28 -2.85 27.07
C PHE A 897 17.11 -3.31 28.25
N ARG A 898 16.52 -3.40 29.45
CA ARG A 898 17.32 -3.70 30.63
C ARG A 898 18.02 -5.04 30.49
N HIS A 899 17.40 -6.00 29.81
CA HIS A 899 17.94 -7.33 29.63
C HIS A 899 18.31 -7.63 28.19
N LEU A 900 18.48 -6.60 27.35
CA LEU A 900 18.88 -6.84 25.98
C LEU A 900 20.36 -7.23 25.95
N ILE A 901 20.67 -8.39 25.37
CA ILE A 901 22.04 -8.85 25.21
C ILE A 901 22.52 -8.52 23.80
N LEU A 902 23.49 -7.63 23.72
CA LEU A 902 24.06 -7.18 22.47
C LEU A 902 25.16 -8.14 22.01
N PRO A 903 25.26 -8.39 20.72
CA PRO A 903 26.42 -9.15 20.22
C PRO A 903 27.69 -8.37 20.47
N GLU A 904 28.78 -9.09 20.69
CA GLU A 904 30.08 -8.48 20.88
C GLU A 904 30.51 -7.73 19.63
N LYS A 905 31.22 -6.62 19.84
CA LYS A 905 31.79 -5.85 18.74
C LYS A 905 32.70 -6.75 17.89
N TYR A 906 32.72 -6.51 16.58
CA TYR A 906 33.41 -7.49 15.74
C TYR A 906 34.93 -7.31 15.78
N PRO A 907 35.67 -8.40 15.51
CA PRO A 907 37.15 -8.33 15.49
C PRO A 907 37.64 -7.48 14.34
N PRO A 908 38.86 -6.93 14.45
CA PRO A 908 39.43 -6.22 13.31
C PRO A 908 39.68 -7.18 12.16
N PRO A 909 39.71 -6.68 10.93
CA PRO A 909 39.88 -7.57 9.76
C PRO A 909 41.29 -8.13 9.69
N THR A 910 41.45 -9.13 8.82
CA THR A 910 42.78 -9.58 8.42
C THR A 910 43.49 -8.43 7.74
N GLU A 911 44.69 -8.09 8.23
CA GLU A 911 45.47 -7.04 7.61
C GLU A 911 45.87 -7.45 6.20
N LEU A 912 45.74 -6.51 5.26
CA LEU A 912 46.13 -6.77 3.88
C LEU A 912 47.64 -6.53 3.73
N LEU A 913 48.38 -7.60 3.51
CA LEU A 913 49.83 -7.52 3.43
C LEU A 913 50.28 -6.84 2.14
N ASP A 914 51.30 -5.99 2.26
CA ASP A 914 51.89 -5.35 1.10
C ASP A 914 52.93 -6.30 0.52
N LEU A 915 52.46 -7.20 -0.35
CA LEU A 915 53.26 -8.25 -0.95
C LEU A 915 53.52 -7.90 -2.41
N GLN A 916 54.63 -8.40 -2.94
CA GLN A 916 54.89 -8.23 -4.36
C GLN A 916 53.77 -8.91 -5.14
N PRO A 917 53.19 -8.24 -6.12
CA PRO A 917 52.15 -8.90 -6.93
C PRO A 917 52.69 -10.21 -7.49
N LEU A 918 51.84 -11.23 -7.45
CA LEU A 918 52.25 -12.58 -7.78
C LEU A 918 52.14 -12.79 -9.28
N PRO A 919 53.22 -13.15 -9.97
CA PRO A 919 53.11 -13.39 -11.41
C PRO A 919 52.36 -14.68 -11.70
N VAL A 920 51.78 -14.76 -12.90
CA VAL A 920 51.08 -15.96 -13.30
C VAL A 920 52.03 -17.16 -13.30
N SER A 921 53.28 -16.96 -13.70
CA SER A 921 54.27 -18.03 -13.70
C SER A 921 54.46 -18.67 -12.32
N ALA A 922 53.88 -18.10 -11.25
CA ALA A 922 54.03 -18.75 -9.95
C ALA A 922 53.29 -20.06 -9.89
N LEU A 923 52.32 -20.29 -10.79
CA LEU A 923 51.66 -21.59 -10.86
C LEU A 923 52.59 -22.74 -11.25
N ARG A 924 53.86 -22.45 -11.60
CA ARG A 924 54.84 -23.40 -12.10
C ARG A 924 54.20 -24.56 -12.86
N ASN A 925 53.49 -24.25 -13.94
CA ASN A 925 52.81 -25.22 -14.79
C ASN A 925 52.29 -24.51 -16.03
N SER A 926 52.88 -24.81 -17.18
CA SER A 926 52.56 -24.02 -18.37
C SER A 926 51.11 -24.21 -18.79
N ALA A 927 50.60 -25.44 -18.73
CA ALA A 927 49.21 -25.69 -19.03
C ALA A 927 48.30 -24.81 -18.16
N PHE A 928 48.53 -24.81 -16.84
CA PHE A 928 47.74 -23.96 -15.96
C PHE A 928 47.95 -22.49 -16.29
N GLU A 929 49.19 -22.08 -16.51
CA GLU A 929 49.46 -20.67 -16.76
C GLU A 929 48.77 -20.20 -18.04
N SER A 930 48.43 -21.10 -18.96
CA SER A 930 47.79 -20.71 -20.21
C SER A 930 46.34 -20.25 -20.03
N LEU A 931 45.77 -20.42 -18.83
CA LEU A 931 44.40 -19.95 -18.58
C LEU A 931 44.35 -18.46 -18.24
N TYR A 932 45.47 -17.86 -17.85
CA TYR A 932 45.48 -16.48 -17.40
C TYR A 932 46.46 -15.59 -18.17
N GLN A 933 47.63 -16.10 -18.55
CA GLN A 933 48.74 -15.23 -18.93
C GLN A 933 48.37 -14.20 -19.98
N ASP A 934 47.34 -14.45 -20.79
CA ASP A 934 46.93 -13.45 -21.76
C ASP A 934 46.15 -12.31 -21.11
N LYS A 935 45.37 -12.63 -20.07
CA LYS A 935 44.41 -11.67 -19.51
C LYS A 935 45.08 -10.66 -18.59
N PHE A 936 46.07 -11.08 -17.79
CA PHE A 936 46.76 -10.17 -16.90
C PHE A 936 48.12 -10.75 -16.53
N PRO A 937 49.10 -9.90 -16.19
CA PRO A 937 50.43 -10.43 -15.83
C PRO A 937 50.56 -10.80 -14.36
N PHE A 938 49.63 -10.33 -13.52
CA PHE A 938 49.74 -10.47 -12.07
C PHE A 938 48.36 -10.63 -11.46
N PHE A 939 48.29 -11.39 -10.38
CA PHE A 939 47.09 -11.48 -9.56
C PHE A 939 46.99 -10.27 -8.63
N ASN A 940 45.77 -9.99 -8.19
CA ASN A 940 45.51 -8.84 -7.33
C ASN A 940 46.06 -9.10 -5.93
N PRO A 941 46.06 -8.10 -5.04
CA PRO A 941 46.66 -8.31 -3.70
C PRO A 941 46.01 -9.43 -2.90
N ILE A 942 44.71 -9.62 -3.03
CA ILE A 942 44.03 -10.65 -2.24
C ILE A 942 44.39 -12.03 -2.76
N GLN A 943 44.32 -12.21 -4.09
CA GLN A 943 44.74 -13.48 -4.68
C GLN A 943 46.18 -13.79 -4.31
N THR A 944 47.04 -12.76 -4.35
CA THR A 944 48.44 -12.90 -3.97
C THR A 944 48.59 -13.37 -2.53
N GLN A 945 47.82 -12.77 -1.61
CA GLN A 945 47.97 -13.11 -0.19
C GLN A 945 47.45 -14.50 0.13
N VAL A 946 46.42 -14.97 -0.59
CA VAL A 946 45.88 -16.30 -0.28
C VAL A 946 46.50 -17.43 -1.11
N PHE A 947 47.30 -17.10 -2.12
CA PHE A 947 47.83 -18.10 -3.04
C PHE A 947 48.52 -19.25 -2.32
N ASN A 948 49.39 -18.94 -1.36
CA ASN A 948 50.18 -20.00 -0.74
C ASN A 948 49.27 -21.02 -0.04
N THR A 949 48.34 -20.55 0.79
CA THR A 949 47.44 -21.47 1.48
C THR A 949 46.55 -22.21 0.50
N VAL A 950 46.12 -21.57 -0.58
CA VAL A 950 45.15 -22.27 -1.42
C VAL A 950 45.84 -23.30 -2.32
N TYR A 951 46.96 -22.90 -2.93
CA TYR A 951 47.65 -23.71 -3.93
C TYR A 951 48.63 -24.71 -3.30
N ASN A 952 49.16 -24.44 -2.11
CA ASN A 952 50.23 -25.25 -1.54
C ASN A 952 49.82 -25.99 -0.27
N SER A 953 48.57 -25.91 0.15
CA SER A 953 48.13 -26.68 1.30
C SER A 953 46.75 -27.22 1.03
N ASP A 954 46.30 -28.13 1.89
CA ASP A 954 44.96 -28.70 1.83
C ASP A 954 44.06 -28.21 2.96
N ASP A 955 44.44 -27.16 3.67
CA ASP A 955 43.60 -26.63 4.72
C ASP A 955 42.30 -26.06 4.16
N ASN A 956 41.19 -26.31 4.87
CA ASN A 956 39.97 -25.57 4.63
C ASN A 956 40.26 -24.08 4.72
N VAL A 957 39.74 -23.31 3.77
CA VAL A 957 40.04 -21.89 3.65
C VAL A 957 38.74 -21.08 3.61
N PHE A 958 38.77 -19.92 4.25
CA PHE A 958 37.74 -18.89 4.12
C PHE A 958 38.36 -17.63 3.54
N VAL A 959 37.77 -17.10 2.47
CA VAL A 959 38.15 -15.81 1.89
C VAL A 959 36.90 -14.92 1.92
N GLY A 960 36.96 -13.87 2.74
CA GLY A 960 35.89 -12.89 2.84
C GLY A 960 36.37 -11.54 2.33
N ALA A 961 35.73 -11.02 1.29
CA ALA A 961 36.14 -9.79 0.65
C ALA A 961 34.97 -9.25 -0.18
N PRO A 962 34.96 -7.95 -0.49
CA PRO A 962 33.83 -7.39 -1.24
C PRO A 962 33.71 -8.02 -2.62
N THR A 963 32.48 -8.14 -3.10
CA THR A 963 32.23 -8.50 -4.49
C THR A 963 33.12 -7.65 -5.40
N GLY A 964 33.69 -8.27 -6.43
CA GLY A 964 34.65 -7.59 -7.27
C GLY A 964 36.11 -7.66 -6.83
N SER A 965 36.45 -8.50 -5.84
CA SER A 965 37.83 -8.65 -5.40
C SER A 965 38.51 -9.88 -5.99
N GLY A 966 37.86 -10.56 -6.94
CA GLY A 966 38.43 -11.72 -7.58
C GLY A 966 38.50 -12.98 -6.73
N LYS A 967 37.44 -13.27 -5.95
CA LYS A 967 37.44 -14.48 -5.13
C LYS A 967 37.37 -15.76 -5.96
N THR A 968 36.76 -15.66 -7.15
CA THR A 968 36.55 -16.86 -7.94
C THR A 968 37.88 -17.48 -8.34
N ILE A 969 38.87 -16.65 -8.65
CA ILE A 969 40.20 -17.13 -8.99
C ILE A 969 40.83 -17.88 -7.82
N CYS A 970 40.57 -17.44 -6.58
CA CYS A 970 41.06 -18.17 -5.41
C CYS A 970 40.54 -19.60 -5.41
N ALA A 971 39.22 -19.74 -5.61
CA ALA A 971 38.68 -21.09 -5.72
C ALA A 971 39.35 -21.85 -6.87
N GLU A 972 39.66 -21.16 -7.97
CA GLU A 972 40.35 -21.79 -9.09
C GLU A 972 41.73 -22.33 -8.66
N PHE A 973 42.45 -21.58 -7.83
CA PHE A 973 43.71 -22.10 -7.29
C PHE A 973 43.46 -23.45 -6.62
N ALA A 974 42.40 -23.55 -5.82
CA ALA A 974 42.12 -24.82 -5.16
C ALA A 974 41.84 -25.93 -6.17
N ILE A 975 41.10 -25.61 -7.24
CA ILE A 975 40.80 -26.62 -8.26
C ILE A 975 42.08 -27.07 -8.97
N LEU A 976 42.99 -26.15 -9.23
CA LEU A 976 44.24 -26.52 -9.90
C LEU A 976 45.09 -27.42 -9.03
N ARG A 977 45.16 -27.12 -7.74
CA ARG A 977 45.83 -28.02 -6.82
C ARG A 977 45.15 -29.40 -6.81
N MET A 978 43.82 -29.42 -6.83
CA MET A 978 43.12 -30.70 -6.91
C MET A 978 43.57 -31.50 -8.12
N LEU A 979 43.64 -30.85 -9.29
CA LEU A 979 44.02 -31.53 -10.52
C LEU A 979 45.48 -32.00 -10.49
N LEU A 980 46.33 -31.37 -9.66
CA LEU A 980 47.70 -31.86 -9.51
C LEU A 980 47.78 -33.09 -8.59
N GLN A 981 47.22 -33.00 -7.39
CA GLN A 981 47.40 -34.10 -6.43
C GLN A 981 46.54 -35.32 -6.77
N SER A 982 45.51 -35.16 -7.60
CA SER A 982 44.58 -36.25 -7.87
C SER A 982 44.24 -36.26 -9.35
N SER A 983 44.40 -37.42 -9.98
CA SER A 983 44.26 -37.51 -11.43
C SER A 983 42.83 -37.22 -11.87
N GLU A 984 41.88 -38.03 -11.39
CA GLU A 984 40.47 -37.80 -11.68
C GLU A 984 39.76 -37.26 -10.44
N GLY A 985 40.34 -36.23 -9.82
CA GLY A 985 39.75 -35.65 -8.63
C GLY A 985 38.41 -34.99 -8.92
N ARG A 986 37.54 -34.98 -7.92
CA ARG A 986 36.22 -34.40 -8.10
C ARG A 986 36.05 -33.18 -7.19
N CYS A 987 35.66 -32.08 -7.81
CA CYS A 987 35.29 -30.85 -7.12
C CYS A 987 33.83 -30.56 -7.37
N VAL A 988 33.10 -30.25 -6.30
CA VAL A 988 31.73 -29.75 -6.37
C VAL A 988 31.74 -28.29 -5.96
N TYR A 989 31.14 -27.43 -6.79
CA TYR A 989 31.10 -26.00 -6.59
C TYR A 989 29.66 -25.56 -6.46
N ILE A 990 29.35 -24.88 -5.35
CA ILE A 990 28.02 -24.39 -5.03
C ILE A 990 28.01 -22.87 -5.09
N THR A 991 27.00 -22.32 -5.77
CA THR A 991 26.70 -20.91 -5.71
C THR A 991 25.19 -20.78 -5.53
N PRO A 992 24.73 -19.75 -4.80
CA PRO A 992 23.32 -19.76 -4.37
C PRO A 992 22.31 -19.38 -5.45
N MET A 993 22.70 -18.77 -6.56
CA MET A 993 21.78 -18.28 -7.58
C MET A 993 22.00 -18.99 -8.90
N GLU A 994 20.91 -19.37 -9.56
CA GLU A 994 21.04 -20.12 -10.81
C GLU A 994 21.76 -19.32 -11.89
N ALA A 995 21.56 -18.00 -11.92
CA ALA A 995 22.21 -17.20 -12.97
C ALA A 995 23.72 -17.15 -12.77
N LEU A 996 24.18 -17.05 -11.52
CA LEU A 996 25.60 -17.21 -11.21
C LEU A 996 26.12 -18.56 -11.68
N ALA A 997 25.39 -19.64 -11.38
CA ALA A 997 25.84 -20.97 -11.81
C ALA A 997 26.05 -21.02 -13.31
N GLU A 998 25.12 -20.46 -14.08
CA GLU A 998 25.26 -20.45 -15.53
C GLU A 998 26.50 -19.65 -15.98
N GLN A 999 26.72 -18.48 -15.38
CA GLN A 999 27.92 -17.70 -15.73
C GLN A 999 29.20 -18.48 -15.45
N VAL A 1000 29.30 -19.04 -14.24
CA VAL A 1000 30.51 -19.77 -13.84
C VAL A 1000 30.73 -20.99 -14.72
N TYR A 1001 29.63 -21.63 -15.15
CA TYR A 1001 29.75 -22.77 -16.05
C TYR A 1001 30.30 -22.34 -17.40
N MET A 1002 29.83 -21.21 -17.92
CA MET A 1002 30.37 -20.74 -19.21
C MET A 1002 31.85 -20.41 -19.10
N ASP A 1003 32.30 -19.83 -17.99
CA ASP A 1003 33.73 -19.55 -17.86
C ASP A 1003 34.55 -20.82 -17.62
N TRP A 1004 34.09 -21.70 -16.73
CA TRP A 1004 34.90 -22.83 -16.31
C TRP A 1004 34.90 -23.98 -17.31
N TYR A 1005 33.83 -24.15 -18.09
CA TYR A 1005 33.88 -25.06 -19.23
C TYR A 1005 35.02 -24.68 -20.17
N GLU A 1006 35.18 -23.39 -20.41
CA GLU A 1006 36.26 -22.92 -21.28
C GLU A 1006 37.63 -23.14 -20.65
N LYS A 1007 37.77 -22.82 -19.36
CA LYS A 1007 39.08 -22.96 -18.74
C LYS A 1007 39.49 -24.43 -18.59
N PHE A 1008 38.63 -25.26 -18.01
CA PHE A 1008 39.05 -26.57 -17.51
C PHE A 1008 38.71 -27.72 -18.45
N GLN A 1009 37.74 -27.55 -19.35
CA GLN A 1009 37.46 -28.54 -20.38
C GLN A 1009 38.10 -28.15 -21.71
N ASP A 1010 37.72 -26.99 -22.26
CA ASP A 1010 38.28 -26.54 -23.53
C ASP A 1010 39.80 -26.42 -23.48
N ARG A 1011 40.37 -26.11 -22.32
CA ARG A 1011 41.78 -25.77 -22.23
C ARG A 1011 42.58 -26.66 -21.28
N LEU A 1012 41.94 -27.50 -20.49
CA LEU A 1012 42.66 -28.50 -19.70
C LEU A 1012 42.12 -29.91 -19.90
N ASN A 1013 41.12 -30.08 -20.76
CA ASN A 1013 40.57 -31.40 -21.11
C ASN A 1013 40.19 -32.19 -19.86
N LYS A 1014 39.44 -31.52 -18.99
CA LYS A 1014 38.69 -32.14 -17.90
C LYS A 1014 37.20 -32.00 -18.23
N LYS A 1015 36.35 -32.53 -17.36
CA LYS A 1015 34.92 -32.51 -17.58
C LYS A 1015 34.28 -31.51 -16.62
N VAL A 1016 33.59 -30.51 -17.18
CA VAL A 1016 32.87 -29.50 -16.41
C VAL A 1016 31.38 -29.68 -16.70
N VAL A 1017 30.56 -29.77 -15.63
CA VAL A 1017 29.14 -30.07 -15.77
C VAL A 1017 28.31 -29.13 -14.91
N LEU A 1018 27.10 -28.86 -15.35
CA LEU A 1018 26.18 -27.95 -14.69
C LEU A 1018 24.93 -28.73 -14.29
N LEU A 1019 24.71 -28.91 -12.98
CA LEU A 1019 23.56 -29.69 -12.55
C LEU A 1019 22.27 -29.00 -13.00
N THR A 1020 21.28 -29.82 -13.35
CA THR A 1020 20.09 -29.37 -14.07
C THR A 1020 18.84 -29.31 -13.21
N GLY A 1021 18.75 -30.10 -12.16
CA GLY A 1021 17.52 -30.23 -11.42
C GLY A 1021 16.72 -31.47 -11.77
N GLU A 1022 17.13 -32.19 -12.82
CA GLU A 1022 16.64 -33.54 -13.11
C GLU A 1022 17.61 -34.54 -12.50
N THR A 1023 17.08 -35.54 -11.80
CA THR A 1023 17.88 -36.23 -10.79
C THR A 1023 18.93 -37.15 -11.43
N SER A 1024 18.52 -38.03 -12.35
CA SER A 1024 19.47 -39.03 -12.87
C SER A 1024 20.48 -38.41 -13.82
N THR A 1025 20.05 -37.43 -14.62
CA THR A 1025 20.98 -36.57 -15.36
C THR A 1025 22.11 -36.14 -14.44
N ASP A 1026 21.73 -35.41 -13.38
CA ASP A 1026 22.70 -34.87 -12.43
C ASP A 1026 23.55 -35.96 -11.78
N LEU A 1027 22.96 -37.14 -11.55
CA LEU A 1027 23.69 -38.24 -10.92
C LEU A 1027 24.80 -38.78 -11.83
N LYS A 1028 24.58 -38.78 -13.15
CA LYS A 1028 25.68 -39.21 -14.03
C LYS A 1028 26.67 -38.08 -14.30
N LEU A 1029 26.18 -36.83 -14.37
CA LEU A 1029 27.09 -35.68 -14.43
C LEU A 1029 28.06 -35.71 -13.25
N LEU A 1030 27.58 -36.11 -12.08
CA LEU A 1030 28.42 -36.18 -10.90
C LEU A 1030 29.53 -37.21 -11.05
N GLY A 1031 29.28 -38.29 -11.79
CA GLY A 1031 30.30 -39.30 -12.00
C GLY A 1031 31.30 -38.92 -13.08
N LYS A 1032 30.80 -38.30 -14.16
CA LYS A 1032 31.68 -37.89 -15.24
C LYS A 1032 32.61 -36.76 -14.81
N GLY A 1033 32.05 -35.67 -14.26
CA GLY A 1033 32.77 -34.43 -14.20
C GLY A 1033 33.89 -34.42 -13.18
N ASN A 1034 34.86 -33.53 -13.40
CA ASN A 1034 35.79 -33.16 -12.37
C ASN A 1034 35.46 -31.81 -11.75
N ILE A 1035 34.54 -31.04 -12.35
CA ILE A 1035 34.01 -29.82 -11.76
C ILE A 1035 32.50 -29.83 -11.96
N ILE A 1036 31.76 -30.04 -10.86
CA ILE A 1036 30.31 -30.11 -10.85
C ILE A 1036 29.78 -28.81 -10.27
N ILE A 1037 29.07 -28.03 -11.08
CA ILE A 1037 28.55 -26.73 -10.66
C ILE A 1037 27.07 -26.90 -10.33
N SER A 1038 26.66 -26.39 -9.16
CA SER A 1038 25.30 -26.61 -8.70
C SER A 1038 24.83 -25.44 -7.84
N THR A 1039 23.54 -25.16 -7.91
CA THR A 1039 22.85 -24.37 -6.89
C THR A 1039 22.53 -25.27 -5.70
N PRO A 1040 22.08 -24.69 -4.57
CA PRO A 1040 22.06 -25.49 -3.34
C PRO A 1040 21.04 -26.61 -3.31
N GLU A 1041 19.80 -26.38 -3.77
CA GLU A 1041 18.78 -27.40 -3.62
C GLU A 1041 19.07 -28.61 -4.52
N LYS A 1042 19.67 -28.36 -5.69
CA LYS A 1042 20.08 -29.45 -6.59
C LYS A 1042 21.17 -30.32 -5.98
N TRP A 1043 22.03 -29.74 -5.13
CA TRP A 1043 23.00 -30.56 -4.44
C TRP A 1043 22.43 -31.18 -3.16
N ASP A 1044 21.45 -30.52 -2.56
CA ASP A 1044 20.78 -31.08 -1.37
C ASP A 1044 20.15 -32.42 -1.69
N ILE A 1045 19.38 -32.47 -2.78
CA ILE A 1045 18.68 -33.73 -3.06
C ILE A 1045 19.68 -34.86 -3.32
N LEU A 1046 20.79 -34.56 -3.99
CA LEU A 1046 21.79 -35.60 -4.23
C LEU A 1046 22.51 -36.01 -2.95
N SER A 1047 22.96 -35.03 -2.15
CA SER A 1047 23.83 -35.37 -1.03
C SER A 1047 23.08 -35.97 0.15
N ARG A 1048 21.75 -35.81 0.21
CA ARG A 1048 21.00 -36.61 1.18
C ARG A 1048 21.34 -38.09 1.07
N ARG A 1049 21.51 -38.59 -0.16
CA ARG A 1049 21.70 -40.01 -0.43
C ARG A 1049 23.16 -40.43 -0.35
N TRP A 1050 23.96 -39.75 0.47
CA TRP A 1050 25.41 -39.95 0.38
C TRP A 1050 25.84 -41.33 0.87
N LYS A 1051 25.13 -41.92 1.83
CA LYS A 1051 25.49 -43.24 2.32
C LYS A 1051 25.36 -44.28 1.22
N GLN A 1052 24.36 -44.13 0.35
CA GLN A 1052 24.16 -45.02 -0.78
C GLN A 1052 24.92 -44.60 -2.03
N ARG A 1053 25.39 -43.36 -2.10
CA ARG A 1053 26.02 -42.83 -3.30
C ARG A 1053 27.51 -42.61 -3.01
N LYS A 1054 28.37 -43.43 -3.61
CA LYS A 1054 29.80 -43.27 -3.39
C LYS A 1054 30.31 -41.99 -4.03
N ASN A 1055 29.73 -41.59 -5.16
CA ASN A 1055 30.18 -40.41 -5.88
C ASN A 1055 29.90 -39.10 -5.14
N VAL A 1056 29.22 -39.14 -4.00
CA VAL A 1056 29.08 -37.95 -3.17
C VAL A 1056 30.16 -37.90 -2.09
N GLN A 1057 30.50 -39.03 -1.50
CA GLN A 1057 31.52 -39.01 -0.44
C GLN A 1057 32.93 -38.94 -1.00
N ASN A 1058 33.15 -39.37 -2.24
CA ASN A 1058 34.49 -39.36 -2.81
C ASN A 1058 34.86 -38.02 -3.43
N ILE A 1059 34.12 -36.95 -3.09
CA ILE A 1059 34.50 -35.61 -3.49
C ILE A 1059 35.82 -35.22 -2.84
N ASN A 1060 36.70 -34.63 -3.64
CA ASN A 1060 37.98 -34.09 -3.16
C ASN A 1060 37.86 -32.69 -2.58
N LEU A 1061 37.13 -31.82 -3.28
CA LEU A 1061 37.08 -30.39 -3.00
C LEU A 1061 35.64 -29.91 -3.10
N PHE A 1062 35.17 -29.22 -2.06
CA PHE A 1062 33.84 -28.62 -2.02
C PHE A 1062 34.02 -27.10 -1.86
N VAL A 1063 33.60 -26.34 -2.86
CA VAL A 1063 33.71 -24.89 -2.85
C VAL A 1063 32.30 -24.32 -2.74
N VAL A 1064 32.13 -23.37 -1.82
CA VAL A 1064 30.86 -22.66 -1.67
C VAL A 1064 31.11 -21.16 -1.87
N ASP A 1065 30.44 -20.57 -2.85
CA ASP A 1065 30.54 -19.17 -3.20
C ASP A 1065 29.38 -18.37 -2.60
N GLU A 1066 29.61 -17.07 -2.37
CA GLU A 1066 28.61 -16.15 -1.82
C GLU A 1066 27.96 -16.72 -0.56
N VAL A 1067 28.79 -17.32 0.30
CA VAL A 1067 28.28 -18.07 1.45
C VAL A 1067 27.64 -17.16 2.49
N HIS A 1068 27.87 -15.84 2.41
CA HIS A 1068 27.14 -14.94 3.29
C HIS A 1068 25.64 -14.97 3.04
N LEU A 1069 25.20 -15.51 1.89
CA LEU A 1069 23.76 -15.68 1.68
C LEU A 1069 23.19 -16.79 2.55
N ILE A 1070 23.98 -17.45 3.39
CA ILE A 1070 23.35 -18.26 4.45
C ILE A 1070 22.43 -17.42 5.30
N GLY A 1071 22.65 -16.09 5.35
CA GLY A 1071 21.80 -15.22 6.14
C GLY A 1071 20.55 -14.74 5.44
N GLY A 1072 20.43 -15.00 4.14
CA GLY A 1072 19.33 -14.51 3.35
C GLY A 1072 18.19 -15.51 3.29
N GLU A 1073 17.26 -15.23 2.36
CA GLU A 1073 15.98 -15.91 2.36
C GLU A 1073 16.12 -17.41 2.14
N ASN A 1074 16.95 -17.83 1.21
CA ASN A 1074 17.14 -19.25 0.94
C ASN A 1074 18.38 -19.81 1.63
N GLY A 1075 18.87 -19.12 2.65
CA GLY A 1075 20.02 -19.53 3.40
C GLY A 1075 20.00 -20.91 4.06
N PRO A 1076 18.85 -21.37 4.57
CA PRO A 1076 18.90 -22.67 5.29
C PRO A 1076 19.41 -23.84 4.47
N VAL A 1077 19.01 -24.00 3.21
CA VAL A 1077 19.52 -25.14 2.43
C VAL A 1077 21.03 -25.00 2.20
N LEU A 1078 21.53 -23.78 2.04
CA LEU A 1078 22.97 -23.61 1.90
C LEU A 1078 23.68 -24.06 3.18
N GLU A 1079 23.17 -23.62 4.33
CA GLU A 1079 23.78 -24.01 5.60
C GLU A 1079 23.71 -25.52 5.80
N VAL A 1080 22.59 -26.14 5.38
CA VAL A 1080 22.43 -27.56 5.62
C VAL A 1080 23.43 -28.36 4.80
N ILE A 1081 23.60 -28.02 3.52
CA ILE A 1081 24.51 -28.84 2.72
C ILE A 1081 25.97 -28.58 3.11
N CYS A 1082 26.31 -27.36 3.54
CA CYS A 1082 27.67 -27.16 4.05
C CYS A 1082 27.91 -27.97 5.34
N SER A 1083 26.95 -27.95 6.27
CA SER A 1083 27.08 -28.77 7.48
C SER A 1083 27.19 -30.25 7.13
N ARG A 1084 26.45 -30.68 6.09
CA ARG A 1084 26.51 -32.07 5.70
C ARG A 1084 27.89 -32.43 5.14
N MET A 1085 28.45 -31.58 4.27
CA MET A 1085 29.78 -31.86 3.76
C MET A 1085 30.78 -32.04 4.89
N ARG A 1086 30.66 -31.22 5.94
CA ARG A 1086 31.55 -31.41 7.08
C ARG A 1086 31.31 -32.76 7.77
N TYR A 1087 30.04 -33.09 8.00
CA TYR A 1087 29.73 -34.33 8.72
C TYR A 1087 30.20 -35.56 7.94
N ILE A 1088 29.90 -35.61 6.63
CA ILE A 1088 30.40 -36.67 5.77
C ILE A 1088 31.92 -36.74 5.81
N SER A 1089 32.58 -35.58 5.75
CA SER A 1089 34.04 -35.57 5.83
C SER A 1089 34.53 -36.28 7.07
N SER A 1090 33.91 -36.00 8.22
CA SER A 1090 34.35 -36.60 9.48
C SER A 1090 34.04 -38.09 9.53
N GLN A 1091 32.94 -38.52 8.89
CA GLN A 1091 32.60 -39.94 8.87
C GLN A 1091 33.60 -40.74 8.02
N ILE A 1092 33.72 -40.40 6.74
CA ILE A 1092 34.56 -41.16 5.84
C ILE A 1092 36.03 -41.08 6.23
N GLU A 1093 36.40 -40.11 7.07
CA GLU A 1093 37.76 -39.94 7.60
C GLU A 1093 38.82 -39.82 6.50
N ARG A 1094 38.41 -39.44 5.29
CA ARG A 1094 39.31 -39.07 4.19
C ARG A 1094 38.92 -37.63 3.83
N PRO A 1095 39.55 -36.63 4.46
CA PRO A 1095 38.93 -35.30 4.56
C PRO A 1095 38.63 -34.66 3.22
N ILE A 1096 37.41 -34.14 3.10
CA ILE A 1096 37.01 -33.32 1.97
C ILE A 1096 37.43 -31.90 2.26
N ARG A 1097 38.23 -31.31 1.38
CA ARG A 1097 38.64 -29.93 1.58
C ARG A 1097 37.50 -28.99 1.26
N ILE A 1098 37.39 -27.92 2.03
CA ILE A 1098 36.33 -26.93 1.84
C ILE A 1098 36.96 -25.55 1.65
N VAL A 1099 36.56 -24.89 0.57
CA VAL A 1099 36.88 -23.48 0.37
C VAL A 1099 35.57 -22.69 0.38
N ALA A 1100 35.52 -21.62 1.19
CA ALA A 1100 34.34 -20.77 1.32
C ALA A 1100 34.70 -19.35 0.91
N LEU A 1101 33.94 -18.81 -0.04
CA LEU A 1101 34.10 -17.44 -0.51
C LEU A 1101 32.89 -16.63 -0.08
N SER A 1102 33.12 -15.35 0.25
CA SER A 1102 32.07 -14.55 0.87
C SER A 1102 32.39 -13.07 0.73
N SER A 1103 31.33 -12.23 0.74
CA SER A 1103 31.51 -10.81 0.96
C SER A 1103 32.00 -10.60 2.39
N SER A 1104 32.50 -9.39 2.65
CA SER A 1104 33.07 -9.09 3.96
C SER A 1104 32.04 -9.32 5.05
N LEU A 1105 32.44 -10.12 6.03
CA LEU A 1105 31.61 -10.47 7.17
C LEU A 1105 32.23 -9.93 8.44
N SER A 1106 31.42 -9.29 9.27
CA SER A 1106 31.90 -8.95 10.60
C SER A 1106 32.14 -10.19 11.44
N ASN A 1107 31.30 -11.21 11.31
CA ASN A 1107 31.47 -12.45 12.08
C ASN A 1107 32.01 -13.57 11.21
N ALA A 1108 33.05 -13.26 10.42
CA ALA A 1108 33.70 -14.25 9.56
C ALA A 1108 34.26 -15.41 10.37
N LYS A 1109 34.81 -15.12 11.55
CA LYS A 1109 35.43 -16.18 12.34
C LYS A 1109 34.43 -17.29 12.68
N ASP A 1110 33.14 -16.95 12.81
CA ASP A 1110 32.13 -17.97 13.10
C ASP A 1110 31.88 -18.88 11.90
N VAL A 1111 31.80 -18.31 10.70
CA VAL A 1111 31.65 -19.13 9.50
C VAL A 1111 32.86 -20.04 9.33
N ALA A 1112 34.05 -19.47 9.51
CA ALA A 1112 35.27 -20.22 9.32
C ALA A 1112 35.36 -21.38 10.32
N HIS A 1113 35.06 -21.11 11.59
CA HIS A 1113 35.10 -22.16 12.60
C HIS A 1113 34.09 -23.26 12.28
N TRP A 1114 32.87 -22.86 11.89
CA TRP A 1114 31.83 -23.81 11.48
C TRP A 1114 32.30 -24.71 10.34
N LEU A 1115 33.03 -24.15 9.37
CA LEU A 1115 33.54 -24.93 8.26
C LEU A 1115 34.96 -25.48 8.51
N GLY A 1116 35.47 -25.38 9.73
CA GLY A 1116 36.76 -25.96 10.08
C GLY A 1116 37.94 -25.29 9.42
N CYS A 1117 37.97 -23.97 9.45
CA CYS A 1117 39.05 -23.20 8.85
C CYS A 1117 39.99 -22.70 9.94
N SER A 1118 41.26 -23.07 9.83
CA SER A 1118 42.27 -22.53 10.72
C SER A 1118 42.29 -21.00 10.66
N ALA A 1119 42.58 -20.37 11.80
CA ALA A 1119 42.59 -18.90 11.86
C ALA A 1119 43.58 -18.32 10.86
N THR A 1120 44.73 -18.97 10.67
CA THR A 1120 45.65 -18.56 9.62
C THR A 1120 45.09 -18.83 8.23
N SER A 1121 44.13 -19.74 8.11
CA SER A 1121 43.51 -20.06 6.83
C SER A 1121 42.23 -19.25 6.57
N THR A 1122 41.84 -18.35 7.46
CA THR A 1122 40.68 -17.51 7.23
C THR A 1122 41.15 -16.09 6.91
N PHE A 1123 40.81 -15.62 5.73
CA PHE A 1123 41.13 -14.28 5.28
C PHE A 1123 39.84 -13.47 5.36
N ASN A 1124 39.77 -12.60 6.35
CA ASN A 1124 38.57 -11.88 6.73
C ASN A 1124 38.83 -10.41 6.42
N PHE A 1125 38.67 -10.04 5.16
CA PHE A 1125 38.91 -8.68 4.70
C PHE A 1125 37.62 -7.89 4.78
N HIS A 1126 37.76 -6.60 5.02
CA HIS A 1126 36.65 -5.67 5.13
C HIS A 1126 36.63 -4.78 3.88
N PRO A 1127 35.57 -3.99 3.67
CA PRO A 1127 35.39 -3.35 2.35
C PRO A 1127 36.52 -2.43 1.88
N ASN A 1128 37.30 -1.85 2.80
CA ASN A 1128 38.36 -0.91 2.44
C ASN A 1128 39.41 -1.51 1.50
N VAL A 1129 39.50 -2.84 1.41
CA VAL A 1129 40.58 -3.49 0.67
C VAL A 1129 40.18 -3.87 -0.75
N ARG A 1130 39.05 -3.41 -1.24
CA ARG A 1130 38.67 -3.77 -2.59
C ARG A 1130 39.74 -3.29 -3.58
N PRO A 1131 40.22 -4.15 -4.48
CA PRO A 1131 41.32 -3.75 -5.39
C PRO A 1131 41.05 -2.48 -6.18
N VAL A 1132 39.89 -2.40 -6.83
CA VAL A 1132 39.44 -1.16 -7.48
C VAL A 1132 38.68 -0.35 -6.45
N PRO A 1133 39.25 0.72 -5.90
CA PRO A 1133 38.57 1.52 -4.86
C PRO A 1133 37.12 1.84 -5.21
N LEU A 1134 36.23 1.70 -4.22
CA LEU A 1134 34.82 2.06 -4.38
C LEU A 1134 34.54 3.39 -3.70
N GLU A 1135 34.11 4.38 -4.49
CA GLU A 1135 33.62 5.67 -3.98
C GLU A 1135 32.08 5.59 -3.95
N LEU A 1136 31.52 5.59 -2.75
CA LEU A 1136 30.10 5.31 -2.56
C LEU A 1136 29.41 6.53 -1.98
N HIS A 1137 28.31 6.95 -2.61
CA HIS A 1137 27.50 8.08 -2.19
C HIS A 1137 26.07 7.63 -1.94
N ILE A 1138 25.51 8.02 -0.80
CA ILE A 1138 24.14 7.69 -0.43
C ILE A 1138 23.37 8.99 -0.37
N GLN A 1139 22.38 9.16 -1.25
CA GLN A 1139 21.55 10.37 -1.31
C GLN A 1139 20.19 10.07 -0.73
N GLY A 1140 19.76 10.84 0.27
CA GLY A 1140 18.47 10.62 0.89
C GLY A 1140 17.42 11.46 0.20
N PHE A 1141 16.21 10.89 0.08
CA PHE A 1141 15.09 11.58 -0.57
C PHE A 1141 13.90 11.53 0.37
N ASN A 1142 13.37 12.71 0.67
CA ASN A 1142 12.41 12.96 1.74
C ASN A 1142 10.98 12.52 1.42
N ILE A 1143 10.67 12.14 0.21
CA ILE A 1143 9.27 11.96 -0.17
C ILE A 1143 8.84 10.55 0.18
N SER A 1144 7.71 10.43 0.86
CA SER A 1144 7.22 9.16 1.40
C SER A 1144 6.32 8.39 0.44
N HIS A 1145 5.91 9.02 -0.65
CA HIS A 1145 5.05 8.41 -1.65
C HIS A 1145 5.92 8.00 -2.83
N THR A 1146 5.86 6.71 -3.20
CA THR A 1146 6.91 6.10 -4.00
C THR A 1146 6.98 6.70 -5.41
N GLN A 1147 5.84 6.79 -6.10
CA GLN A 1147 5.83 7.35 -7.45
C GLN A 1147 6.41 8.76 -7.45
N THR A 1148 6.01 9.58 -6.47
CA THR A 1148 6.53 10.94 -6.40
C THR A 1148 8.02 10.95 -6.07
N ARG A 1149 8.48 10.01 -5.24
CA ARG A 1149 9.90 9.99 -4.89
C ARG A 1149 10.73 9.57 -6.10
N LEU A 1150 10.25 8.57 -6.85
CA LEU A 1150 10.91 8.21 -8.11
C LEU A 1150 11.00 9.41 -9.04
N LEU A 1151 9.91 10.19 -9.11
CA LEU A 1151 9.96 11.43 -9.88
C LEU A 1151 11.09 12.35 -9.39
N SER A 1152 11.17 12.58 -8.08
CA SER A 1152 12.23 13.45 -7.58
C SER A 1152 13.63 12.88 -7.83
N MET A 1153 13.74 11.58 -8.12
CA MET A 1153 15.06 11.02 -8.42
C MET A 1153 15.44 11.14 -9.89
N ALA A 1154 14.47 11.38 -10.76
CA ALA A 1154 14.72 11.30 -12.20
C ALA A 1154 15.88 12.20 -12.65
N LYS A 1155 15.80 13.50 -12.40
CA LYS A 1155 16.92 14.39 -12.78
C LYS A 1155 18.20 14.06 -12.03
N PRO A 1156 18.20 13.87 -10.71
CA PRO A 1156 19.45 13.46 -10.03
C PRO A 1156 20.16 12.29 -10.71
N VAL A 1157 19.43 11.33 -11.29
CA VAL A 1157 20.08 10.26 -12.04
C VAL A 1157 20.95 10.83 -13.15
N TYR A 1158 20.36 11.69 -13.99
CA TYR A 1158 21.13 12.31 -15.06
C TYR A 1158 22.33 13.11 -14.51
N HIS A 1159 22.10 13.93 -13.49
CA HIS A 1159 23.18 14.73 -12.92
C HIS A 1159 24.30 13.86 -12.35
N ALA A 1160 23.94 12.70 -11.79
CA ALA A 1160 24.93 11.77 -11.28
C ALA A 1160 25.77 11.21 -12.40
N ILE A 1161 25.14 10.90 -13.53
CA ILE A 1161 25.92 10.45 -14.69
C ILE A 1161 26.93 11.51 -15.11
N THR A 1162 26.46 12.74 -15.33
CA THR A 1162 27.38 13.75 -15.85
C THR A 1162 28.47 14.10 -14.83
N LYS A 1163 28.19 13.97 -13.53
CA LYS A 1163 29.22 14.31 -12.54
C LYS A 1163 30.19 13.18 -12.29
N HIS A 1164 29.71 11.94 -12.15
CA HIS A 1164 30.57 10.84 -11.77
C HIS A 1164 30.99 9.97 -12.94
N SER A 1165 30.23 9.95 -14.04
CA SER A 1165 30.69 9.13 -15.15
C SER A 1165 30.29 9.72 -16.49
N PRO A 1166 30.76 10.93 -16.83
CA PRO A 1166 30.33 11.56 -18.08
C PRO A 1166 30.76 10.81 -19.32
N LYS A 1167 31.84 10.05 -19.27
CA LYS A 1167 32.30 9.29 -20.43
C LYS A 1167 32.26 7.79 -20.25
N LYS A 1168 32.24 7.31 -19.03
CA LYS A 1168 32.42 5.89 -18.81
C LYS A 1168 31.10 5.20 -18.53
N PRO A 1169 31.03 3.89 -18.77
CA PRO A 1169 29.73 3.18 -18.78
C PRO A 1169 28.99 3.21 -17.44
N VAL A 1170 27.66 3.32 -17.53
CA VAL A 1170 26.78 3.48 -16.37
C VAL A 1170 25.69 2.41 -16.40
N ILE A 1171 25.49 1.75 -15.26
CA ILE A 1171 24.33 0.89 -15.04
C ILE A 1171 23.40 1.58 -14.06
N VAL A 1172 22.11 1.65 -14.40
CA VAL A 1172 21.10 2.19 -13.51
C VAL A 1172 20.16 1.05 -13.13
N PHE A 1173 20.06 0.76 -11.84
CA PHE A 1173 19.12 -0.26 -11.37
C PHE A 1173 17.85 0.42 -10.91
N VAL A 1174 16.71 -0.10 -11.36
CA VAL A 1174 15.42 0.51 -11.06
C VAL A 1174 14.49 -0.58 -10.53
N PRO A 1175 13.44 -0.20 -9.80
CA PRO A 1175 12.67 -1.21 -9.04
C PRO A 1175 11.83 -2.16 -9.89
N SER A 1176 11.52 -1.85 -11.14
CA SER A 1176 10.53 -2.65 -11.85
C SER A 1176 10.80 -2.62 -13.33
N ARG A 1177 10.24 -3.63 -14.02
CA ARG A 1177 10.29 -3.72 -15.47
C ARG A 1177 9.81 -2.44 -16.12
N LYS A 1178 8.62 -1.99 -15.71
CA LYS A 1178 8.05 -0.78 -16.30
C LYS A 1178 9.00 0.40 -16.16
N GLN A 1179 9.67 0.51 -15.00
CA GLN A 1179 10.48 1.69 -14.74
C GLN A 1179 11.74 1.74 -15.62
N THR A 1180 12.21 0.60 -16.13
CA THR A 1180 13.43 0.59 -16.93
C THR A 1180 13.30 1.46 -18.18
N ARG A 1181 12.21 1.28 -18.93
CA ARG A 1181 12.07 2.06 -20.15
C ARG A 1181 11.73 3.51 -19.82
N LEU A 1182 10.88 3.74 -18.81
CA LEU A 1182 10.57 5.10 -18.39
C LEU A 1182 11.82 5.88 -18.04
N THR A 1183 12.74 5.28 -17.30
CA THR A 1183 13.95 5.97 -16.93
C THR A 1183 14.90 6.12 -18.12
N ALA A 1184 14.98 5.10 -18.99
CA ALA A 1184 15.80 5.27 -20.19
C ALA A 1184 15.33 6.46 -21.01
N ILE A 1185 14.02 6.60 -21.17
CA ILE A 1185 13.48 7.70 -21.95
C ILE A 1185 13.74 9.01 -21.24
N ASP A 1186 13.59 9.03 -19.91
CA ASP A 1186 13.78 10.26 -19.17
C ASP A 1186 15.22 10.73 -19.24
N ILE A 1187 16.17 9.81 -19.04
CA ILE A 1187 17.59 10.13 -19.21
C ILE A 1187 17.81 10.75 -20.58
N LEU A 1188 17.22 10.17 -21.63
CA LEU A 1188 17.40 10.72 -22.97
C LEU A 1188 16.81 12.13 -23.10
N THR A 1189 15.62 12.34 -22.55
CA THR A 1189 15.02 13.66 -22.60
C THR A 1189 15.93 14.69 -21.97
N THR A 1190 16.43 14.37 -20.77
CA THR A 1190 17.30 15.30 -20.07
C THR A 1190 18.59 15.54 -20.85
N CYS A 1191 19.11 14.50 -21.52
CA CYS A 1191 20.30 14.65 -22.34
C CYS A 1191 20.04 15.61 -23.51
N ALA A 1192 18.90 15.46 -24.17
CA ALA A 1192 18.56 16.35 -25.27
C ALA A 1192 18.54 17.81 -24.83
N ALA A 1193 18.00 18.09 -23.64
CA ALA A 1193 17.87 19.45 -23.15
C ALA A 1193 19.06 19.91 -22.31
N ASP A 1194 20.16 19.16 -22.29
CA ASP A 1194 21.38 19.56 -21.61
C ASP A 1194 22.25 20.34 -22.59
N ILE A 1195 22.45 21.64 -22.31
CA ILE A 1195 23.22 22.49 -23.21
C ILE A 1195 24.68 22.06 -23.27
N GLN A 1196 25.22 21.55 -22.16
CA GLN A 1196 26.60 21.08 -22.13
C GLN A 1196 26.86 19.98 -23.15
N ARG A 1197 25.80 19.36 -23.69
CA ARG A 1197 25.89 18.37 -24.75
C ARG A 1197 26.69 17.14 -24.33
N GLN A 1198 26.03 16.19 -23.69
CA GLN A 1198 26.62 14.89 -23.46
C GLN A 1198 26.08 13.90 -24.49
N ARG A 1199 26.86 12.84 -24.73
CA ARG A 1199 26.45 11.83 -25.68
C ARG A 1199 26.76 10.44 -25.14
N PHE A 1200 25.84 9.51 -25.38
CA PHE A 1200 25.94 8.16 -24.88
C PHE A 1200 26.13 7.14 -26.00
N LEU A 1201 25.96 7.54 -27.26
CA LEU A 1201 26.16 6.66 -28.41
C LEU A 1201 27.57 6.87 -28.93
N HIS A 1202 28.38 5.81 -28.86
CA HIS A 1202 29.77 5.89 -29.29
C HIS A 1202 30.03 5.04 -30.54
N CYS A 1203 28.98 4.50 -31.14
CA CYS A 1203 28.96 4.05 -32.53
C CYS A 1203 28.24 5.09 -33.38
N THR A 1204 28.35 4.94 -34.69
CA THR A 1204 27.54 5.73 -35.61
C THR A 1204 26.22 5.03 -35.86
N GLU A 1205 25.27 5.76 -36.46
CA GLU A 1205 23.95 5.17 -36.73
C GLU A 1205 24.05 3.96 -37.65
N LYS A 1206 24.97 4.03 -38.64
CA LYS A 1206 25.17 2.93 -39.56
C LYS A 1206 25.59 1.66 -38.83
N ASP A 1207 26.47 1.78 -37.84
CA ASP A 1207 26.92 0.61 -37.11
C ASP A 1207 25.78 -0.04 -36.35
N LEU A 1208 24.87 0.76 -35.81
CA LEU A 1208 23.80 0.22 -34.98
C LEU A 1208 22.63 -0.35 -35.79
N ILE A 1209 22.45 0.09 -37.03
CA ILE A 1209 21.35 -0.38 -37.88
C ILE A 1209 21.17 -1.90 -37.93
N PRO A 1210 22.22 -2.70 -38.20
CA PRO A 1210 22.01 -4.16 -38.23
C PRO A 1210 21.56 -4.70 -36.88
N TYR A 1211 22.22 -4.29 -35.81
CA TYR A 1211 21.77 -4.69 -34.47
C TYR A 1211 20.33 -4.24 -34.25
N LEU A 1212 20.02 -3.00 -34.65
CA LEU A 1212 18.68 -2.46 -34.50
C LEU A 1212 17.62 -3.41 -35.05
N GLU A 1213 17.88 -3.98 -36.24
CA GLU A 1213 16.87 -4.82 -36.87
C GLU A 1213 16.58 -6.09 -36.09
N LYS A 1214 17.57 -6.62 -35.36
CA LYS A 1214 17.38 -7.86 -34.62
C LYS A 1214 16.48 -7.65 -33.39
N LEU A 1215 15.52 -6.73 -33.46
CA LEU A 1215 14.71 -6.39 -32.32
C LEU A 1215 13.25 -6.25 -32.70
N SER A 1216 12.37 -6.46 -31.71
CA SER A 1216 10.94 -6.31 -31.87
C SER A 1216 10.36 -5.16 -31.05
N ASP A 1217 11.10 -4.66 -30.07
CA ASP A 1217 10.66 -3.55 -29.25
C ASP A 1217 11.05 -2.24 -29.93
N SER A 1218 10.04 -1.43 -30.27
CA SER A 1218 10.30 -0.17 -30.97
C SER A 1218 11.06 0.80 -30.08
N THR A 1219 10.56 1.01 -28.85
CA THR A 1219 11.17 1.95 -27.94
C THR A 1219 12.64 1.60 -27.68
N LEU A 1220 12.93 0.31 -27.46
CA LEU A 1220 14.32 -0.09 -27.20
C LEU A 1220 15.21 0.26 -28.38
N LYS A 1221 14.66 0.13 -29.60
CA LYS A 1221 15.36 0.60 -30.79
C LYS A 1221 15.68 2.09 -30.73
N GLU A 1222 14.65 2.91 -30.46
CA GLU A 1222 14.87 4.37 -30.38
C GLU A 1222 15.92 4.75 -29.33
N THR A 1223 15.76 4.22 -28.11
CA THR A 1223 16.68 4.58 -27.04
C THR A 1223 18.08 4.09 -27.33
N LEU A 1224 18.21 2.89 -27.91
CA LEU A 1224 19.54 2.40 -28.27
C LEU A 1224 20.18 3.29 -29.31
N LEU A 1225 19.40 3.76 -30.29
CA LEU A 1225 19.91 4.71 -31.27
C LEU A 1225 20.47 5.94 -30.60
N ASN A 1226 19.89 6.35 -29.48
CA ASN A 1226 20.45 7.49 -28.77
C ASN A 1226 21.42 7.10 -27.66
N GLY A 1227 21.80 5.82 -27.59
CA GLY A 1227 22.88 5.39 -26.73
C GLY A 1227 22.47 4.90 -25.36
N VAL A 1228 21.22 4.49 -25.17
CA VAL A 1228 20.72 4.08 -23.87
C VAL A 1228 19.93 2.79 -24.05
N GLY A 1229 20.43 1.71 -23.47
CA GLY A 1229 19.70 0.46 -23.45
C GLY A 1229 18.93 0.28 -22.16
N TYR A 1230 18.07 -0.72 -22.16
CA TYR A 1230 17.45 -1.17 -20.93
C TYR A 1230 17.28 -2.69 -20.97
N LEU A 1231 17.20 -3.27 -19.78
CA LEU A 1231 17.16 -4.71 -19.57
C LEU A 1231 16.10 -5.02 -18.54
N HIS A 1232 15.17 -5.89 -18.90
CA HIS A 1232 14.16 -6.39 -18.00
C HIS A 1232 13.79 -7.81 -18.41
N GLU A 1233 12.99 -8.44 -17.57
CA GLU A 1233 12.66 -9.86 -17.70
C GLU A 1233 11.81 -10.14 -18.94
N GLY A 1234 11.01 -9.18 -19.39
CA GLY A 1234 10.15 -9.35 -20.55
C GLY A 1234 10.84 -9.34 -21.90
N LEU A 1235 12.15 -9.12 -21.94
CA LEU A 1235 12.87 -9.13 -23.20
C LEU A 1235 13.32 -10.54 -23.54
N SER A 1236 13.14 -10.91 -24.80
CA SER A 1236 13.63 -12.20 -25.29
C SER A 1236 15.13 -12.30 -25.01
N PRO A 1237 15.63 -13.51 -24.78
CA PRO A 1237 17.07 -13.66 -24.49
C PRO A 1237 17.97 -13.04 -25.55
N MET A 1238 17.56 -13.10 -26.82
CA MET A 1238 18.35 -12.49 -27.87
C MET A 1238 18.40 -10.98 -27.71
N GLU A 1239 17.28 -10.36 -27.32
CA GLU A 1239 17.27 -8.92 -27.07
C GLU A 1239 18.23 -8.55 -25.96
N ARG A 1240 18.18 -9.26 -24.83
CA ARG A 1240 19.07 -8.96 -23.71
C ARG A 1240 20.52 -9.11 -24.09
N ARG A 1241 20.86 -10.21 -24.79
CA ARG A 1241 22.26 -10.42 -25.17
C ARG A 1241 22.73 -9.36 -26.14
N LEU A 1242 21.85 -8.87 -27.03
CA LEU A 1242 22.26 -7.79 -27.93
C LEU A 1242 22.51 -6.50 -27.16
N VAL A 1243 21.63 -6.16 -26.20
CA VAL A 1243 21.85 -4.98 -25.37
C VAL A 1243 23.17 -5.07 -24.64
N GLU A 1244 23.47 -6.26 -24.08
CA GLU A 1244 24.73 -6.44 -23.37
C GLU A 1244 25.92 -6.34 -24.30
N GLN A 1245 25.81 -6.92 -25.51
CA GLN A 1245 26.89 -6.79 -26.50
C GLN A 1245 27.20 -5.33 -26.75
N LEU A 1246 26.15 -4.54 -27.02
CA LEU A 1246 26.36 -3.12 -27.29
C LEU A 1246 26.98 -2.41 -26.09
N PHE A 1247 26.48 -2.70 -24.88
CA PHE A 1247 27.02 -2.08 -23.68
C PHE A 1247 28.50 -2.42 -23.49
N SER A 1248 28.83 -3.71 -23.53
CA SER A 1248 30.21 -4.12 -23.30
C SER A 1248 31.15 -3.65 -24.40
N SER A 1249 30.67 -3.50 -25.62
CA SER A 1249 31.56 -3.04 -26.67
C SER A 1249 31.73 -1.53 -26.68
N GLY A 1250 31.19 -0.83 -25.68
CA GLY A 1250 31.28 0.61 -25.62
C GLY A 1250 30.33 1.35 -26.53
N ALA A 1251 29.49 0.64 -27.29
CA ALA A 1251 28.63 1.29 -28.25
C ALA A 1251 27.65 2.24 -27.55
N ILE A 1252 26.89 1.71 -26.58
CA ILE A 1252 25.97 2.51 -25.77
C ILE A 1252 26.57 2.68 -24.39
N GLN A 1253 26.41 3.87 -23.81
CA GLN A 1253 27.09 4.20 -22.56
C GLN A 1253 26.28 3.88 -21.31
N VAL A 1254 24.95 3.81 -21.42
CA VAL A 1254 24.08 3.64 -20.26
C VAL A 1254 23.19 2.44 -20.51
N VAL A 1255 22.94 1.65 -19.47
CA VAL A 1255 21.90 0.64 -19.52
C VAL A 1255 21.08 0.67 -18.23
N VAL A 1256 19.76 0.64 -18.37
CA VAL A 1256 18.84 0.71 -17.24
C VAL A 1256 18.28 -0.70 -17.02
N ALA A 1257 18.61 -1.33 -15.90
CA ALA A 1257 18.23 -2.71 -15.62
C ALA A 1257 17.29 -2.80 -14.43
N SER A 1258 16.33 -3.72 -14.50
CA SER A 1258 15.46 -3.90 -13.34
C SER A 1258 16.20 -4.66 -12.22
N ARG A 1259 15.73 -4.44 -10.99
CA ARG A 1259 16.36 -5.06 -9.82
C ARG A 1259 16.42 -6.57 -9.93
N SER A 1260 15.38 -7.18 -10.49
CA SER A 1260 15.34 -8.65 -10.50
C SER A 1260 16.49 -9.24 -11.30
N LEU A 1261 17.16 -8.46 -12.14
CA LEU A 1261 18.25 -8.95 -12.96
C LEU A 1261 19.64 -8.77 -12.32
N CYS A 1262 19.72 -8.32 -11.06
CA CYS A 1262 21.04 -7.94 -10.53
C CYS A 1262 21.96 -9.14 -10.32
N TRP A 1263 21.42 -10.36 -10.37
CA TRP A 1263 22.25 -11.56 -10.21
C TRP A 1263 22.71 -12.15 -11.54
N GLY A 1264 21.98 -11.93 -12.62
CA GLY A 1264 22.37 -12.53 -13.88
C GLY A 1264 22.68 -11.49 -14.94
N MET A 1265 23.61 -10.58 -14.61
CA MET A 1265 24.08 -9.60 -15.58
C MET A 1265 25.53 -9.92 -15.92
N ASN A 1266 25.84 -9.96 -17.21
CA ASN A 1266 27.21 -10.23 -17.65
C ASN A 1266 27.91 -8.96 -18.10
N VAL A 1267 27.49 -7.80 -17.60
CA VAL A 1267 28.13 -6.52 -17.89
C VAL A 1267 28.58 -5.87 -16.59
N ALA A 1268 29.60 -5.03 -16.68
CA ALA A 1268 30.13 -4.29 -15.55
C ALA A 1268 30.23 -2.83 -15.95
N ALA A 1269 30.43 -1.94 -14.98
CA ALA A 1269 30.30 -0.52 -15.27
C ALA A 1269 31.25 0.30 -14.43
N HIS A 1270 31.49 1.54 -14.86
CA HIS A 1270 32.26 2.48 -14.08
C HIS A 1270 31.42 3.05 -12.93
N LEU A 1271 30.18 3.38 -13.21
CA LEU A 1271 29.25 3.94 -12.24
C LEU A 1271 27.97 3.12 -12.21
N VAL A 1272 27.54 2.74 -11.01
CA VAL A 1272 26.23 2.16 -10.79
C VAL A 1272 25.38 3.16 -10.01
N ILE A 1273 24.16 3.42 -10.48
CA ILE A 1273 23.17 4.18 -9.74
C ILE A 1273 22.07 3.22 -9.34
N ILE A 1274 21.72 3.21 -8.05
CA ILE A 1274 20.60 2.44 -7.56
C ILE A 1274 19.48 3.44 -7.31
N MET A 1275 18.53 3.50 -8.25
CA MET A 1275 17.40 4.44 -8.17
C MET A 1275 16.30 3.84 -7.29
N ASP A 1276 16.33 4.21 -5.99
CA ASP A 1276 15.40 3.74 -4.98
C ASP A 1276 15.71 2.30 -4.61
N THR A 1277 15.23 1.88 -3.44
CA THR A 1277 15.66 0.63 -2.80
C THR A 1277 14.47 -0.17 -2.24
N GLN A 1278 13.27 0.02 -2.79
CA GLN A 1278 12.17 -0.89 -2.51
C GLN A 1278 11.43 -1.18 -3.80
N TYR A 1279 10.58 -2.22 -3.75
CA TYR A 1279 9.81 -2.60 -4.92
C TYR A 1279 8.44 -3.09 -4.48
N TYR A 1280 7.48 -3.03 -5.40
CA TYR A 1280 6.11 -3.44 -5.09
C TYR A 1280 5.99 -4.96 -5.20
N ASN A 1281 5.55 -5.59 -4.13
CA ASN A 1281 5.13 -6.99 -4.19
C ASN A 1281 3.61 -7.01 -4.24
N GLY A 1282 3.07 -7.60 -5.31
CA GLY A 1282 1.65 -7.54 -5.55
C GLY A 1282 0.86 -8.61 -4.83
N LYS A 1283 1.48 -9.76 -4.57
CA LYS A 1283 0.84 -10.80 -3.75
C LYS A 1283 0.43 -10.25 -2.39
N ILE A 1284 1.31 -9.45 -1.76
CA ILE A 1284 1.01 -8.87 -0.46
C ILE A 1284 0.59 -7.41 -0.56
N HIS A 1285 0.55 -6.86 -1.77
CA HIS A 1285 0.09 -5.49 -1.99
C HIS A 1285 0.88 -4.49 -1.14
N ALA A 1286 2.20 -4.64 -1.12
CA ALA A 1286 3.00 -3.73 -0.32
C ALA A 1286 4.41 -3.62 -0.88
N TYR A 1287 5.05 -2.50 -0.57
CA TYR A 1287 6.44 -2.31 -0.90
C TYR A 1287 7.33 -3.10 0.06
N VAL A 1288 8.39 -3.67 -0.48
CA VAL A 1288 9.37 -4.45 0.25
C VAL A 1288 10.75 -3.83 0.02
N ASP A 1289 11.56 -3.77 1.08
CA ASP A 1289 12.92 -3.27 0.94
C ASP A 1289 13.81 -4.26 0.21
N TYR A 1290 14.71 -3.76 -0.64
CA TYR A 1290 15.75 -4.59 -1.21
C TYR A 1290 16.51 -5.29 -0.09
N PRO A 1291 16.68 -6.61 -0.14
CA PRO A 1291 17.59 -7.25 0.82
C PRO A 1291 18.98 -6.66 0.69
N ILE A 1292 19.70 -6.58 1.81
CA ILE A 1292 21.05 -6.02 1.72
C ILE A 1292 21.89 -6.82 0.75
N TYR A 1293 21.60 -8.11 0.63
CA TYR A 1293 22.37 -8.98 -0.26
C TYR A 1293 22.31 -8.49 -1.71
N ASP A 1294 21.11 -8.10 -2.18
CA ASP A 1294 20.97 -7.60 -3.54
C ASP A 1294 21.70 -6.28 -3.72
N VAL A 1295 21.65 -5.42 -2.71
CA VAL A 1295 22.33 -4.14 -2.84
C VAL A 1295 23.83 -4.36 -2.93
N LEU A 1296 24.38 -5.26 -2.11
CA LEU A 1296 25.79 -5.60 -2.23
C LEU A 1296 26.09 -6.12 -3.64
N GLN A 1297 25.21 -6.98 -4.17
CA GLN A 1297 25.42 -7.47 -5.54
C GLN A 1297 25.38 -6.34 -6.58
N MET A 1298 24.46 -5.38 -6.41
CA MET A 1298 24.37 -4.24 -7.32
C MET A 1298 25.61 -3.36 -7.24
N VAL A 1299 26.01 -2.98 -6.03
CA VAL A 1299 27.21 -2.15 -5.88
C VAL A 1299 28.41 -2.84 -6.54
N GLY A 1300 28.47 -4.18 -6.44
CA GLY A 1300 29.56 -4.94 -7.05
C GLY A 1300 29.66 -4.82 -8.56
N HIS A 1301 28.67 -4.24 -9.24
CA HIS A 1301 28.86 -4.08 -10.68
C HIS A 1301 29.73 -2.87 -11.01
N ALA A 1302 30.08 -2.04 -10.03
CA ALA A 1302 30.91 -0.86 -10.24
C ALA A 1302 32.36 -1.25 -10.01
N ASN A 1303 32.95 -1.90 -11.02
CA ASN A 1303 34.23 -2.56 -10.86
C ASN A 1303 34.75 -3.00 -12.22
N ARG A 1304 35.69 -2.28 -12.79
CA ARG A 1304 36.32 -2.64 -14.06
C ARG A 1304 37.82 -2.68 -13.83
N PRO A 1305 38.34 -3.80 -13.30
CA PRO A 1305 39.75 -3.84 -12.89
C PRO A 1305 40.73 -3.48 -13.99
N LEU A 1306 40.45 -3.87 -15.23
CA LEU A 1306 41.33 -3.59 -16.35
C LEU A 1306 40.95 -2.33 -17.11
N GLN A 1307 40.09 -1.48 -16.56
CA GLN A 1307 39.62 -0.32 -17.33
C GLN A 1307 39.61 0.98 -16.53
N ASP A 1308 39.38 0.92 -15.21
CA ASP A 1308 39.19 2.12 -14.39
C ASP A 1308 40.14 2.12 -13.19
N ASP A 1309 40.35 3.30 -12.62
CA ASP A 1309 41.11 3.42 -11.39
C ASP A 1309 40.22 3.44 -10.16
N GLU A 1310 38.91 3.49 -10.34
CA GLU A 1310 37.98 3.47 -9.22
C GLU A 1310 36.64 3.00 -9.76
N GLY A 1311 35.76 2.66 -8.82
CA GLY A 1311 34.35 2.41 -9.13
C GLY A 1311 33.49 3.36 -8.32
N ARG A 1312 32.45 3.90 -8.95
CA ARG A 1312 31.53 4.79 -8.26
C ARG A 1312 30.11 4.23 -8.23
N CYS A 1313 29.42 4.51 -7.13
CA CYS A 1313 28.04 4.07 -6.97
C CYS A 1313 27.30 5.15 -6.21
N VAL A 1314 26.10 5.48 -6.68
CA VAL A 1314 25.19 6.38 -6.00
C VAL A 1314 23.94 5.60 -5.66
N ILE A 1315 23.60 5.57 -4.38
CA ILE A 1315 22.37 4.95 -3.93
C ILE A 1315 21.37 6.06 -3.62
N MET A 1316 20.24 6.10 -4.32
CA MET A 1316 19.17 7.03 -3.97
C MET A 1316 18.12 6.25 -3.19
N CYS A 1317 17.77 6.72 -2.00
CA CYS A 1317 16.89 5.93 -1.15
C CYS A 1317 16.04 6.89 -0.34
N GLN A 1318 14.99 6.35 0.28
CA GLN A 1318 14.22 7.14 1.22
C GLN A 1318 15.16 7.59 2.33
N GLY A 1319 15.00 8.84 2.76
CA GLY A 1319 15.92 9.38 3.76
C GLY A 1319 16.02 8.51 5.00
N SER A 1320 14.90 7.92 5.42
CA SER A 1320 14.88 7.09 6.61
C SER A 1320 15.71 5.83 6.48
N LYS A 1321 16.06 5.41 5.25
CA LYS A 1321 16.93 4.24 5.00
C LYS A 1321 18.42 4.60 4.96
N LYS A 1322 18.75 5.89 4.86
CA LYS A 1322 20.14 6.28 4.60
C LYS A 1322 21.11 5.71 5.65
N ASP A 1323 20.80 5.87 6.93
CA ASP A 1323 21.72 5.42 7.96
C ASP A 1323 21.90 3.91 7.92
N PHE A 1324 20.81 3.17 7.65
CA PHE A 1324 20.93 1.73 7.50
C PHE A 1324 21.97 1.39 6.44
N PHE A 1325 21.92 2.08 5.29
CA PHE A 1325 22.87 1.75 4.23
C PHE A 1325 24.28 2.20 4.59
N LYS A 1326 24.42 3.26 5.39
CA LYS A 1326 25.77 3.61 5.81
C LYS A 1326 26.32 2.52 6.70
N LYS A 1327 25.47 1.97 7.59
CA LYS A 1327 25.96 0.97 8.54
C LYS A 1327 26.38 -0.30 7.83
N PHE A 1328 25.60 -0.74 6.85
CA PHE A 1328 25.82 -2.08 6.33
C PHE A 1328 26.53 -2.10 4.99
N LEU A 1329 26.96 -0.95 4.49
CA LEU A 1329 27.83 -0.89 3.32
C LEU A 1329 29.24 -0.43 3.67
N TYR A 1330 29.41 0.53 4.58
CA TYR A 1330 30.77 0.97 4.91
C TYR A 1330 31.50 -0.05 5.78
N GLU A 1331 30.77 -0.86 6.54
CA GLU A 1331 31.28 -1.89 7.43
C GLU A 1331 30.94 -3.29 6.92
N PRO A 1332 31.68 -4.30 7.36
CA PRO A 1332 31.34 -5.67 6.97
C PRO A 1332 30.02 -6.12 7.60
N LEU A 1333 29.48 -7.22 7.04
CA LEU A 1333 28.08 -7.62 7.20
C LEU A 1333 27.95 -8.70 8.26
N PRO A 1334 27.07 -8.55 9.25
CA PRO A 1334 26.82 -9.64 10.20
C PRO A 1334 25.76 -10.57 9.64
N VAL A 1335 26.05 -11.87 9.61
CA VAL A 1335 25.02 -12.80 9.15
C VAL A 1335 24.68 -13.80 10.25
N GLU A 1336 23.44 -14.29 10.15
CA GLU A 1336 22.78 -15.18 11.10
C GLU A 1336 22.20 -16.34 10.31
N SER A 1337 21.89 -17.41 11.02
CA SER A 1337 21.15 -18.54 10.51
C SER A 1337 19.66 -18.31 10.64
N HIS A 1338 18.90 -18.90 9.73
CA HIS A 1338 17.46 -18.99 9.92
C HIS A 1338 16.97 -20.44 9.86
N LEU A 1339 17.92 -21.38 9.98
CA LEU A 1339 17.60 -22.79 9.89
C LEU A 1339 16.52 -23.22 10.87
N ASP A 1340 16.55 -22.66 12.09
CA ASP A 1340 15.54 -22.95 13.10
C ASP A 1340 14.12 -22.69 12.59
N HIS A 1341 13.97 -21.95 11.50
CA HIS A 1341 12.67 -21.71 10.90
C HIS A 1341 12.35 -22.64 9.74
N CYS A 1342 13.29 -23.52 9.35
CA CYS A 1342 13.24 -24.35 8.14
C CYS A 1342 13.68 -25.80 8.43
N MET A 1343 13.23 -26.39 9.53
CA MET A 1343 13.88 -27.59 9.99
C MET A 1343 13.23 -28.89 9.53
N HIS A 1344 11.91 -28.90 9.33
CA HIS A 1344 11.18 -30.17 9.19
C HIS A 1344 11.71 -31.01 8.04
N ASP A 1345 11.87 -30.43 6.84
CA ASP A 1345 12.24 -31.21 5.66
C ASP A 1345 13.60 -31.86 5.83
N HIS A 1346 14.53 -31.16 6.48
CA HIS A 1346 15.88 -31.68 6.65
C HIS A 1346 15.92 -32.74 7.74
N PHE A 1347 15.30 -32.48 8.90
CA PHE A 1347 15.12 -33.53 9.90
C PHE A 1347 14.53 -34.79 9.27
N ASN A 1348 13.48 -34.63 8.46
CA ASN A 1348 12.84 -35.79 7.82
C ASN A 1348 13.82 -36.53 6.91
N ALA A 1349 14.63 -35.79 6.14
CA ALA A 1349 15.63 -36.44 5.31
C ALA A 1349 16.64 -37.21 6.16
N GLU A 1350 17.03 -36.65 7.30
CA GLU A 1350 18.04 -37.30 8.14
C GLU A 1350 17.48 -38.49 8.90
N ILE A 1351 16.17 -38.55 9.10
CA ILE A 1351 15.57 -39.77 9.66
C ILE A 1351 15.42 -40.83 8.58
N VAL A 1352 15.06 -40.42 7.36
CA VAL A 1352 15.04 -41.36 6.24
C VAL A 1352 16.42 -42.01 6.07
N THR A 1353 17.48 -41.23 6.22
CA THR A 1353 18.83 -41.70 5.94
C THR A 1353 19.49 -42.36 7.15
N LYS A 1354 18.74 -42.51 8.26
CA LYS A 1354 19.20 -43.10 9.52
C LYS A 1354 20.39 -42.36 10.14
N THR A 1355 20.65 -41.12 9.73
CA THR A 1355 21.58 -40.28 10.49
C THR A 1355 20.96 -39.79 11.80
N ILE A 1356 19.66 -39.56 11.83
CA ILE A 1356 18.96 -39.25 13.07
C ILE A 1356 18.08 -40.45 13.39
N GLU A 1357 18.30 -41.06 14.56
CA GLU A 1357 17.51 -42.21 14.99
C GLU A 1357 16.86 -42.03 16.35
N ASN A 1358 17.18 -40.98 17.08
CA ASN A 1358 16.47 -40.64 18.31
C ASN A 1358 16.60 -39.14 18.52
N LYS A 1359 16.01 -38.64 19.61
CA LYS A 1359 16.00 -37.21 19.85
C LYS A 1359 17.40 -36.69 20.19
N GLN A 1360 18.22 -37.52 20.84
CA GLN A 1360 19.61 -37.14 21.12
C GLN A 1360 20.40 -37.03 19.82
N ASP A 1361 20.14 -37.93 18.87
CA ASP A 1361 20.73 -37.78 17.55
C ASP A 1361 20.41 -36.41 16.98
N ALA A 1362 19.18 -35.93 17.19
CA ALA A 1362 18.76 -34.69 16.55
C ALA A 1362 19.44 -33.48 17.22
N VAL A 1363 19.62 -33.52 18.53
CA VAL A 1363 20.40 -32.48 19.19
C VAL A 1363 21.84 -32.47 18.65
N ASP A 1364 22.46 -33.66 18.60
CA ASP A 1364 23.84 -33.78 18.09
C ASP A 1364 23.95 -33.24 16.66
N TYR A 1365 23.02 -33.64 15.79
CA TYR A 1365 22.93 -33.09 14.44
C TYR A 1365 22.97 -31.57 14.47
N LEU A 1366 22.08 -30.96 15.26
CA LEU A 1366 22.05 -29.50 15.32
C LEU A 1366 23.40 -28.92 15.66
N THR A 1367 24.21 -29.65 16.45
CA THR A 1367 25.50 -29.06 16.85
C THR A 1367 26.50 -28.91 15.69
N TRP A 1368 26.21 -29.41 14.50
CA TRP A 1368 27.10 -29.21 13.35
C TRP A 1368 26.79 -27.95 12.56
N THR A 1369 25.74 -27.22 12.92
CA THR A 1369 25.20 -26.15 12.10
C THR A 1369 25.81 -24.79 12.47
N PHE A 1370 25.66 -23.84 11.56
CA PHE A 1370 26.01 -22.45 11.86
C PHE A 1370 25.06 -21.89 12.92
N LEU A 1371 23.78 -22.25 12.84
CA LEU A 1371 22.80 -21.92 13.88
C LEU A 1371 23.34 -22.16 15.30
N TYR A 1372 23.84 -23.37 15.54
CA TYR A 1372 24.33 -23.70 16.87
C TYR A 1372 25.43 -22.76 17.28
N ARG A 1373 26.34 -22.46 16.36
CA ARG A 1373 27.44 -21.55 16.65
C ARG A 1373 26.92 -20.16 17.00
N ARG A 1374 25.97 -19.65 16.20
CA ARG A 1374 25.49 -18.30 16.41
C ARG A 1374 24.66 -18.17 17.67
N MET A 1375 24.05 -19.26 18.13
CA MET A 1375 23.22 -19.20 19.33
C MET A 1375 24.02 -18.78 20.56
N THR A 1376 25.31 -19.07 20.57
CA THR A 1376 26.11 -18.66 21.72
C THR A 1376 26.58 -17.22 21.59
N GLN A 1377 26.69 -16.72 20.35
CA GLN A 1377 27.23 -15.39 20.08
C GLN A 1377 26.15 -14.30 20.07
N ASN A 1378 24.92 -14.65 19.69
CA ASN A 1378 23.80 -13.71 19.64
C ASN A 1378 22.55 -14.38 20.17
N PRO A 1379 22.52 -14.72 21.47
CA PRO A 1379 21.37 -15.48 22.00
C PRO A 1379 20.01 -14.85 21.74
N ASN A 1380 19.87 -13.53 21.97
CA ASN A 1380 18.56 -12.89 21.82
C ASN A 1380 18.02 -13.04 20.40
N TYR A 1381 18.90 -13.06 19.40
CA TYR A 1381 18.47 -13.20 18.02
C TYR A 1381 17.68 -14.50 17.82
N TYR A 1382 18.01 -15.54 18.59
CA TYR A 1382 17.34 -16.84 18.47
C TYR A 1382 16.40 -17.09 19.63
N ASN A 1383 16.10 -16.05 20.43
CA ASN A 1383 15.21 -16.12 21.59
C ASN A 1383 15.77 -17.03 22.68
N LEU A 1384 17.09 -17.00 22.87
CA LEU A 1384 17.72 -17.48 24.08
C LEU A 1384 17.92 -16.28 25.00
N GLN A 1385 17.82 -16.52 26.31
CA GLN A 1385 18.09 -15.47 27.28
C GLN A 1385 19.40 -15.71 28.03
N GLY A 1386 20.10 -16.81 27.76
CA GLY A 1386 21.44 -17.01 28.25
C GLY A 1386 22.19 -17.90 27.29
N ILE A 1387 23.52 -17.92 27.46
CA ILE A 1387 24.38 -18.81 26.68
C ILE A 1387 24.83 -20.02 27.48
N SER A 1388 24.29 -20.21 28.68
CA SER A 1388 24.62 -21.36 29.52
C SER A 1388 24.38 -22.67 28.79
N HIS A 1389 25.18 -23.68 29.13
CA HIS A 1389 25.07 -24.95 28.43
C HIS A 1389 23.70 -25.58 28.63
N ARG A 1390 23.08 -25.36 29.79
CA ARG A 1390 21.70 -25.77 29.98
C ARG A 1390 20.75 -24.90 29.20
N HIS A 1391 21.04 -23.61 29.06
CA HIS A 1391 20.18 -22.73 28.28
C HIS A 1391 20.02 -23.26 26.86
N LEU A 1392 21.14 -23.57 26.21
CA LEU A 1392 20.99 -23.98 24.83
C LEU A 1392 20.71 -25.47 24.68
N SER A 1393 21.06 -26.31 25.67
CA SER A 1393 20.55 -27.68 25.63
C SER A 1393 19.03 -27.70 25.71
N ASP A 1394 18.44 -26.84 26.53
CA ASP A 1394 16.98 -26.76 26.55
C ASP A 1394 16.43 -26.18 25.26
N HIS A 1395 17.09 -25.13 24.73
CA HIS A 1395 16.60 -24.54 23.49
C HIS A 1395 16.59 -25.57 22.36
N LEU A 1396 17.70 -26.29 22.21
CA LEU A 1396 17.81 -27.31 21.18
C LEU A 1396 16.80 -28.44 21.38
N SER A 1397 16.59 -28.87 22.63
CA SER A 1397 15.59 -29.91 22.90
C SER A 1397 14.20 -29.43 22.51
N GLU A 1398 13.87 -28.18 22.79
CA GLU A 1398 12.56 -27.65 22.41
C GLU A 1398 12.39 -27.71 20.91
N LEU A 1399 13.40 -27.21 20.19
CA LEU A 1399 13.38 -27.22 18.73
C LEU A 1399 13.15 -28.63 18.21
N VAL A 1400 13.88 -29.59 18.77
CA VAL A 1400 13.79 -30.98 18.36
C VAL A 1400 12.40 -31.54 18.62
N GLU A 1401 11.86 -31.30 19.82
CA GLU A 1401 10.52 -31.80 20.16
C GLU A 1401 9.47 -31.23 19.21
N GLN A 1402 9.53 -29.93 18.92
CA GLN A 1402 8.53 -29.34 18.05
C GLN A 1402 8.60 -29.92 16.64
N THR A 1403 9.83 -30.08 16.12
CA THR A 1403 10.00 -30.56 14.75
C THR A 1403 9.59 -32.04 14.63
N LEU A 1404 10.05 -32.88 15.55
CA LEU A 1404 9.68 -34.29 15.49
C LEU A 1404 8.19 -34.49 15.69
N SER A 1405 7.57 -33.68 16.56
CA SER A 1405 6.15 -33.84 16.82
C SER A 1405 5.34 -33.43 15.60
N ASP A 1406 5.75 -32.37 14.89
CA ASP A 1406 5.03 -32.04 13.66
C ASP A 1406 5.19 -33.14 12.62
N LEU A 1407 6.41 -33.69 12.46
CA LEU A 1407 6.63 -34.71 11.44
C LEU A 1407 5.82 -35.97 11.74
N GLU A 1408 5.71 -36.31 13.02
CA GLU A 1408 4.92 -37.46 13.41
C GLU A 1408 3.45 -37.20 13.21
N GLN A 1409 3.00 -35.99 13.54
CA GLN A 1409 1.62 -35.62 13.28
C GLN A 1409 1.28 -35.78 11.79
N SER A 1410 2.19 -35.38 10.91
CA SER A 1410 2.01 -35.54 9.47
C SER A 1410 2.23 -36.97 9.00
N LYS A 1411 2.46 -37.91 9.91
CA LYS A 1411 2.73 -39.31 9.57
C LYS A 1411 3.92 -39.43 8.60
N CYS A 1412 4.94 -38.59 8.77
CA CYS A 1412 6.18 -38.83 8.06
C CYS A 1412 7.13 -39.71 8.86
N ILE A 1413 7.08 -39.64 10.19
CA ILE A 1413 7.92 -40.47 11.04
C ILE A 1413 7.06 -41.14 12.09
N SER A 1414 7.68 -42.05 12.82
CA SER A 1414 7.10 -42.66 14.01
C SER A 1414 8.02 -42.40 15.19
N ILE A 1415 7.42 -42.24 16.37
CA ILE A 1415 8.16 -42.03 17.61
C ILE A 1415 7.73 -43.12 18.59
N GLU A 1416 8.70 -43.87 19.07
CA GLU A 1416 8.50 -44.95 20.02
C GLU A 1416 9.14 -44.57 21.35
N ASP A 1417 8.37 -44.71 22.43
CA ASP A 1417 8.80 -44.40 23.78
C ASP A 1417 9.18 -42.94 23.94
N GLU A 1418 8.61 -42.08 23.09
CA GLU A 1418 8.88 -40.64 23.08
C GLU A 1418 10.38 -40.36 22.92
N MET A 1419 11.13 -41.30 22.35
CA MET A 1419 12.57 -41.13 22.23
C MET A 1419 13.09 -41.53 20.84
N ASP A 1420 12.67 -42.70 20.34
CA ASP A 1420 13.21 -43.27 19.11
C ASP A 1420 12.35 -42.91 17.91
N VAL A 1421 12.98 -42.47 16.82
CA VAL A 1421 12.25 -42.02 15.64
C VAL A 1421 12.66 -42.88 14.45
N ALA A 1422 11.69 -43.16 13.57
CA ALA A 1422 11.92 -43.98 12.39
C ALA A 1422 11.14 -43.41 11.21
N PRO A 1423 11.60 -43.62 9.99
CA PRO A 1423 10.92 -43.04 8.82
C PRO A 1423 9.71 -43.87 8.40
N LEU A 1424 8.60 -43.20 8.13
CA LEU A 1424 7.46 -43.85 7.50
C LEU A 1424 7.54 -43.65 6.00
N ASN A 1425 6.68 -44.39 5.28
CA ASN A 1425 6.78 -44.40 3.83
C ASN A 1425 6.56 -43.02 3.24
N LEU A 1426 5.58 -42.28 3.79
CA LEU A 1426 5.36 -40.90 3.39
C LEU A 1426 6.64 -40.09 3.48
N GLY A 1427 7.38 -40.26 4.59
CA GLY A 1427 8.58 -39.47 4.80
C GLY A 1427 9.66 -39.83 3.81
N MET A 1428 9.83 -41.14 3.56
CA MET A 1428 10.73 -41.60 2.51
C MET A 1428 10.41 -40.96 1.16
N ILE A 1429 9.13 -40.93 0.78
CA ILE A 1429 8.77 -40.31 -0.50
C ILE A 1429 9.14 -38.82 -0.49
N ALA A 1430 8.79 -38.13 0.58
CA ALA A 1430 9.08 -36.70 0.67
C ALA A 1430 10.57 -36.42 0.55
N ALA A 1431 11.39 -37.23 1.20
CA ALA A 1431 12.82 -37.03 1.20
C ALA A 1431 13.43 -37.37 -0.16
N TYR A 1432 13.05 -38.53 -0.70
CA TYR A 1432 13.56 -38.97 -1.99
C TYR A 1432 13.29 -37.94 -3.09
N TYR A 1433 12.06 -37.42 -3.17
CA TYR A 1433 11.73 -36.51 -4.27
C TYR A 1433 11.93 -35.05 -3.95
N TYR A 1434 12.37 -34.71 -2.73
CA TYR A 1434 12.63 -33.33 -2.35
C TYR A 1434 11.33 -32.55 -2.34
N ILE A 1435 10.34 -33.10 -1.66
CA ILE A 1435 9.00 -32.55 -1.61
C ILE A 1435 8.68 -32.19 -0.17
N ASN A 1436 8.19 -30.96 0.03
CA ASN A 1436 7.77 -30.45 1.33
C ASN A 1436 6.88 -31.44 2.05
N TYR A 1437 7.11 -31.62 3.35
CA TYR A 1437 6.36 -32.65 4.07
C TYR A 1437 4.86 -32.30 4.15
N THR A 1438 4.52 -31.01 4.15
CA THR A 1438 3.10 -30.63 4.13
C THR A 1438 2.44 -31.04 2.82
N THR A 1439 3.15 -30.86 1.71
CA THR A 1439 2.66 -31.32 0.41
C THR A 1439 2.36 -32.81 0.43
N ILE A 1440 3.30 -33.61 0.93
CA ILE A 1440 3.11 -35.05 0.93
C ILE A 1440 1.96 -35.45 1.83
N GLU A 1441 1.79 -34.73 2.94
CA GLU A 1441 0.65 -35.01 3.82
C GLU A 1441 -0.68 -34.79 3.10
N LEU A 1442 -0.81 -33.62 2.47
CA LEU A 1442 -2.02 -33.35 1.68
C LEU A 1442 -2.24 -34.43 0.64
N PHE A 1443 -1.18 -34.76 -0.13
CA PHE A 1443 -1.25 -35.87 -1.08
C PHE A 1443 -1.80 -37.14 -0.42
N SER A 1444 -1.39 -37.42 0.81
CA SER A 1444 -1.86 -38.63 1.48
C SER A 1444 -3.36 -38.56 1.75
N MET A 1445 -3.83 -37.37 2.15
CA MET A 1445 -5.27 -37.19 2.39
C MET A 1445 -6.07 -37.32 1.10
N SER A 1446 -5.67 -36.59 0.05
CA SER A 1446 -6.52 -36.39 -1.12
C SER A 1446 -6.54 -37.61 -2.05
N LEU A 1447 -5.38 -38.13 -2.40
CA LEU A 1447 -5.32 -39.28 -3.31
C LEU A 1447 -6.10 -40.47 -2.75
N ASN A 1448 -6.82 -41.17 -3.62
CA ASN A 1448 -7.62 -42.31 -3.20
C ASN A 1448 -7.80 -43.28 -4.36
N ALA A 1449 -8.53 -44.37 -4.08
CA ALA A 1449 -8.53 -45.55 -4.91
C ALA A 1449 -9.21 -45.35 -6.26
N LYS A 1450 -9.82 -44.19 -6.51
CA LYS A 1450 -10.42 -43.96 -7.83
C LYS A 1450 -10.20 -42.55 -8.37
N THR A 1451 -9.33 -41.75 -7.75
CA THR A 1451 -8.96 -40.48 -8.38
C THR A 1451 -8.27 -40.75 -9.71
N LYS A 1452 -8.56 -39.92 -10.70
CA LYS A 1452 -8.05 -40.11 -12.05
C LYS A 1452 -7.38 -38.81 -12.50
N VAL A 1453 -7.22 -38.66 -13.81
CA VAL A 1453 -6.39 -37.58 -14.36
C VAL A 1453 -6.84 -36.23 -13.83
N ARG A 1454 -8.14 -35.97 -13.86
CA ARG A 1454 -8.69 -34.73 -13.32
C ARG A 1454 -8.22 -34.50 -11.90
N GLY A 1455 -8.47 -35.50 -11.03
CA GLY A 1455 -8.10 -35.37 -9.64
C GLY A 1455 -6.61 -35.22 -9.43
N LEU A 1456 -5.82 -35.95 -10.22
CA LEU A 1456 -4.36 -35.85 -10.12
C LEU A 1456 -3.89 -34.43 -10.39
N ILE A 1457 -4.41 -33.82 -11.46
CA ILE A 1457 -4.03 -32.44 -11.76
C ILE A 1457 -4.46 -31.51 -10.62
N GLU A 1458 -5.64 -31.76 -10.05
CA GLU A 1458 -6.11 -30.91 -8.95
C GLU A 1458 -5.21 -31.04 -7.72
N ILE A 1459 -4.98 -32.28 -7.29
CA ILE A 1459 -4.16 -32.54 -6.12
C ILE A 1459 -2.77 -31.93 -6.28
N ILE A 1460 -2.17 -32.12 -7.46
CA ILE A 1460 -0.81 -31.65 -7.70
C ILE A 1460 -0.76 -30.13 -7.69
N SER A 1461 -1.80 -29.47 -8.22
CA SER A 1461 -1.79 -28.01 -8.22
C SER A 1461 -1.75 -27.46 -6.80
N ASN A 1462 -2.45 -28.12 -5.88
CA ASN A 1462 -2.59 -27.69 -4.49
C ASN A 1462 -1.35 -27.97 -3.64
N ALA A 1463 -0.18 -28.17 -4.24
CA ALA A 1463 1.02 -28.46 -3.49
C ALA A 1463 1.67 -27.16 -3.05
N ALA A 1464 2.36 -27.21 -1.91
CA ALA A 1464 2.97 -26.03 -1.31
C ALA A 1464 4.13 -25.49 -2.13
N GLU A 1465 4.67 -26.31 -3.04
CA GLU A 1465 5.77 -25.86 -3.89
C GLU A 1465 5.35 -24.76 -4.87
N TYR A 1466 4.05 -24.69 -5.17
CA TYR A 1466 3.50 -23.71 -6.12
C TYR A 1466 2.87 -22.51 -5.44
N GLU A 1467 2.66 -22.55 -4.12
CA GLU A 1467 1.92 -21.50 -3.42
C GLU A 1467 2.42 -20.11 -3.77
N ASN A 1468 3.72 -19.97 -4.00
CA ASN A 1468 4.34 -18.70 -4.35
C ASN A 1468 4.35 -18.43 -5.86
N ILE A 1469 3.42 -19.00 -6.63
CA ILE A 1469 3.34 -18.74 -8.07
C ILE A 1469 2.63 -17.41 -8.25
N PRO A 1470 3.25 -16.43 -8.94
CA PRO A 1470 2.66 -15.08 -9.05
C PRO A 1470 1.17 -15.05 -9.39
N ILE A 1471 0.40 -14.26 -8.67
CA ILE A 1471 -1.02 -14.06 -8.93
C ILE A 1471 -1.24 -12.56 -9.12
N ARG A 1472 -1.75 -12.18 -10.29
CA ARG A 1472 -2.08 -10.80 -10.63
C ARG A 1472 -3.51 -10.81 -11.14
N HIS A 1473 -4.40 -10.06 -10.48
CA HIS A 1473 -5.78 -10.12 -10.94
C HIS A 1473 -5.97 -9.47 -12.30
N HIS A 1474 -4.92 -8.87 -12.86
CA HIS A 1474 -4.93 -8.34 -14.22
C HIS A 1474 -5.23 -9.42 -15.26
N GLU A 1475 -5.37 -10.66 -14.81
CA GLU A 1475 -5.66 -11.78 -15.72
C GLU A 1475 -6.88 -12.59 -15.30
N ASP A 1476 -7.64 -12.12 -14.29
CA ASP A 1476 -8.76 -12.90 -13.74
C ASP A 1476 -9.63 -13.49 -14.85
N ASN A 1477 -10.34 -12.61 -15.56
CA ASN A 1477 -11.21 -13.04 -16.65
C ASN A 1477 -10.48 -13.96 -17.63
N LEU A 1478 -9.23 -13.65 -17.95
CA LEU A 1478 -8.41 -14.51 -18.79
C LEU A 1478 -8.51 -15.96 -18.30
N LEU A 1479 -8.06 -16.18 -17.07
CA LEU A 1479 -8.18 -17.50 -16.46
C LEU A 1479 -9.63 -17.97 -16.42
N ARG A 1480 -10.55 -17.06 -16.09
CA ARG A 1480 -11.98 -17.37 -16.12
C ARG A 1480 -12.37 -17.97 -17.46
N GLN A 1481 -11.93 -17.33 -18.56
CA GLN A 1481 -12.25 -17.87 -19.88
C GLN A 1481 -11.36 -19.05 -20.24
N LEU A 1482 -10.17 -19.12 -19.63
CA LEU A 1482 -9.34 -20.30 -19.79
C LEU A 1482 -10.01 -21.52 -19.18
N ALA A 1483 -10.75 -21.35 -18.07
CA ALA A 1483 -11.41 -22.47 -17.41
C ALA A 1483 -12.56 -23.05 -18.22
N GLN A 1484 -13.04 -22.35 -19.24
CA GLN A 1484 -14.06 -22.86 -20.16
C GLN A 1484 -13.44 -23.61 -21.32
N LYS A 1485 -12.38 -23.05 -21.92
CA LYS A 1485 -11.55 -23.77 -22.89
C LYS A 1485 -10.53 -24.60 -22.10
N VAL A 1486 -11.04 -25.67 -21.50
CA VAL A 1486 -10.25 -26.51 -20.60
C VAL A 1486 -10.99 -27.83 -20.48
N PRO A 1487 -10.34 -28.97 -20.70
CA PRO A 1487 -11.08 -30.24 -20.75
C PRO A 1487 -11.80 -30.61 -19.47
N HIS A 1488 -11.22 -30.33 -18.30
CA HIS A 1488 -11.81 -30.71 -17.02
C HIS A 1488 -12.35 -29.48 -16.30
N LYS A 1489 -13.65 -29.44 -16.09
CA LYS A 1489 -14.28 -28.35 -15.37
C LYS A 1489 -14.00 -28.47 -13.88
N LEU A 1490 -13.46 -27.40 -13.30
CA LEU A 1490 -13.07 -27.35 -11.91
C LEU A 1490 -14.30 -27.18 -11.01
N ASN A 1491 -14.11 -27.50 -9.73
CA ASN A 1491 -15.20 -27.49 -8.76
C ASN A 1491 -15.12 -26.21 -7.92
N ASN A 1492 -16.21 -25.46 -7.90
CA ASN A 1492 -16.31 -24.20 -7.15
C ASN A 1492 -15.13 -23.28 -7.45
N PRO A 1493 -14.98 -22.84 -8.70
CA PRO A 1493 -13.77 -22.09 -9.07
C PRO A 1493 -13.72 -20.73 -8.38
N LYS A 1494 -12.72 -20.55 -7.54
CA LYS A 1494 -12.32 -19.25 -7.03
C LYS A 1494 -11.03 -18.86 -7.71
N PHE A 1495 -11.06 -17.78 -8.48
CA PHE A 1495 -9.95 -17.43 -9.35
C PHE A 1495 -8.92 -16.53 -8.67
N ASN A 1496 -8.97 -16.43 -7.35
CA ASN A 1496 -8.02 -15.66 -6.56
C ASN A 1496 -7.10 -16.59 -5.76
N ASP A 1497 -6.72 -17.72 -6.37
CA ASP A 1497 -5.97 -18.77 -5.68
C ASP A 1497 -4.88 -19.31 -6.61
N PRO A 1498 -3.60 -19.22 -6.22
CA PRO A 1498 -2.54 -19.73 -7.12
C PRO A 1498 -2.64 -21.21 -7.43
N HIS A 1499 -3.25 -22.01 -6.54
CA HIS A 1499 -3.37 -23.45 -6.80
C HIS A 1499 -4.28 -23.72 -7.99
N VAL A 1500 -5.48 -23.13 -8.01
CA VAL A 1500 -6.35 -23.35 -9.17
C VAL A 1500 -5.78 -22.63 -10.40
N LYS A 1501 -5.02 -21.53 -10.20
CA LYS A 1501 -4.31 -20.91 -11.32
C LYS A 1501 -3.39 -21.90 -12.00
N THR A 1502 -2.59 -22.62 -11.21
CA THR A 1502 -1.70 -23.61 -11.80
C THR A 1502 -2.47 -24.80 -12.35
N ASN A 1503 -3.62 -25.16 -11.75
CA ASN A 1503 -4.48 -26.17 -12.38
C ASN A 1503 -4.81 -25.76 -13.81
N LEU A 1504 -5.18 -24.49 -13.99
CA LEU A 1504 -5.51 -24.01 -15.34
C LEU A 1504 -4.28 -23.95 -16.22
N LEU A 1505 -3.12 -23.54 -15.68
CA LEU A 1505 -1.91 -23.50 -16.50
C LEU A 1505 -1.48 -24.90 -16.93
N LEU A 1506 -1.69 -25.89 -16.06
CA LEU A 1506 -1.39 -27.27 -16.40
C LEU A 1506 -2.29 -27.77 -17.52
N GLN A 1507 -3.60 -27.49 -17.42
CA GLN A 1507 -4.49 -27.85 -18.51
C GLN A 1507 -4.13 -27.13 -19.79
N ALA A 1508 -3.70 -25.86 -19.68
CA ALA A 1508 -3.23 -25.09 -20.83
C ALA A 1508 -2.07 -25.80 -21.51
N HIS A 1509 -1.07 -26.22 -20.72
CA HIS A 1509 0.10 -26.88 -21.28
C HIS A 1509 -0.27 -28.19 -21.96
N LEU A 1510 -1.13 -28.98 -21.33
CA LEU A 1510 -1.56 -30.24 -21.92
C LEU A 1510 -2.40 -30.04 -23.18
N SER A 1511 -3.03 -28.89 -23.33
CA SER A 1511 -3.77 -28.58 -24.54
C SER A 1511 -2.93 -27.83 -25.57
N ARG A 1512 -1.68 -27.51 -25.24
CA ARG A 1512 -0.74 -26.83 -26.13
C ARG A 1512 -1.19 -25.42 -26.48
N MET A 1513 -1.94 -24.78 -25.57
CA MET A 1513 -2.39 -23.42 -25.78
C MET A 1513 -1.24 -22.43 -25.58
N GLN A 1514 -0.95 -21.63 -26.60
CA GLN A 1514 0.03 -20.57 -26.45
C GLN A 1514 -0.59 -19.39 -25.69
N LEU A 1515 0.07 -18.99 -24.61
CA LEU A 1515 -0.37 -17.91 -23.75
C LEU A 1515 0.62 -16.75 -23.84
N SER A 1516 0.39 -15.73 -23.01
CA SER A 1516 1.31 -14.59 -22.90
C SER A 1516 2.70 -15.07 -22.48
N ALA A 1517 3.66 -14.13 -22.48
CA ALA A 1517 5.03 -14.49 -22.13
C ALA A 1517 5.17 -14.74 -20.63
N GLU A 1518 4.48 -13.94 -19.81
CA GLU A 1518 4.56 -14.12 -18.36
C GLU A 1518 3.91 -15.43 -17.93
N LEU A 1519 2.69 -15.70 -18.42
CA LEU A 1519 2.05 -16.99 -18.17
C LEU A 1519 2.91 -18.14 -18.70
N GLN A 1520 3.72 -17.90 -19.72
CA GLN A 1520 4.62 -18.93 -20.26
C GLN A 1520 5.77 -19.23 -19.30
N SER A 1521 6.46 -18.18 -18.83
CA SER A 1521 7.54 -18.39 -17.86
C SER A 1521 7.01 -19.01 -16.56
N ASP A 1522 5.82 -18.59 -16.13
CA ASP A 1522 5.21 -19.20 -14.96
C ASP A 1522 4.87 -20.67 -15.20
N THR A 1523 4.43 -21.02 -16.43
CA THR A 1523 4.23 -22.42 -16.76
C THR A 1523 5.56 -23.19 -16.70
N GLU A 1524 6.65 -22.57 -17.15
CA GLU A 1524 7.97 -23.23 -17.08
C GLU A 1524 8.36 -23.52 -15.64
N GLU A 1525 8.07 -22.57 -14.73
CA GLU A 1525 8.36 -22.81 -13.31
C GLU A 1525 7.50 -23.97 -12.77
N ILE A 1526 6.19 -23.94 -13.05
CA ILE A 1526 5.32 -25.07 -12.68
C ILE A 1526 5.90 -26.39 -13.20
N LEU A 1527 6.39 -26.37 -14.45
CA LEU A 1527 6.86 -27.59 -15.10
C LEU A 1527 8.13 -28.12 -14.47
N SER A 1528 8.95 -27.23 -13.87
CA SER A 1528 10.18 -27.68 -13.23
C SER A 1528 9.94 -28.55 -11.99
N LYS A 1529 8.74 -28.52 -11.38
CA LYS A 1529 8.41 -29.33 -10.21
C LYS A 1529 7.36 -30.40 -10.47
N ALA A 1530 6.62 -30.29 -11.59
CA ALA A 1530 5.50 -31.19 -11.83
C ALA A 1530 5.93 -32.66 -11.81
N ILE A 1531 7.08 -32.98 -12.41
CA ILE A 1531 7.49 -34.39 -12.54
C ILE A 1531 7.73 -35.03 -11.17
N ARG A 1532 8.45 -34.32 -10.28
CA ARG A 1532 8.67 -34.86 -8.94
C ARG A 1532 7.34 -35.05 -8.22
N LEU A 1533 6.43 -34.08 -8.35
CA LEU A 1533 5.15 -34.23 -7.66
C LEU A 1533 4.34 -35.41 -8.21
N ILE A 1534 4.39 -35.63 -9.53
CA ILE A 1534 3.67 -36.74 -10.14
C ILE A 1534 4.26 -38.08 -9.72
N GLN A 1535 5.60 -38.18 -9.70
CA GLN A 1535 6.25 -39.40 -9.23
C GLN A 1535 5.88 -39.70 -7.77
N ALA A 1536 5.80 -38.67 -6.94
CA ALA A 1536 5.38 -38.89 -5.56
C ALA A 1536 3.95 -39.44 -5.51
N CYS A 1537 3.05 -38.86 -6.30
CA CYS A 1537 1.70 -39.41 -6.37
C CYS A 1537 1.72 -40.88 -6.77
N VAL A 1538 2.49 -41.22 -7.80
CA VAL A 1538 2.60 -42.61 -8.24
C VAL A 1538 3.02 -43.50 -7.07
N ASP A 1539 4.02 -43.05 -6.30
CA ASP A 1539 4.52 -43.88 -5.21
C ASP A 1539 3.46 -44.09 -4.14
N VAL A 1540 2.74 -43.01 -3.77
CA VAL A 1540 1.67 -43.12 -2.78
C VAL A 1540 0.58 -44.08 -3.26
N LEU A 1541 0.09 -43.84 -4.48
CA LEU A 1541 -0.98 -44.68 -5.03
C LEU A 1541 -0.57 -46.15 -5.05
N SER A 1542 0.64 -46.44 -5.55
CA SER A 1542 1.05 -47.84 -5.69
C SER A 1542 1.26 -48.51 -4.35
N SER A 1543 1.83 -47.80 -3.37
CA SER A 1543 2.00 -48.47 -2.09
C SER A 1543 0.68 -48.65 -1.36
N ASN A 1544 -0.35 -47.87 -1.74
CA ASN A 1544 -1.69 -48.14 -1.22
C ASN A 1544 -2.40 -49.27 -1.97
N GLY A 1545 -1.97 -49.59 -3.18
CA GLY A 1545 -2.50 -50.72 -3.93
C GLY A 1545 -3.45 -50.38 -5.04
N TRP A 1546 -3.58 -49.10 -5.39
CA TRP A 1546 -4.63 -48.64 -6.29
C TRP A 1546 -4.08 -48.65 -7.72
N LEU A 1547 -4.53 -49.61 -8.53
CA LEU A 1547 -3.92 -49.87 -9.83
C LEU A 1547 -4.25 -48.78 -10.84
N SER A 1548 -5.55 -48.52 -11.04
CA SER A 1548 -5.97 -47.57 -12.06
C SER A 1548 -5.42 -46.16 -11.82
N PRO A 1549 -5.52 -45.57 -10.62
CA PRO A 1549 -4.97 -44.22 -10.44
C PRO A 1549 -3.46 -44.14 -10.60
N ALA A 1550 -2.71 -45.18 -10.20
CA ALA A 1550 -1.27 -45.17 -10.40
C ALA A 1550 -0.91 -45.20 -11.88
N LEU A 1551 -1.54 -46.11 -12.65
CA LEU A 1551 -1.35 -46.09 -14.09
C LEU A 1551 -1.69 -44.71 -14.67
N ALA A 1552 -2.78 -44.09 -14.17
CA ALA A 1552 -3.13 -42.76 -14.65
C ALA A 1552 -2.04 -41.75 -14.36
N ALA A 1553 -1.45 -41.79 -13.16
CA ALA A 1553 -0.43 -40.81 -12.81
C ALA A 1553 0.84 -41.00 -13.63
N MET A 1554 1.17 -42.26 -13.96
CA MET A 1554 2.25 -42.53 -14.91
C MET A 1554 1.94 -41.91 -16.27
N GLU A 1555 0.71 -42.10 -16.75
CA GLU A 1555 0.31 -41.49 -18.01
C GLU A 1555 0.40 -39.97 -17.92
N LEU A 1556 0.10 -39.39 -16.76
CA LEU A 1556 0.20 -37.95 -16.59
C LEU A 1556 1.65 -37.48 -16.69
N ALA A 1557 2.59 -38.28 -16.15
CA ALA A 1557 4.00 -37.99 -16.36
C ALA A 1557 4.30 -37.88 -17.85
N GLN A 1558 3.87 -38.91 -18.61
CA GLN A 1558 3.98 -38.87 -20.07
C GLN A 1558 3.33 -37.62 -20.67
N MET A 1559 2.15 -37.26 -20.17
CA MET A 1559 1.34 -36.18 -20.77
C MET A 1559 1.98 -34.82 -20.56
N VAL A 1560 2.54 -34.57 -19.37
CA VAL A 1560 3.18 -33.27 -19.17
C VAL A 1560 4.51 -33.21 -19.90
N THR A 1561 5.21 -34.35 -20.03
CA THR A 1561 6.44 -34.32 -20.83
C THR A 1561 6.14 -34.00 -22.30
N GLN A 1562 5.18 -34.72 -22.91
CA GLN A 1562 4.92 -34.52 -24.33
C GLN A 1562 3.91 -33.42 -24.61
N ALA A 1563 3.26 -32.86 -23.57
CA ALA A 1563 2.30 -31.76 -23.70
C ALA A 1563 1.11 -32.15 -24.59
N MET A 1564 0.33 -33.11 -24.10
CA MET A 1564 -0.86 -33.59 -24.78
C MET A 1564 -1.71 -34.38 -23.78
N TRP A 1565 -2.88 -34.82 -24.22
CA TRP A 1565 -3.81 -35.58 -23.41
C TRP A 1565 -3.80 -37.05 -23.82
N SER A 1566 -4.45 -37.87 -22.97
CA SER A 1566 -4.65 -39.27 -23.31
C SER A 1566 -5.44 -39.42 -24.62
N LYS A 1567 -6.53 -38.67 -24.75
CA LYS A 1567 -7.38 -38.81 -25.93
C LYS A 1567 -6.70 -38.31 -27.20
N ASP A 1568 -5.63 -37.52 -27.08
CA ASP A 1568 -4.94 -36.99 -28.24
C ASP A 1568 -4.25 -38.11 -29.02
N SER A 1569 -3.74 -37.75 -30.21
CA SER A 1569 -3.07 -38.69 -31.09
C SER A 1569 -1.60 -38.82 -30.72
N TYR A 1570 -1.09 -40.06 -30.77
CA TYR A 1570 0.33 -40.28 -30.52
C TYR A 1570 1.21 -39.50 -31.50
N LEU A 1571 0.80 -39.42 -32.77
CA LEU A 1571 1.55 -38.63 -33.74
C LEU A 1571 1.69 -37.16 -33.33
N LYS A 1572 0.80 -36.66 -32.47
CA LYS A 1572 0.94 -35.29 -31.97
C LYS A 1572 2.26 -35.07 -31.22
N GLN A 1573 3.04 -36.13 -30.97
CA GLN A 1573 4.37 -35.99 -30.40
C GLN A 1573 5.42 -35.65 -31.45
N LEU A 1574 5.13 -35.88 -32.73
CA LEU A 1574 6.12 -35.73 -33.80
C LEU A 1574 6.38 -34.25 -34.11
N PRO A 1575 7.64 -33.88 -34.33
CA PRO A 1575 7.92 -32.49 -34.70
C PRO A 1575 7.24 -32.13 -36.01
N HIS A 1576 6.70 -30.91 -36.04
CA HIS A 1576 6.14 -30.28 -37.24
C HIS A 1576 4.79 -30.85 -37.65
N PHE A 1577 4.08 -31.53 -36.75
CA PHE A 1577 2.75 -32.04 -37.04
C PHE A 1577 1.69 -31.03 -36.61
N THR A 1578 0.55 -31.05 -37.32
CA THR A 1578 -0.63 -30.32 -36.87
C THR A 1578 -1.84 -31.21 -37.04
N SER A 1579 -3.03 -30.66 -36.74
CA SER A 1579 -4.24 -31.46 -36.76
C SER A 1579 -4.53 -32.00 -38.14
N GLU A 1580 -4.19 -31.25 -39.19
CA GLU A 1580 -4.49 -31.68 -40.54
C GLU A 1580 -3.63 -32.89 -40.94
N HIS A 1581 -2.37 -32.91 -40.50
CA HIS A 1581 -1.55 -34.10 -40.70
C HIS A 1581 -2.14 -35.32 -40.00
N ILE A 1582 -2.74 -35.10 -38.83
CA ILE A 1582 -3.33 -36.22 -38.10
C ILE A 1582 -4.60 -36.71 -38.81
N LYS A 1583 -5.37 -35.80 -39.41
CA LYS A 1583 -6.53 -36.22 -40.20
C LYS A 1583 -6.09 -37.04 -41.41
N ARG A 1584 -5.11 -36.51 -42.15
CA ARG A 1584 -4.61 -37.24 -43.32
C ARG A 1584 -4.01 -38.58 -42.92
N CYS A 1585 -3.43 -38.68 -41.72
CA CYS A 1585 -2.89 -39.96 -41.29
C CYS A 1585 -4.00 -40.92 -40.86
N THR A 1586 -5.01 -40.41 -40.15
CA THR A 1586 -6.07 -41.28 -39.65
C THR A 1586 -6.88 -41.87 -40.79
N ASP A 1587 -7.22 -41.09 -41.81
CA ASP A 1587 -7.97 -41.66 -42.92
C ASP A 1587 -7.09 -42.18 -44.06
N LYS A 1588 -5.80 -42.50 -43.77
CA LYS A 1588 -4.98 -43.22 -44.74
C LYS A 1588 -4.16 -44.35 -44.10
N GLY A 1589 -4.59 -44.87 -42.96
CA GLY A 1589 -3.98 -46.06 -42.39
C GLY A 1589 -2.86 -45.81 -41.40
N VAL A 1590 -2.83 -44.66 -40.74
CA VAL A 1590 -1.74 -44.27 -39.83
C VAL A 1590 -2.36 -43.77 -38.53
N GLU A 1591 -2.37 -44.62 -37.50
CA GLU A 1591 -2.83 -44.22 -36.18
C GLU A 1591 -1.71 -44.00 -35.18
N SER A 1592 -0.57 -44.67 -35.34
CA SER A 1592 0.47 -44.64 -34.33
C SER A 1592 1.80 -44.22 -34.94
N VAL A 1593 2.74 -43.93 -34.05
CA VAL A 1593 4.10 -43.57 -34.46
C VAL A 1593 4.73 -44.69 -35.26
N PHE A 1594 4.51 -45.94 -34.85
CA PHE A 1594 5.23 -47.04 -35.47
C PHE A 1594 4.79 -47.26 -36.92
N ASP A 1595 3.58 -46.86 -37.27
CA ASP A 1595 3.16 -46.90 -38.67
C ASP A 1595 4.09 -46.09 -39.56
N ILE A 1596 4.63 -44.98 -39.04
CA ILE A 1596 5.27 -43.97 -39.88
C ILE A 1596 6.60 -44.47 -40.43
N MET A 1597 7.37 -45.19 -39.60
CA MET A 1597 8.63 -45.73 -40.11
C MET A 1597 8.41 -46.93 -41.01
N GLU A 1598 7.32 -47.66 -40.81
CA GLU A 1598 6.95 -48.75 -41.70
C GLU A 1598 6.22 -48.20 -42.91
N MET A 1599 6.84 -47.24 -43.58
CA MET A 1599 6.31 -46.63 -44.79
C MET A 1599 7.45 -46.40 -45.75
N GLU A 1600 7.17 -46.53 -47.03
CA GLU A 1600 8.12 -46.08 -48.03
C GLU A 1600 8.21 -44.57 -47.98
N ASP A 1601 9.33 -44.04 -48.46
CA ASP A 1601 9.55 -42.60 -48.46
C ASP A 1601 8.42 -41.86 -49.17
N GLU A 1602 8.00 -42.36 -50.33
CA GLU A 1602 7.07 -41.62 -51.17
C GLU A 1602 5.74 -41.39 -50.45
N GLU A 1603 5.10 -42.46 -49.99
CA GLU A 1603 3.79 -42.33 -49.37
C GLU A 1603 3.88 -41.53 -48.08
N ARG A 1604 4.99 -41.69 -47.35
CA ARG A 1604 5.24 -40.89 -46.15
C ARG A 1604 5.23 -39.40 -46.49
N ASN A 1605 6.14 -38.99 -47.36
CA ASN A 1605 6.24 -37.58 -47.75
C ASN A 1605 4.94 -37.07 -48.35
N ALA A 1606 4.17 -37.93 -49.02
CA ALA A 1606 2.93 -37.50 -49.65
C ALA A 1606 1.84 -37.20 -48.62
N LEU A 1607 1.61 -38.13 -47.69
CA LEU A 1607 0.68 -37.86 -46.59
C LEU A 1607 1.18 -36.72 -45.73
N LEU A 1608 2.48 -36.49 -45.73
CA LEU A 1608 3.13 -35.64 -44.74
C LEU A 1608 2.99 -34.16 -45.09
N GLN A 1609 3.18 -33.81 -46.36
CA GLN A 1609 3.04 -32.42 -46.84
C GLN A 1609 3.93 -31.46 -46.07
N LEU A 1610 5.19 -31.85 -45.87
CA LEU A 1610 6.12 -31.03 -45.11
C LEU A 1610 7.45 -30.91 -45.85
N THR A 1611 8.29 -30.00 -45.36
CA THR A 1611 9.58 -29.70 -45.94
C THR A 1611 10.59 -30.79 -45.57
N ASP A 1612 11.84 -30.60 -45.97
CA ASP A 1612 12.86 -31.64 -45.85
C ASP A 1612 13.62 -31.57 -44.52
N SER A 1613 14.11 -30.39 -44.16
CA SER A 1613 14.73 -30.25 -42.84
C SER A 1613 13.77 -30.73 -41.76
N GLN A 1614 12.46 -30.67 -42.02
CA GLN A 1614 11.46 -31.10 -41.07
C GLN A 1614 11.29 -32.62 -41.02
N ILE A 1615 11.44 -33.32 -42.15
CA ILE A 1615 11.49 -34.77 -42.07
C ILE A 1615 12.75 -35.22 -41.38
N ALA A 1616 13.82 -34.42 -41.42
CA ALA A 1616 14.98 -34.76 -40.58
C ALA A 1616 14.61 -34.77 -39.09
N ASP A 1617 13.77 -33.82 -38.66
CA ASP A 1617 13.33 -33.77 -37.27
C ASP A 1617 12.43 -34.95 -36.93
N VAL A 1618 11.46 -35.24 -37.81
CA VAL A 1618 10.61 -36.41 -37.62
C VAL A 1618 11.46 -37.69 -37.57
N ALA A 1619 12.52 -37.73 -38.38
CA ALA A 1619 13.42 -38.87 -38.38
C ALA A 1619 14.14 -39.01 -37.04
N ARG A 1620 14.64 -37.89 -36.50
CA ARG A 1620 15.29 -37.94 -35.18
C ARG A 1620 14.33 -38.46 -34.12
N PHE A 1621 13.09 -37.94 -34.12
CA PHE A 1621 12.12 -38.37 -33.13
C PHE A 1621 11.85 -39.87 -33.24
N CYS A 1622 11.74 -40.37 -34.48
CA CYS A 1622 11.47 -41.80 -34.64
C CYS A 1622 12.70 -42.64 -34.30
N ASN A 1623 13.89 -42.09 -34.52
CA ASN A 1623 15.13 -42.80 -34.19
C ASN A 1623 15.39 -42.86 -32.69
N ARG A 1624 14.74 -42.01 -31.89
CA ARG A 1624 14.89 -42.14 -30.45
C ARG A 1624 13.64 -42.61 -29.72
N TYR A 1625 12.49 -42.68 -30.40
CA TYR A 1625 11.27 -43.20 -29.78
C TYR A 1625 11.50 -44.63 -29.30
N PRO A 1626 11.13 -44.96 -28.06
CA PRO A 1626 11.54 -46.27 -27.51
C PRO A 1626 10.96 -47.43 -28.28
N ASN A 1627 11.84 -48.34 -28.67
CA ASN A 1627 11.47 -49.57 -29.36
C ASN A 1627 11.99 -50.74 -28.54
N ILE A 1628 11.41 -50.91 -27.35
CA ILE A 1628 11.75 -52.00 -26.45
C ILE A 1628 10.91 -53.20 -26.85
N GLU A 1629 11.44 -54.40 -26.66
CA GLU A 1629 10.55 -55.54 -26.63
C GLU A 1629 10.83 -56.36 -25.37
N LEU A 1630 9.76 -56.87 -24.80
CA LEU A 1630 9.73 -57.40 -23.45
C LEU A 1630 9.55 -58.91 -23.48
N SER A 1631 10.06 -59.58 -22.46
CA SER A 1631 9.75 -60.98 -22.23
C SER A 1631 9.62 -61.20 -20.72
N TYR A 1632 8.77 -62.15 -20.33
CA TYR A 1632 8.56 -62.42 -18.91
C TYR A 1632 8.49 -63.91 -18.67
N GLU A 1633 8.91 -64.34 -17.49
CA GLU A 1633 8.74 -65.71 -17.05
C GLU A 1633 8.34 -65.72 -15.58
N VAL A 1634 7.33 -66.51 -15.26
CA VAL A 1634 6.97 -66.78 -13.87
C VAL A 1634 7.88 -67.89 -13.36
N VAL A 1635 8.81 -67.54 -12.46
CA VAL A 1635 9.79 -68.50 -11.99
C VAL A 1635 9.09 -69.61 -11.22
N ASP A 1636 9.35 -70.87 -11.60
CA ASP A 1636 8.75 -72.05 -10.99
C ASP A 1636 7.22 -71.94 -10.97
N LYS A 1637 6.63 -71.91 -12.16
CA LYS A 1637 5.18 -71.71 -12.30
C LYS A 1637 4.36 -72.86 -11.73
N ASP A 1638 5.00 -74.01 -11.49
CA ASP A 1638 4.30 -75.22 -11.08
C ASP A 1638 4.12 -75.29 -9.56
N SER A 1639 5.23 -75.22 -8.82
CA SER A 1639 5.17 -75.32 -7.36
C SER A 1639 4.79 -73.99 -6.73
N ILE A 1640 3.69 -73.40 -7.19
CA ILE A 1640 3.17 -72.16 -6.61
C ILE A 1640 2.18 -72.53 -5.51
N ARG A 1641 2.40 -72.01 -4.31
CA ARG A 1641 1.57 -72.32 -3.16
C ARG A 1641 1.05 -71.04 -2.53
N SER A 1642 -0.14 -71.13 -1.95
CA SER A 1642 -0.82 -69.96 -1.41
C SER A 1642 -0.06 -69.37 -0.24
N GLY A 1643 0.04 -68.05 -0.21
CA GLY A 1643 0.84 -67.37 0.80
C GLY A 1643 2.33 -67.40 0.56
N GLY A 1644 2.81 -68.23 -0.36
CA GLY A 1644 4.22 -68.36 -0.64
C GLY A 1644 4.75 -67.23 -1.52
N PRO A 1645 6.00 -67.34 -1.95
CA PRO A 1645 6.60 -66.31 -2.81
C PRO A 1645 6.27 -66.53 -4.27
N VAL A 1646 6.11 -65.42 -4.99
CA VAL A 1646 5.93 -65.47 -6.44
C VAL A 1646 6.92 -64.48 -7.05
N VAL A 1647 7.92 -65.00 -7.75
CA VAL A 1647 8.97 -64.22 -8.39
C VAL A 1647 8.68 -64.20 -9.88
N VAL A 1648 8.57 -63.00 -10.45
CA VAL A 1648 8.36 -62.81 -11.89
C VAL A 1648 9.58 -62.09 -12.45
N LEU A 1649 10.22 -62.70 -13.45
CA LEU A 1649 11.38 -62.13 -14.10
C LEU A 1649 10.97 -61.48 -15.42
N VAL A 1650 11.31 -60.21 -15.59
CA VAL A 1650 11.00 -59.48 -16.81
C VAL A 1650 12.32 -59.01 -17.42
N GLN A 1651 12.54 -59.37 -18.68
CA GLN A 1651 13.72 -58.97 -19.43
C GLN A 1651 13.30 -57.94 -20.48
N LEU A 1652 14.02 -56.81 -20.52
CA LEU A 1652 13.75 -55.72 -21.45
C LEU A 1652 14.98 -55.50 -22.31
N GLU A 1653 14.78 -55.49 -23.63
CA GLU A 1653 15.87 -55.22 -24.56
C GLU A 1653 15.46 -54.13 -25.53
N ARG A 1654 16.29 -53.11 -25.63
CA ARG A 1654 16.16 -52.01 -26.57
C ARG A 1654 16.91 -52.36 -27.84
N GLU A 1655 16.31 -52.03 -28.99
CA GLU A 1655 16.87 -52.46 -30.27
C GLU A 1655 18.20 -51.76 -30.58
N GLU A 1656 18.38 -50.53 -30.11
CA GLU A 1656 19.62 -49.79 -30.31
C GLU A 1656 20.07 -49.18 -28.99
N GLU A 1657 21.23 -48.53 -29.02
CA GLU A 1657 21.72 -47.88 -27.83
C GLU A 1657 20.98 -46.55 -27.59
N VAL A 1658 20.97 -46.12 -26.33
CA VAL A 1658 20.39 -44.83 -25.98
C VAL A 1658 21.29 -43.75 -26.55
N THR A 1659 20.85 -43.10 -27.63
CA THR A 1659 21.65 -42.10 -28.30
C THR A 1659 21.45 -40.69 -27.74
N GLY A 1660 20.88 -40.58 -26.54
CA GLY A 1660 20.65 -39.29 -25.93
C GLY A 1660 19.37 -39.23 -25.12
N PRO A 1661 19.06 -38.05 -24.58
CA PRO A 1661 17.90 -37.91 -23.70
C PRO A 1661 16.59 -37.92 -24.47
N VAL A 1662 15.50 -37.94 -23.70
CA VAL A 1662 14.16 -37.87 -24.27
C VAL A 1662 14.02 -36.63 -25.16
N ILE A 1663 13.28 -36.79 -26.26
CA ILE A 1663 12.93 -35.68 -27.13
C ILE A 1663 11.58 -35.15 -26.70
N ALA A 1664 11.53 -33.92 -26.19
CA ALA A 1664 10.30 -33.32 -25.71
C ALA A 1664 10.43 -31.80 -25.72
N PRO A 1665 10.40 -31.17 -26.90
CA PRO A 1665 10.79 -29.75 -26.99
C PRO A 1665 9.88 -28.81 -26.22
N LEU A 1666 8.68 -29.25 -25.86
CA LEU A 1666 7.77 -28.42 -25.08
C LEU A 1666 7.96 -28.60 -23.57
N PHE A 1667 8.97 -29.35 -23.15
CA PHE A 1667 9.31 -29.51 -21.74
C PHE A 1667 10.69 -28.93 -21.48
N PRO A 1668 10.87 -28.13 -20.41
CA PRO A 1668 12.04 -27.24 -20.33
C PRO A 1668 13.33 -27.92 -19.94
N GLN A 1669 13.27 -28.84 -18.98
CA GLN A 1669 14.45 -29.64 -18.62
C GLN A 1669 14.62 -30.81 -19.59
N LYS A 1670 15.89 -31.18 -19.82
CA LYS A 1670 16.19 -32.42 -20.54
C LYS A 1670 15.97 -33.60 -19.62
N ARG A 1671 15.24 -34.60 -20.10
CA ARG A 1671 14.91 -35.75 -19.28
C ARG A 1671 15.58 -37.01 -19.83
N GLU A 1672 15.86 -37.95 -18.94
CA GLU A 1672 16.15 -39.29 -19.39
C GLU A 1672 14.91 -40.16 -19.21
N GLU A 1673 14.86 -41.24 -20.00
CA GLU A 1673 13.72 -42.15 -20.01
C GLU A 1673 13.57 -42.89 -18.68
N GLY A 1674 12.35 -42.92 -18.17
CA GLY A 1674 12.03 -43.69 -16.97
C GLY A 1674 10.94 -44.70 -17.29
N TRP A 1675 10.94 -45.80 -16.53
CA TRP A 1675 10.03 -46.90 -16.78
C TRP A 1675 9.55 -47.51 -15.47
N TRP A 1676 8.33 -48.02 -15.49
CA TRP A 1676 7.81 -48.85 -14.43
C TRP A 1676 7.35 -50.18 -14.99
N VAL A 1677 7.54 -51.24 -14.20
CA VAL A 1677 6.98 -52.55 -14.47
C VAL A 1677 6.01 -52.85 -13.33
N VAL A 1678 4.77 -53.19 -13.69
CA VAL A 1678 3.65 -53.27 -12.76
C VAL A 1678 2.93 -54.60 -12.93
N ILE A 1679 2.75 -55.33 -11.84
CA ILE A 1679 1.88 -56.50 -11.81
C ILE A 1679 0.61 -56.12 -11.08
N GLY A 1680 -0.52 -56.26 -11.77
CA GLY A 1680 -1.81 -55.97 -11.17
C GLY A 1680 -2.90 -56.90 -11.67
N ASP A 1681 -3.95 -57.00 -10.87
CA ASP A 1681 -5.20 -57.61 -11.31
C ASP A 1681 -6.18 -56.48 -11.60
N ALA A 1682 -6.45 -56.26 -12.89
CA ALA A 1682 -7.25 -55.11 -13.27
C ALA A 1682 -8.70 -55.25 -12.83
N LYS A 1683 -9.19 -56.48 -12.69
CA LYS A 1683 -10.57 -56.70 -12.25
C LYS A 1683 -10.76 -56.23 -10.81
N SER A 1684 -9.75 -56.41 -9.97
CA SER A 1684 -9.82 -56.01 -8.58
C SER A 1684 -9.37 -54.57 -8.34
N ASN A 1685 -8.80 -53.92 -9.36
CA ASN A 1685 -8.15 -52.61 -9.20
C ASN A 1685 -7.03 -52.68 -8.16
N SER A 1686 -6.20 -53.72 -8.29
CA SER A 1686 -5.21 -54.09 -7.28
C SER A 1686 -3.81 -54.06 -7.88
N LEU A 1687 -2.99 -53.12 -7.42
CA LEU A 1687 -1.57 -53.12 -7.76
C LEU A 1687 -0.83 -54.05 -6.80
N ILE A 1688 -0.15 -55.05 -7.36
CA ILE A 1688 0.44 -56.11 -6.57
C ILE A 1688 1.97 -56.02 -6.54
N SER A 1689 2.60 -55.54 -7.61
CA SER A 1689 4.05 -55.42 -7.62
C SER A 1689 4.43 -54.26 -8.52
N ILE A 1690 5.44 -53.49 -8.12
CA ILE A 1690 5.88 -52.38 -8.95
C ILE A 1690 7.38 -52.17 -8.75
N LYS A 1691 8.06 -51.93 -9.86
CA LYS A 1691 9.47 -51.57 -9.83
C LYS A 1691 9.73 -50.48 -10.87
N ARG A 1692 10.64 -49.58 -10.54
CA ARG A 1692 11.07 -48.53 -11.44
C ARG A 1692 12.44 -48.88 -12.01
N LEU A 1693 12.78 -48.27 -13.15
CA LEU A 1693 14.04 -48.61 -13.80
C LEU A 1693 14.34 -47.62 -14.91
N THR A 1694 15.62 -47.45 -15.17
CA THR A 1694 16.12 -46.86 -16.41
C THR A 1694 16.73 -47.98 -17.24
N LEU A 1695 16.56 -47.90 -18.55
CA LEU A 1695 16.95 -48.98 -19.45
C LEU A 1695 17.99 -48.46 -20.43
N GLN A 1696 19.18 -49.07 -20.38
CA GLN A 1696 20.19 -48.83 -21.41
C GLN A 1696 19.86 -49.69 -22.63
N GLN A 1697 20.64 -50.74 -22.87
CA GLN A 1697 20.33 -51.64 -23.97
C GLN A 1697 19.47 -52.82 -23.51
N LYS A 1698 19.86 -53.46 -22.41
CA LYS A 1698 19.17 -54.63 -21.89
C LYS A 1698 19.22 -54.62 -20.37
N ALA A 1699 18.13 -55.05 -19.74
CA ALA A 1699 18.08 -55.11 -18.29
C ALA A 1699 17.04 -56.13 -17.86
N LYS A 1700 17.32 -56.82 -16.75
CA LYS A 1700 16.38 -57.75 -16.15
C LYS A 1700 15.89 -57.21 -14.81
N VAL A 1701 14.63 -57.49 -14.50
CA VAL A 1701 13.94 -56.94 -13.34
C VAL A 1701 13.16 -58.05 -12.65
N LYS A 1702 13.23 -58.09 -11.32
CA LYS A 1702 12.58 -59.13 -10.52
C LYS A 1702 11.45 -58.52 -9.70
N LEU A 1703 10.24 -59.06 -9.85
CA LEU A 1703 9.09 -58.60 -9.08
C LEU A 1703 8.64 -59.71 -8.14
N ASP A 1704 8.46 -59.35 -6.87
CA ASP A 1704 8.14 -60.29 -5.79
C ASP A 1704 6.77 -59.98 -5.22
N PHE A 1705 5.89 -60.99 -5.18
CA PHE A 1705 4.63 -60.75 -4.50
C PHE A 1705 4.14 -62.01 -3.80
N VAL A 1706 3.17 -61.82 -2.89
CA VAL A 1706 2.61 -62.91 -2.10
C VAL A 1706 1.53 -63.61 -2.91
N ALA A 1707 1.42 -64.91 -2.71
CA ALA A 1707 0.44 -65.66 -3.48
C ALA A 1707 -0.97 -65.44 -2.94
N PRO A 1708 -2.00 -65.61 -3.77
CA PRO A 1708 -3.38 -65.47 -3.30
C PRO A 1708 -3.84 -66.66 -2.46
N ALA A 1709 -5.16 -66.83 -2.34
CA ALA A 1709 -5.69 -67.82 -1.41
C ALA A 1709 -5.55 -69.25 -1.92
N THR A 1710 -5.77 -69.48 -3.23
CA THR A 1710 -5.52 -70.73 -3.96
C THR A 1710 -6.38 -70.78 -5.23
N GLY A 1711 -5.83 -71.33 -6.31
CA GLY A 1711 -6.54 -71.51 -7.56
C GLY A 1711 -5.77 -70.90 -8.70
N ALA A 1712 -6.44 -70.79 -9.85
CA ALA A 1712 -5.84 -70.16 -11.03
C ALA A 1712 -6.16 -68.67 -11.00
N HIS A 1713 -5.13 -67.83 -11.21
CA HIS A 1713 -5.29 -66.39 -11.18
C HIS A 1713 -4.65 -65.76 -12.41
N ASN A 1714 -5.37 -64.83 -13.02
CA ASN A 1714 -4.93 -64.13 -14.22
C ASN A 1714 -4.51 -62.71 -13.85
N TYR A 1715 -3.23 -62.42 -14.00
CA TYR A 1715 -2.69 -61.09 -13.75
C TYR A 1715 -2.30 -60.42 -15.06
N THR A 1716 -1.97 -59.14 -14.96
CA THR A 1716 -1.54 -58.33 -16.09
C THR A 1716 -0.21 -57.68 -15.75
N LEU A 1717 0.73 -57.76 -16.69
CA LEU A 1717 2.03 -57.11 -16.62
C LEU A 1717 1.99 -55.82 -17.44
N TYR A 1718 2.47 -54.73 -16.85
CA TYR A 1718 2.52 -53.40 -17.45
C TYR A 1718 3.96 -52.92 -17.55
N PHE A 1719 4.30 -52.35 -18.71
CA PHE A 1719 5.59 -51.70 -18.95
C PHE A 1719 5.24 -50.28 -19.38
N MET A 1720 5.44 -49.33 -18.47
CA MET A 1720 4.90 -47.98 -18.60
C MET A 1720 6.02 -46.94 -18.64
N SER A 1721 5.96 -46.06 -19.63
CA SER A 1721 6.92 -44.98 -19.76
C SER A 1721 6.49 -43.78 -18.92
N ASP A 1722 7.46 -42.93 -18.59
CA ASP A 1722 7.19 -41.68 -17.91
C ASP A 1722 7.48 -40.46 -18.78
N ALA A 1723 7.83 -40.67 -20.05
CA ALA A 1723 8.39 -39.62 -20.88
C ALA A 1723 7.70 -39.57 -22.25
N TYR A 1724 7.17 -40.69 -22.71
CA TYR A 1724 6.59 -40.81 -24.04
C TYR A 1724 5.21 -41.47 -23.97
N MET A 1725 4.25 -40.92 -24.70
CA MET A 1725 2.97 -41.60 -24.87
C MET A 1725 3.06 -42.60 -26.02
N GLY A 1726 2.30 -43.69 -25.90
CA GLY A 1726 2.16 -44.66 -26.95
C GLY A 1726 3.06 -45.88 -26.87
N CYS A 1727 4.00 -45.92 -25.92
CA CYS A 1727 4.94 -47.04 -25.83
C CYS A 1727 4.56 -48.08 -24.79
N ASP A 1728 3.46 -47.88 -24.06
CA ASP A 1728 3.17 -48.75 -22.94
C ASP A 1728 2.78 -50.14 -23.44
N GLN A 1729 3.38 -51.18 -22.86
CA GLN A 1729 3.03 -52.56 -23.21
C GLN A 1729 2.30 -53.23 -22.05
N GLU A 1730 1.58 -54.30 -22.38
CA GLU A 1730 0.68 -54.97 -21.45
C GLU A 1730 0.54 -56.44 -21.87
N TYR A 1731 0.63 -57.35 -20.90
CA TYR A 1731 0.58 -58.78 -21.20
C TYR A 1731 -0.17 -59.50 -20.09
N LYS A 1732 -1.27 -60.17 -20.46
CA LYS A 1732 -1.96 -61.04 -19.53
C LYS A 1732 -1.19 -62.34 -19.35
N PHE A 1733 -1.20 -62.87 -18.13
CA PHE A 1733 -0.59 -64.17 -17.86
C PHE A 1733 -1.32 -64.80 -16.70
N SER A 1734 -1.12 -66.11 -16.54
CA SER A 1734 -1.82 -66.88 -15.53
C SER A 1734 -0.83 -67.63 -14.66
N VAL A 1735 -1.15 -67.73 -13.37
CA VAL A 1735 -0.40 -68.54 -12.43
C VAL A 1735 -1.37 -69.44 -11.67
N ASP A 1736 -1.01 -70.71 -11.54
CA ASP A 1736 -1.88 -71.69 -10.91
C ASP A 1736 -1.33 -72.03 -9.53
N VAL A 1737 -1.89 -71.40 -8.50
CA VAL A 1737 -1.58 -71.72 -7.11
C VAL A 1737 -2.25 -73.04 -6.78
N LYS A 1738 -1.44 -74.09 -6.64
CA LYS A 1738 -1.93 -75.41 -6.26
C LYS A 1738 -1.78 -75.63 -4.76
N GLY B 1 -24.76 58.36 37.69
CA GLY B 1 -25.87 57.61 38.25
C GLY B 1 -26.61 56.70 37.30
N PRO B 2 -25.97 55.59 36.90
CA PRO B 2 -26.50 54.76 35.81
C PRO B 2 -27.44 53.66 36.29
N LEU B 3 -28.56 54.06 36.90
CA LEU B 3 -29.62 53.10 37.18
C LEU B 3 -30.24 52.60 35.89
N GLY B 4 -30.38 53.48 34.90
CA GLY B 4 -30.95 53.12 33.61
C GLY B 4 -30.29 53.86 32.45
N SER B 5 -29.12 54.43 32.70
CA SER B 5 -28.33 55.09 31.65
C SER B 5 -27.34 54.11 31.05
N MET B 6 -26.25 53.84 31.77
CA MET B 6 -25.21 52.93 31.33
C MET B 6 -25.30 51.64 32.12
N THR B 7 -25.59 50.54 31.42
CA THR B 7 -25.54 49.21 32.03
C THR B 7 -24.69 48.31 31.15
N GLN B 8 -23.72 47.65 31.77
CA GLN B 8 -22.83 46.72 31.11
C GLN B 8 -23.09 45.31 31.64
N THR B 9 -22.64 44.31 30.89
CA THR B 9 -22.86 42.91 31.23
C THR B 9 -21.53 42.24 31.53
N PHE B 10 -21.46 41.54 32.66
CA PHE B 10 -20.24 40.83 32.97
C PHE B 10 -20.03 39.65 32.02
N SER B 11 -18.78 39.49 31.57
CA SER B 11 -18.38 38.43 30.66
C SER B 11 -17.24 37.65 31.32
N SER B 12 -17.48 36.37 31.61
CA SER B 12 -16.53 35.57 32.39
C SER B 12 -15.18 35.44 31.70
N LYS B 13 -14.12 35.58 32.49
CA LYS B 13 -12.75 35.47 32.00
C LYS B 13 -11.95 34.56 32.94
N THR B 14 -12.11 33.26 32.75
CA THR B 14 -11.56 32.28 33.69
C THR B 14 -10.03 32.20 33.59
N GLU B 15 -9.39 31.96 34.75
CA GLU B 15 -7.95 32.12 34.89
C GLU B 15 -7.15 30.93 34.34
N TRP B 16 -7.74 29.73 34.37
CA TRP B 16 -7.00 28.60 33.83
C TRP B 16 -6.69 28.79 32.35
N ARG B 17 -7.44 29.65 31.63
CA ARG B 17 -7.19 29.84 30.21
C ARG B 17 -5.87 30.57 29.97
N VAL B 18 -5.64 31.65 30.71
CA VAL B 18 -4.37 32.36 30.63
C VAL B 18 -3.23 31.45 31.07
N ARG B 19 -3.49 30.63 32.09
CA ARG B 19 -2.46 29.70 32.54
C ARG B 19 -2.17 28.64 31.48
N ALA B 20 -3.19 28.20 30.73
CA ALA B 20 -2.97 27.18 29.70
C ALA B 20 -2.23 27.77 28.50
N ILE B 21 -2.57 29.00 28.12
CA ILE B 21 -1.79 29.67 27.09
C ILE B 21 -0.33 29.76 27.52
N SER B 22 -0.08 30.18 28.78
CA SER B 22 1.31 30.33 29.18
C SER B 22 2.01 28.98 29.33
N ALA B 23 1.26 27.94 29.69
CA ALA B 23 1.83 26.59 29.74
C ALA B 23 2.27 26.11 28.38
N ALA B 24 1.64 26.61 27.31
CA ALA B 24 2.09 26.21 25.98
C ALA B 24 3.48 26.76 25.65
N ASN B 25 3.98 27.76 26.36
CA ASN B 25 5.30 28.28 26.04
C ASN B 25 6.42 27.69 26.89
N LEU B 26 6.16 26.60 27.63
CA LEU B 26 7.17 26.16 28.59
C LEU B 26 8.42 25.61 27.90
N HIS B 27 8.28 25.10 26.66
CA HIS B 27 9.44 24.49 26.00
C HIS B 27 10.60 25.47 25.86
N LEU B 28 10.29 26.76 25.67
CA LEU B 28 11.33 27.77 25.51
C LEU B 28 12.31 27.79 26.69
N ARG B 29 11.82 27.53 27.91
CA ARG B 29 12.68 27.51 29.09
C ARG B 29 13.62 26.31 29.14
N THR B 30 13.30 25.21 28.45
CA THR B 30 14.13 24.02 28.52
C THR B 30 15.48 24.20 27.83
N ASN B 31 15.67 25.28 27.10
CA ASN B 31 16.97 25.62 26.54
C ASN B 31 17.82 26.49 27.46
N HIS B 32 17.24 27.00 28.54
CA HIS B 32 17.91 27.92 29.44
C HIS B 32 17.65 27.45 30.87
N ILE B 33 18.35 26.40 31.27
CA ILE B 33 18.23 25.79 32.58
C ILE B 33 19.56 25.99 33.30
N TYR B 34 19.49 26.55 34.50
CA TYR B 34 20.67 26.86 35.29
C TYR B 34 20.65 26.11 36.63
N VAL B 35 21.81 25.57 37.02
CA VAL B 35 21.99 24.94 38.32
C VAL B 35 22.81 25.88 39.20
N SER B 36 22.37 26.04 40.44
CA SER B 36 23.09 26.90 41.39
C SER B 36 24.38 26.24 41.86
N SER B 37 25.40 27.07 42.11
CA SER B 37 26.66 26.62 42.71
C SER B 37 26.50 26.49 44.21
N ASP B 38 26.73 25.28 44.73
CA ASP B 38 26.39 24.98 46.12
C ASP B 38 27.20 25.82 47.10
N ASP B 39 26.54 26.32 48.14
CA ASP B 39 27.20 27.00 49.23
C ASP B 39 27.91 26.02 50.16
N ILE B 40 27.42 24.78 50.23
CA ILE B 40 28.04 23.78 51.08
C ILE B 40 29.28 23.19 50.41
N LYS B 41 29.17 22.89 49.11
CA LYS B 41 30.27 22.37 48.28
C LYS B 41 30.69 20.97 48.65
N GLU B 42 30.33 20.51 49.86
CA GLU B 42 30.63 19.16 50.30
C GLU B 42 29.47 18.68 51.17
N THR B 43 28.71 17.73 50.65
CA THR B 43 27.71 16.98 51.43
C THR B 43 27.72 15.53 50.96
N GLY B 44 28.91 14.92 51.00
CA GLY B 44 29.09 13.54 50.61
C GLY B 44 28.67 13.25 49.18
N TYR B 45 27.37 13.37 48.89
CA TYR B 45 26.81 12.86 47.64
C TYR B 45 26.63 13.97 46.61
N THR B 46 27.07 13.69 45.39
CA THR B 46 26.76 14.51 44.23
C THR B 46 25.65 13.83 43.43
N TYR B 47 24.58 14.57 43.15
CA TYR B 47 23.46 14.05 42.38
C TYR B 47 23.54 14.51 40.94
N ILE B 48 23.39 13.57 40.02
CA ILE B 48 23.45 13.86 38.60
C ILE B 48 22.07 13.62 38.01
N LEU B 49 21.52 14.67 37.42
CA LEU B 49 20.17 14.64 36.90
C LEU B 49 20.19 14.65 35.38
N PRO B 50 19.67 13.62 34.72
CA PRO B 50 19.66 13.60 33.25
C PRO B 50 18.74 14.68 32.68
N LYS B 51 19.20 15.34 31.63
CA LYS B 51 18.44 16.47 31.13
C LYS B 51 17.14 16.04 30.45
N ASN B 52 17.06 14.84 29.89
CA ASN B 52 15.86 14.52 29.11
C ASN B 52 14.62 14.53 30.00
N VAL B 53 14.71 13.90 31.19
CA VAL B 53 13.52 13.84 32.04
C VAL B 53 13.29 15.18 32.73
N LEU B 54 14.36 15.96 32.96
CA LEU B 54 14.21 17.32 33.47
C LEU B 54 13.41 18.19 32.50
N LYS B 55 13.72 18.09 31.21
CA LYS B 55 13.02 18.92 30.24
C LYS B 55 11.58 18.49 30.12
N LYS B 56 11.33 17.18 30.13
CA LYS B 56 9.95 16.72 30.14
C LYS B 56 9.22 17.21 31.40
N PHE B 57 9.89 17.14 32.56
CA PHE B 57 9.27 17.59 33.80
C PHE B 57 8.87 19.05 33.72
N ILE B 58 9.72 19.89 33.13
CA ILE B 58 9.35 21.29 32.94
C ILE B 58 8.16 21.40 31.99
N CYS B 59 8.17 20.64 30.89
CA CYS B 59 7.15 20.79 29.87
C CYS B 59 5.77 20.38 30.36
N ILE B 60 5.68 19.46 31.31
CA ILE B 60 4.35 19.00 31.73
C ILE B 60 3.82 19.86 32.88
N SER B 61 4.55 20.91 33.25
CA SER B 61 4.24 21.61 34.49
C SER B 61 3.33 22.81 34.23
N ASP B 62 3.23 23.69 35.23
CA ASP B 62 2.39 24.88 35.19
C ASP B 62 3.13 25.98 35.95
N LEU B 63 2.86 27.22 35.58
CA LEU B 63 3.66 28.28 36.18
C LEU B 63 3.12 28.74 37.53
N ARG B 64 1.88 28.40 37.86
CA ARG B 64 1.36 28.71 39.19
C ARG B 64 1.23 27.49 40.09
N ALA B 65 0.65 26.39 39.60
CA ALA B 65 0.39 25.22 40.44
C ALA B 65 1.60 24.29 40.45
N GLN B 66 2.25 24.16 41.61
CA GLN B 66 3.40 23.29 41.75
C GLN B 66 3.04 21.85 41.37
N ILE B 67 3.98 21.17 40.72
CA ILE B 67 3.89 19.74 40.54
C ILE B 67 5.16 19.11 41.11
N ALA B 68 5.11 17.81 41.37
CA ALA B 68 6.24 17.11 41.97
C ALA B 68 6.42 15.73 41.36
N GLY B 69 7.69 15.31 41.31
CA GLY B 69 8.03 13.95 40.92
C GLY B 69 8.98 13.34 41.92
N TYR B 70 8.88 12.01 42.07
CA TYR B 70 9.75 11.27 42.99
C TYR B 70 11.01 10.82 42.27
N LEU B 71 12.15 10.91 42.96
CA LEU B 71 13.46 10.63 42.38
C LEU B 71 13.93 9.23 42.75
N TYR B 72 14.38 8.46 41.74
CA TYR B 72 14.96 7.14 41.97
C TYR B 72 16.27 7.04 41.20
N GLY B 73 17.25 6.38 41.81
CA GLY B 73 18.48 6.19 41.09
C GLY B 73 19.46 5.30 41.83
N VAL B 74 20.69 5.25 41.30
CA VAL B 74 21.75 4.40 41.81
C VAL B 74 23.06 5.19 41.74
N SER B 75 24.11 4.59 42.31
CA SER B 75 25.50 5.01 42.21
C SER B 75 26.14 4.37 40.99
N PRO B 76 27.00 5.07 40.27
CA PRO B 76 27.80 4.43 39.22
C PRO B 76 28.62 3.31 39.82
N PRO B 77 29.10 2.36 38.99
CA PRO B 77 29.63 1.10 39.51
C PRO B 77 30.61 1.23 40.67
N ASP B 78 31.72 1.95 40.49
CA ASP B 78 32.76 2.04 41.51
C ASP B 78 32.88 3.43 42.11
N ASN B 79 31.76 4.14 42.25
CA ASN B 79 31.76 5.55 42.69
C ASN B 79 30.57 5.80 43.58
N PRO B 80 30.63 5.38 44.85
CA PRO B 80 29.44 5.45 45.72
C PRO B 80 29.10 6.85 46.18
N GLN B 81 29.96 7.84 45.93
CA GLN B 81 29.72 9.21 46.32
C GLN B 81 28.83 9.95 45.33
N VAL B 82 28.61 9.38 44.15
CA VAL B 82 27.77 9.95 43.11
C VAL B 82 26.46 9.19 43.10
N LYS B 83 25.35 9.93 42.99
CA LYS B 83 24.03 9.35 42.81
C LYS B 83 23.52 9.79 41.45
N GLU B 84 23.29 8.83 40.57
CA GLU B 84 22.68 9.12 39.28
C GLU B 84 21.18 8.92 39.42
N ILE B 85 20.43 9.97 39.10
CA ILE B 85 18.97 9.89 39.07
C ILE B 85 18.56 9.23 37.76
N ARG B 86 17.95 8.05 37.85
CA ARG B 86 17.54 7.31 36.66
C ARG B 86 16.05 7.37 36.37
N CYS B 87 15.21 7.71 37.35
CA CYS B 87 13.78 7.65 37.12
C CYS B 87 13.08 8.76 37.89
N ILE B 88 12.08 9.36 37.26
CA ILE B 88 11.15 10.28 37.92
C ILE B 88 9.76 9.64 37.84
N VAL B 89 9.13 9.47 39.01
CA VAL B 89 7.80 8.86 39.11
C VAL B 89 6.78 9.97 39.34
N MET B 90 5.77 10.04 38.46
CA MET B 90 4.64 10.95 38.62
C MET B 90 3.46 10.17 39.21
N VAL B 91 2.94 10.65 40.32
CA VAL B 91 1.86 10.00 41.06
C VAL B 91 0.70 10.98 41.11
N PRO B 92 -0.51 10.51 41.42
CA PRO B 92 -1.67 11.41 41.48
C PRO B 92 -1.44 12.55 42.48
N GLN B 93 -1.75 13.77 42.05
CA GLN B 93 -1.33 14.89 42.88
C GLN B 93 -2.09 16.14 42.51
N TRP B 94 -2.10 17.10 43.43
CA TRP B 94 -2.49 18.46 43.04
C TRP B 94 -1.58 19.43 43.77
N GLY B 95 -1.64 20.70 43.40
CA GLY B 95 -0.79 21.64 44.08
C GLY B 95 -1.40 23.01 44.13
N THR B 96 -0.72 23.88 44.89
CA THR B 96 -0.91 25.31 44.86
C THR B 96 0.44 25.93 44.53
N HIS B 97 0.52 27.26 44.61
CA HIS B 97 1.78 27.96 44.40
C HIS B 97 2.77 27.73 45.52
N GLN B 98 2.34 27.16 46.65
CA GLN B 98 3.19 27.02 47.82
C GLN B 98 3.55 25.59 48.17
N THR B 99 2.83 24.59 47.66
CA THR B 99 3.11 23.23 48.09
C THR B 99 2.49 22.26 47.09
N VAL B 100 2.81 20.97 47.26
CA VAL B 100 2.22 19.88 46.49
C VAL B 100 1.58 18.90 47.46
N HIS B 101 0.44 18.31 47.06
CA HIS B 101 -0.28 17.29 47.82
C HIS B 101 -0.18 15.97 47.08
N LEU B 102 0.46 15.00 47.72
CA LEU B 102 0.79 13.69 47.24
C LEU B 102 0.16 12.62 48.14
N PRO B 103 -0.13 11.43 47.61
CA PRO B 103 -0.65 10.35 48.46
C PRO B 103 0.34 9.96 49.56
N GLY B 104 -0.18 9.26 50.57
CA GLY B 104 0.71 8.68 51.57
C GLY B 104 1.53 7.55 50.97
N GLN B 105 0.95 6.77 50.07
CA GLN B 105 1.62 5.63 49.46
C GLN B 105 2.76 6.08 48.54
N LEU B 106 3.92 5.60 48.82
CA LEU B 106 5.09 5.79 47.99
C LEU B 106 5.07 4.84 46.80
N PRO B 107 5.74 5.19 45.69
CA PRO B 107 5.75 4.31 44.54
C PRO B 107 6.18 2.90 44.91
N GLN B 108 5.47 1.93 44.35
CA GLN B 108 5.77 0.52 44.52
C GLN B 108 5.67 -0.07 43.13
N HIS B 109 6.80 -0.54 42.60
CA HIS B 109 6.79 -1.24 41.33
C HIS B 109 8.06 -2.07 41.23
N GLU B 110 7.90 -3.31 40.76
CA GLU B 110 9.03 -4.21 40.58
C GLU B 110 10.19 -3.52 39.86
N TYR B 111 9.87 -2.79 38.78
CA TYR B 111 10.88 -2.20 37.91
C TYR B 111 11.77 -1.20 38.64
N LEU B 112 11.35 -0.70 39.81
CA LEU B 112 12.14 0.22 40.62
C LEU B 112 12.93 -0.47 41.73
N LYS B 113 12.82 -1.80 41.86
CA LYS B 113 13.28 -2.43 43.09
C LYS B 113 14.79 -2.44 43.22
N GLU B 114 15.51 -2.40 42.09
CA GLU B 114 16.96 -2.27 42.11
C GLU B 114 17.43 -0.83 42.24
N MET B 115 16.54 0.14 42.40
CA MET B 115 16.95 1.52 42.57
C MET B 115 16.68 1.96 44.00
N GLU B 116 17.34 3.01 44.39
CA GLU B 116 17.04 3.52 45.68
C GLU B 116 16.31 4.86 45.57
N PRO B 117 15.43 5.15 46.51
CA PRO B 117 14.74 6.45 46.52
C PRO B 117 15.71 7.56 46.90
N LEU B 118 15.67 8.66 46.12
CA LEU B 118 16.57 9.78 46.32
C LEU B 118 15.87 11.08 46.70
N GLY B 119 14.56 11.03 46.98
CA GLY B 119 13.83 12.23 47.34
C GLY B 119 12.83 12.67 46.29
N TRP B 120 12.74 13.98 46.05
CA TRP B 120 11.74 14.50 45.12
C TRP B 120 12.20 15.79 44.48
N ILE B 121 11.60 16.07 43.32
CA ILE B 121 11.77 17.29 42.54
C ILE B 121 10.39 17.95 42.44
N HIS B 122 10.35 19.27 42.57
CA HIS B 122 9.10 20.02 42.42
C HIS B 122 9.38 21.38 41.81
N THR B 123 8.40 21.90 41.07
CA THR B 123 8.51 23.24 40.50
C THR B 123 8.07 24.28 41.52
N GLN B 124 8.53 25.52 41.30
CA GLN B 124 8.23 26.67 42.14
C GLN B 124 8.02 27.89 41.26
N PRO B 125 7.01 28.73 41.54
CA PRO B 125 6.84 29.95 40.74
C PRO B 125 8.02 30.89 40.83
N ASN B 126 8.60 31.08 42.01
CA ASN B 126 9.66 32.05 42.18
C ASN B 126 10.85 31.42 42.88
N GLU B 127 12.04 31.83 42.44
CA GLU B 127 13.29 31.50 43.13
C GLU B 127 13.22 31.97 44.59
N SER B 128 14.16 31.49 45.40
CA SER B 128 14.16 31.80 46.82
C SER B 128 15.51 31.46 47.42
N PRO B 129 16.05 32.31 48.32
CA PRO B 129 17.32 31.96 48.96
C PRO B 129 17.24 30.70 49.81
N GLN B 130 16.08 30.38 50.37
CA GLN B 130 15.98 29.31 51.32
C GLN B 130 14.96 28.25 50.89
N LEU B 131 15.17 27.05 51.40
CA LEU B 131 14.19 25.97 51.25
C LEU B 131 12.91 26.35 51.98
N SER B 132 11.79 26.15 51.31
CA SER B 132 10.50 26.45 51.89
C SER B 132 10.30 25.65 53.19
N PRO B 133 9.59 26.23 54.16
CA PRO B 133 9.22 25.42 55.34
C PRO B 133 8.17 24.37 55.03
N GLN B 134 7.26 24.66 54.10
CA GLN B 134 6.38 23.64 53.55
C GLN B 134 7.20 22.43 53.09
N ASP B 135 8.29 22.68 52.36
CA ASP B 135 9.12 21.59 51.85
C ASP B 135 9.81 20.81 52.97
N VAL B 136 10.36 21.53 53.96
CA VAL B 136 10.97 20.86 55.09
C VAL B 136 9.95 19.95 55.76
N THR B 137 8.73 20.44 55.93
CA THR B 137 7.67 19.67 56.58
C THR B 137 7.27 18.46 55.75
N THR B 138 7.09 18.67 54.44
CA THR B 138 6.71 17.57 53.55
C THR B 138 7.77 16.47 53.56
N HIS B 139 9.04 16.85 53.44
CA HIS B 139 10.12 15.89 53.40
C HIS B 139 10.22 15.15 54.73
N ALA B 140 10.10 15.87 55.85
CA ALA B 140 10.22 15.24 57.16
C ALA B 140 9.07 14.29 57.44
N LYS B 141 7.87 14.60 56.97
CA LYS B 141 6.76 13.68 57.20
C LYS B 141 6.84 12.45 56.28
N ILE B 142 7.34 12.60 55.05
CA ILE B 142 7.60 11.40 54.25
C ILE B 142 8.62 10.53 54.96
N MET B 143 9.75 11.13 55.35
CA MET B 143 10.79 10.39 56.06
C MET B 143 10.22 9.64 57.27
N ALA B 144 9.39 10.31 58.07
CA ALA B 144 8.87 9.70 59.30
C ALA B 144 7.95 8.54 59.01
N ASP B 145 7.22 8.58 57.88
CA ASP B 145 6.36 7.47 57.49
C ASP B 145 7.05 6.40 56.65
N ASN B 146 8.28 6.63 56.17
CA ASN B 146 8.90 5.73 55.21
C ASN B 146 10.39 5.62 55.54
N PRO B 147 10.79 4.57 56.28
CA PRO B 147 12.20 4.43 56.68
C PRO B 147 13.18 4.25 55.52
N SER B 148 12.71 3.90 54.33
CA SER B 148 13.61 3.80 53.19
C SER B 148 14.17 5.16 52.76
N TRP B 149 13.59 6.26 53.23
CA TRP B 149 14.10 7.60 52.93
C TRP B 149 15.17 7.94 53.95
N ASP B 150 16.43 7.73 53.58
CA ASP B 150 17.54 8.05 54.45
C ASP B 150 17.78 9.56 54.48
N GLY B 151 17.80 10.13 55.68
CA GLY B 151 18.04 11.56 55.81
C GLY B 151 19.31 12.05 55.16
N GLU B 152 20.34 11.20 55.10
CA GLU B 152 21.62 11.56 54.52
C GLU B 152 21.67 11.37 53.01
N LYS B 153 20.59 10.86 52.39
CA LYS B 153 20.61 10.56 50.95
C LYS B 153 19.40 11.04 50.18
N THR B 154 18.41 11.68 50.79
CA THR B 154 17.25 12.12 50.04
C THR B 154 17.23 13.64 49.98
N ILE B 155 16.88 14.15 48.81
CA ILE B 155 17.03 15.56 48.53
C ILE B 155 15.71 16.12 48.02
N ILE B 156 15.58 17.44 48.10
CA ILE B 156 14.56 18.21 47.39
C ILE B 156 15.27 19.00 46.31
N ILE B 157 14.88 18.76 45.05
CA ILE B 157 15.29 19.60 43.93
C ILE B 157 14.14 20.56 43.64
N THR B 158 14.40 21.85 43.84
CA THR B 158 13.46 22.88 43.43
C THR B 158 13.81 23.32 42.02
N CYS B 159 12.78 23.50 41.20
CA CYS B 159 12.90 23.97 39.82
C CYS B 159 12.10 25.26 39.75
N SER B 160 12.78 26.38 39.76
CA SER B 160 12.14 27.68 39.90
C SER B 160 12.04 28.35 38.54
N PHE B 161 10.91 29.03 38.33
CA PHE B 161 10.64 29.73 37.07
C PHE B 161 11.24 31.13 37.15
N THR B 162 12.51 31.20 36.84
CA THR B 162 13.17 32.47 36.60
C THR B 162 12.80 32.97 35.20
N PRO B 163 12.83 34.29 34.97
CA PRO B 163 12.34 34.83 33.69
C PRO B 163 13.08 34.25 32.49
N GLY B 164 12.32 33.65 31.58
CA GLY B 164 12.87 33.04 30.39
C GLY B 164 13.64 31.76 30.59
N SER B 165 13.62 31.18 31.79
CA SER B 165 14.56 30.10 32.12
C SER B 165 13.98 29.26 33.26
N CYS B 166 14.79 28.32 33.74
CA CYS B 166 14.55 27.56 34.96
C CYS B 166 15.85 27.44 35.72
N THR B 167 15.77 27.63 37.02
CA THR B 167 16.94 27.52 37.89
C THR B 167 16.70 26.40 38.89
N LEU B 168 17.65 25.48 38.98
CA LEU B 168 17.55 24.30 39.82
C LEU B 168 18.46 24.44 41.04
N THR B 169 17.93 24.10 42.22
CA THR B 169 18.78 23.97 43.40
C THR B 169 18.36 22.73 44.18
N ALA B 170 19.34 22.06 44.76
CA ALA B 170 19.12 20.82 45.52
C ALA B 170 19.49 21.00 46.99
N TYR B 171 18.62 20.49 47.88
CA TYR B 171 18.78 20.58 49.32
C TYR B 171 18.58 19.21 49.96
N LYS B 172 19.06 19.08 51.19
CA LYS B 172 18.72 17.97 52.08
C LYS B 172 18.39 18.53 53.44
N LEU B 173 17.66 17.76 54.22
CA LEU B 173 17.43 18.08 55.62
C LEU B 173 18.67 17.79 56.46
N THR B 174 18.74 18.48 57.58
CA THR B 174 19.59 18.13 58.71
C THR B 174 18.77 17.33 59.71
N PRO B 175 19.41 16.67 60.68
CA PRO B 175 18.63 15.97 61.73
C PRO B 175 17.66 16.88 62.47
N SER B 176 18.12 18.08 62.86
CA SER B 176 17.22 19.06 63.48
C SER B 176 16.07 19.44 62.54
N GLY B 177 16.36 19.52 61.24
CA GLY B 177 15.29 19.83 60.29
C GLY B 177 14.24 18.73 60.23
N TYR B 178 14.68 17.47 60.19
CA TYR B 178 13.74 16.36 60.27
C TYR B 178 12.90 16.44 61.54
N GLU B 179 13.56 16.64 62.70
CA GLU B 179 12.83 16.68 63.95
C GLU B 179 11.80 17.80 63.97
N TRP B 180 12.16 19.00 63.48
CA TRP B 180 11.18 20.09 63.47
C TRP B 180 10.08 19.84 62.44
N GLY B 181 10.43 19.36 61.25
CA GLY B 181 9.45 19.24 60.18
C GLY B 181 8.40 18.19 60.46
N ARG B 182 8.81 17.06 61.06
CA ARG B 182 7.85 16.00 61.28
C ARG B 182 6.77 16.38 62.28
N GLN B 183 7.01 17.37 63.15
CA GLN B 183 5.99 17.77 64.12
C GLN B 183 5.29 19.08 63.77
N ASN B 184 5.59 19.67 62.61
CA ASN B 184 5.05 20.98 62.24
C ASN B 184 3.66 20.83 61.64
N THR B 185 2.67 21.44 62.28
CA THR B 185 1.29 21.43 61.78
C THR B 185 0.89 22.77 61.17
N ASP B 186 1.80 23.74 61.12
CA ASP B 186 1.53 25.08 60.62
C ASP B 186 1.87 25.15 59.14
N LYS B 187 0.86 25.34 58.30
CA LYS B 187 1.00 25.32 56.85
C LYS B 187 1.36 26.68 56.25
N GLY B 188 1.41 27.73 57.05
CA GLY B 188 1.70 29.06 56.54
C GLY B 188 3.16 29.23 56.19
N ASN B 189 3.52 30.48 55.90
CA ASN B 189 4.85 30.79 55.40
C ASN B 189 5.86 31.07 56.50
N ASN B 190 5.42 31.21 57.75
CA ASN B 190 6.31 31.50 58.88
C ASN B 190 5.85 30.74 60.11
N PRO B 191 5.97 29.42 60.10
CA PRO B 191 5.60 28.64 61.27
C PRO B 191 6.65 28.79 62.35
N LYS B 192 6.19 28.72 63.60
CA LYS B 192 7.11 28.81 64.73
C LYS B 192 8.21 27.76 64.63
N GLY B 193 9.45 28.18 64.92
CA GLY B 193 10.56 27.26 65.08
C GLY B 193 11.37 26.97 63.83
N TYR B 194 10.89 27.38 62.66
CA TYR B 194 11.60 27.08 61.43
C TYR B 194 12.89 27.88 61.35
N LEU B 195 13.98 27.23 60.95
CA LEU B 195 15.27 27.87 60.91
C LEU B 195 16.05 27.41 59.69
N PRO B 196 17.01 28.23 59.22
CA PRO B 196 17.81 27.83 58.06
C PRO B 196 18.80 26.71 58.35
N SER B 197 19.12 26.45 59.62
CA SER B 197 19.95 25.31 59.94
C SER B 197 19.20 23.97 59.82
N HIS B 198 17.95 23.98 59.33
CA HIS B 198 17.19 22.77 59.09
C HIS B 198 17.49 22.09 57.75
N TYR B 199 18.31 22.70 56.89
CA TYR B 199 18.64 22.11 55.60
C TYR B 199 20.03 22.57 55.20
N GLU B 200 20.58 21.92 54.18
CA GLU B 200 21.84 22.32 53.58
C GLU B 200 21.81 21.96 52.09
N ARG B 201 22.55 22.73 51.30
CA ARG B 201 22.64 22.51 49.87
C ARG B 201 23.49 21.29 49.55
N VAL B 202 23.20 20.66 48.41
CA VAL B 202 23.94 19.50 47.92
C VAL B 202 24.34 19.75 46.47
N GLN B 203 25.45 19.15 46.07
CA GLN B 203 25.96 19.29 44.72
C GLN B 203 25.08 18.54 43.73
N MET B 204 24.68 19.23 42.67
CA MET B 204 23.79 18.72 41.64
C MET B 204 24.39 19.07 40.28
N LEU B 205 24.30 18.16 39.32
CA LEU B 205 24.87 18.35 38.01
C LEU B 205 23.91 17.83 36.95
N LEU B 206 23.73 18.59 35.87
CA LEU B 206 22.92 18.15 34.74
C LEU B 206 23.81 17.36 33.79
N SER B 207 23.25 16.32 33.19
CA SER B 207 24.09 15.49 32.35
C SER B 207 23.36 15.08 31.10
N ASP B 208 24.10 15.06 30.00
CA ASP B 208 23.65 14.51 28.73
C ASP B 208 24.19 13.12 28.47
N ARG B 209 24.91 12.52 29.42
CA ARG B 209 25.63 11.28 29.14
C ARG B 209 24.73 10.06 29.16
N PHE B 210 23.70 10.05 30.00
CA PHE B 210 22.71 8.98 30.06
C PHE B 210 21.32 9.58 30.07
N LEU B 211 20.33 8.72 29.86
CA LEU B 211 18.93 9.11 29.82
C LEU B 211 18.18 8.52 31.01
N GLY B 212 17.29 9.32 31.61
CA GLY B 212 16.35 8.81 32.59
C GLY B 212 15.02 8.41 31.94
N PHE B 213 14.12 7.82 32.74
CA PHE B 213 12.79 7.49 32.25
C PHE B 213 11.77 7.88 33.32
N PHE B 214 10.50 7.82 32.93
CA PHE B 214 9.38 8.14 33.80
C PHE B 214 8.56 6.89 34.09
N MET B 215 7.93 6.87 35.26
CA MET B 215 6.79 5.99 35.50
C MET B 215 5.62 6.88 35.88
N VAL B 216 4.42 6.42 35.55
CA VAL B 216 3.19 7.19 35.71
C VAL B 216 2.12 6.23 36.23
N PRO B 217 0.96 6.71 36.70
CA PRO B 217 -0.05 5.80 37.23
C PRO B 217 -0.58 4.86 36.16
N ALA B 218 -0.96 3.66 36.60
CA ALA B 218 -1.44 2.66 35.66
C ALA B 218 -2.84 2.97 35.16
N GLN B 219 -3.70 3.54 36.01
CA GLN B 219 -5.12 3.63 35.72
C GLN B 219 -5.63 5.05 35.56
N SER B 220 -4.83 6.06 35.81
CA SER B 220 -5.29 7.43 35.64
C SER B 220 -4.22 8.21 34.90
N SER B 221 -4.24 9.52 35.03
CA SER B 221 -3.01 10.25 34.82
C SER B 221 -2.51 10.70 36.19
N TRP B 222 -1.55 11.60 36.21
CA TRP B 222 -1.01 12.10 37.46
C TRP B 222 -1.61 13.43 37.88
N ASN B 223 -2.17 14.20 36.95
CA ASN B 223 -2.64 15.54 37.27
C ASN B 223 -4.09 15.51 37.78
N TYR B 224 -4.28 15.89 39.04
CA TYR B 224 -5.61 16.04 39.65
C TYR B 224 -5.95 17.48 40.01
N ASN B 225 -5.22 18.47 39.48
CA ASN B 225 -5.48 19.87 39.79
C ASN B 225 -6.83 20.39 39.29
N PHE B 226 -7.52 19.66 38.41
CA PHE B 226 -8.88 20.01 38.01
C PHE B 226 -9.91 19.02 38.53
N MET B 227 -9.48 17.94 39.17
CA MET B 227 -10.38 16.94 39.71
C MET B 227 -10.14 16.75 41.20
N GLY B 228 -9.95 17.87 41.92
CA GLY B 228 -9.44 17.80 43.29
C GLY B 228 -10.21 16.87 44.19
N VAL B 229 -11.55 16.89 44.10
CA VAL B 229 -12.37 16.12 45.03
C VAL B 229 -12.03 14.64 44.95
N ARG B 230 -11.63 14.16 43.77
CA ARG B 230 -11.30 12.75 43.58
C ARG B 230 -9.94 12.37 44.13
N HIS B 231 -9.10 13.34 44.51
CA HIS B 231 -7.79 13.07 45.08
C HIS B 231 -7.90 13.01 46.59
N ASP B 232 -7.27 11.99 47.17
CA ASP B 232 -7.38 11.76 48.59
C ASP B 232 -6.01 11.34 49.12
N PRO B 233 -5.58 11.87 50.27
CA PRO B 233 -4.28 11.44 50.82
C PRO B 233 -4.15 9.94 50.93
N ASN B 234 -5.26 9.22 51.12
CA ASN B 234 -5.21 7.78 51.28
C ASN B 234 -5.29 7.01 49.96
N MET B 235 -5.45 7.67 48.82
CA MET B 235 -5.66 6.93 47.58
C MET B 235 -4.47 6.02 47.27
N LYS B 236 -4.77 4.88 46.66
CA LYS B 236 -3.78 3.91 46.25
C LYS B 236 -3.66 3.94 44.74
N TYR B 237 -2.50 3.54 44.23
CA TYR B 237 -2.27 3.63 42.79
C TYR B 237 -1.15 2.66 42.46
N GLU B 238 -1.20 2.12 41.26
CA GLU B 238 -0.12 1.35 40.67
C GLU B 238 0.55 2.22 39.62
N LEU B 239 1.60 1.69 39.00
CA LEU B 239 2.40 2.46 38.06
C LEU B 239 2.64 1.66 36.79
N GLN B 240 2.97 2.38 35.73
CA GLN B 240 3.35 1.76 34.46
C GLN B 240 4.55 2.50 33.89
N LEU B 241 5.26 1.84 33.00
CA LEU B 241 6.41 2.46 32.34
C LEU B 241 5.91 3.24 31.13
N ALA B 242 5.67 4.54 31.32
CA ALA B 242 5.23 5.44 30.25
C ALA B 242 5.52 6.88 30.64
N ASN B 243 5.50 7.75 29.65
CA ASN B 243 5.80 9.17 29.74
C ASN B 243 4.55 9.98 30.08
N PRO B 244 4.70 10.98 30.94
CA PRO B 244 3.54 11.67 31.49
C PRO B 244 2.93 12.68 30.53
N LYS B 245 1.62 12.85 30.69
CA LYS B 245 0.91 13.83 29.88
C LYS B 245 1.10 15.24 30.43
N GLU B 246 1.14 16.22 29.51
CA GLU B 246 1.36 17.60 29.88
C GLU B 246 0.18 18.11 30.71
N PHE B 247 0.40 19.26 31.37
CA PHE B 247 -0.52 19.71 32.44
C PHE B 247 -1.94 19.89 31.91
N TYR B 248 -2.11 20.55 30.75
CA TYR B 248 -3.44 20.89 30.24
C TYR B 248 -3.97 19.90 29.21
N HIS B 249 -3.38 18.70 29.11
CA HIS B 249 -3.94 17.66 28.24
C HIS B 249 -5.42 17.42 28.56
N GLU B 250 -6.17 17.03 27.54
CA GLU B 250 -7.63 16.88 27.67
C GLU B 250 -8.00 15.98 28.84
N VAL B 251 -7.33 14.83 28.99
CA VAL B 251 -7.77 13.89 30.01
C VAL B 251 -7.57 14.42 31.43
N HIS B 252 -6.83 15.51 31.61
CA HIS B 252 -6.72 16.11 32.94
C HIS B 252 -7.85 17.06 33.28
N ARG B 253 -8.62 17.52 32.29
CA ARG B 253 -9.70 18.48 32.56
C ARG B 253 -10.96 18.09 31.79
N PRO B 254 -11.48 16.88 32.01
CA PRO B 254 -12.70 16.46 31.30
C PRO B 254 -13.89 17.41 31.42
N SER B 255 -14.02 18.08 32.57
CA SER B 255 -15.24 18.85 32.81
C SER B 255 -15.29 20.12 31.98
N HIS B 256 -14.14 20.71 31.64
CA HIS B 256 -14.13 21.79 30.64
C HIS B 256 -14.87 21.36 29.37
N PHE B 257 -14.52 20.17 28.86
CA PHE B 257 -15.12 19.69 27.62
C PHE B 257 -16.61 19.40 27.79
N LEU B 258 -16.96 18.65 28.84
CA LEU B 258 -18.36 18.30 29.02
C LEU B 258 -19.24 19.53 29.29
N ASN B 259 -18.74 20.48 30.09
CA ASN B 259 -19.53 21.66 30.43
C ASN B 259 -19.70 22.59 29.24
N PHE B 260 -18.70 22.67 28.35
CA PHE B 260 -18.92 23.36 27.08
C PHE B 260 -20.00 22.64 26.28
N ALA B 261 -19.92 21.30 26.25
CA ALA B 261 -20.88 20.50 25.48
C ALA B 261 -22.31 20.67 25.95
N LEU B 262 -22.50 20.98 27.23
CA LEU B 262 -23.86 21.24 27.74
C LEU B 262 -24.33 22.65 27.45
N LEU B 263 -23.43 23.56 27.07
CA LEU B 263 -23.78 24.95 26.81
C LEU B 263 -24.59 25.09 25.52
#